data_2HZQ
# 
_entry.id   2HZQ 
# 
_audit_conform.dict_name       mmcif_pdbx.dic 
_audit_conform.dict_version    5.398 
_audit_conform.dict_location   http://mmcif.pdb.org/dictionaries/ascii/mmcif_pdbx.dic 
# 
loop_
_database_2.database_id 
_database_2.database_code 
_database_2.pdbx_database_accession 
_database_2.pdbx_DOI 
PDB   2HZQ         pdb_00002hzq 10.2210/pdb2hzq/pdb 
RCSB  RCSB038955   ?            ?                   
WWPDB D_1000038955 ?            ?                   
# 
loop_
_pdbx_audit_revision_history.ordinal 
_pdbx_audit_revision_history.data_content_type 
_pdbx_audit_revision_history.major_revision 
_pdbx_audit_revision_history.minor_revision 
_pdbx_audit_revision_history.revision_date 
1 'Structure model' 1 0 2007-08-14 
2 'Structure model' 1 1 2011-07-13 
3 'Structure model' 1 2 2021-10-20 
4 'Structure model' 1 3 2024-10-30 
# 
_pdbx_audit_revision_details.ordinal             1 
_pdbx_audit_revision_details.revision_ordinal    1 
_pdbx_audit_revision_details.data_content_type   'Structure model' 
_pdbx_audit_revision_details.provider            repository 
_pdbx_audit_revision_details.type                'Initial release' 
_pdbx_audit_revision_details.description         ? 
_pdbx_audit_revision_details.details             ? 
# 
loop_
_pdbx_audit_revision_group.ordinal 
_pdbx_audit_revision_group.revision_ordinal 
_pdbx_audit_revision_group.data_content_type 
_pdbx_audit_revision_group.group 
1 2 'Structure model' 'Version format compliance' 
2 3 'Structure model' 'Database references'       
3 3 'Structure model' 'Derived calculations'      
4 4 'Structure model' 'Data collection'           
5 4 'Structure model' 'Refinement description'    
6 4 'Structure model' 'Structure summary'         
# 
loop_
_pdbx_audit_revision_category.ordinal 
_pdbx_audit_revision_category.revision_ordinal 
_pdbx_audit_revision_category.data_content_type 
_pdbx_audit_revision_category.category 
1  3 'Structure model' database_2                    
2  3 'Structure model' struct_conn                   
3  3 'Structure model' struct_ref_seq_dif            
4  3 'Structure model' struct_site                   
5  4 'Structure model' chem_comp_atom                
6  4 'Structure model' chem_comp_bond                
7  4 'Structure model' pdbx_entry_details            
8  4 'Structure model' pdbx_initial_refinement_model 
9  4 'Structure model' pdbx_modification_feature     
10 4 'Structure model' refine                        
# 
loop_
_pdbx_audit_revision_item.ordinal 
_pdbx_audit_revision_item.revision_ordinal 
_pdbx_audit_revision_item.data_content_type 
_pdbx_audit_revision_item.item 
1 3 'Structure model' '_database_2.pdbx_DOI'                
2 3 'Structure model' '_database_2.pdbx_database_accession' 
3 3 'Structure model' '_struct_conn.pdbx_leaving_atom_flag' 
4 3 'Structure model' '_struct_ref_seq_dif.details'         
5 3 'Structure model' '_struct_site.pdbx_auth_asym_id'      
6 3 'Structure model' '_struct_site.pdbx_auth_comp_id'      
7 3 'Structure model' '_struct_site.pdbx_auth_seq_id'       
8 4 'Structure model' '_refine.pdbx_starting_model'         
# 
_pdbx_database_status.entry_id                        2HZQ 
_pdbx_database_status.deposit_site                    RCSB 
_pdbx_database_status.process_site                    RCSB 
_pdbx_database_status.recvd_initial_deposition_date   2006-08-09 
_pdbx_database_status.status_code                     REL 
_pdbx_database_status.status_code_sf                  REL 
_pdbx_database_status.status_code_mr                  ? 
_pdbx_database_status.SG_entry                        ? 
_pdbx_database_status.pdb_format_compatible           Y 
_pdbx_database_status.status_code_cs                  ? 
_pdbx_database_status.status_code_nmr_data            ? 
_pdbx_database_status.methods_development_category    ? 
# 
_pdbx_database_related.db_name        PDB 
_pdbx_database_related.db_id          2HZR 
_pdbx_database_related.details        . 
_pdbx_database_related.content_type   unspecified 
# 
loop_
_audit_author.name 
_audit_author.pdbx_ordinal 
'Eichinger, A.' 1 
'Skerra, A.'    2 
# 
_citation.id                        primary 
_citation.title                     
'Structural insight into the dual ligand specificity and mode of high density lipoprotein association of apolipoprotein d.' 
_citation.journal_abbrev            J.Biol.Chem. 
_citation.journal_volume            282 
_citation.page_first                31068 
_citation.page_last                 31075 
_citation.year                      2007 
_citation.journal_id_ASTM           JBCHA3 
_citation.country                   US 
_citation.journal_id_ISSN           0021-9258 
_citation.journal_id_CSD            0071 
_citation.book_publisher            ? 
_citation.pdbx_database_id_PubMed   17699160 
_citation.pdbx_database_id_DOI      10.1074/jbc.M703552200 
# 
loop_
_citation_author.citation_id 
_citation_author.name 
_citation_author.ordinal 
_citation_author.identifier_ORCID 
primary 'Eichinger, A.' 1 ? 
primary 'Nasreen, A.'   2 ? 
primary 'Kim, H.J.'     3 ? 
primary 'Skerra, A.'    4 ? 
# 
loop_
_entity.id 
_entity.type 
_entity.src_method 
_entity.pdbx_description 
_entity.formula_weight 
_entity.pdbx_number_of_molecules 
_entity.pdbx_ec 
_entity.pdbx_mutation 
_entity.pdbx_fragment 
_entity.details 
1 polymer     man 'Apolipoprotein D' 19988.102 1   ? 'L23P, W99H, C116S, I118S, L120S, P133V, N134A' ? ? 
2 non-polymer syn PROGESTERONE       314.462   1   ? ?                                               ? ? 
3 water       nat water              18.015    234 ? ?                                               ? ? 
# 
_entity_name_com.entity_id   1 
_entity_name_com.name        'Apo-D, ApoD' 
# 
_entity_poly.entity_id                      1 
_entity_poly.type                           'polypeptide(L)' 
_entity_poly.nstd_linkage                   no 
_entity_poly.nstd_monomer                   yes 
_entity_poly.pdbx_seq_one_letter_code       
;FHLGKCPNPPVQENFDVNKYPGRWYEIEKIPTTFENGRCIQANYSL(MSE)ENGKIKVLNQELRADGTVNQIEGEATPVN
LTEPAKLEVKFSWF(MSE)PSAPYHILATDYENYALVYSCTSISQSFHVDFAWILARNVALPPETVDSLKNILTSNNIDV
KK(MSE)TVTDQVNCPKLSAHHHHHH
;
_entity_poly.pdbx_seq_one_letter_code_can   
;FHLGKCPNPPVQENFDVNKYPGRWYEIEKIPTTFENGRCIQANYSLMENGKIKVLNQELRADGTVNQIEGEATPVNLTEP
AKLEVKFSWFMPSAPYHILATDYENYALVYSCTSISQSFHVDFAWILARNVALPPETVDSLKNILTSNNIDVKKMTVTDQ
VNCPKLSAHHHHHH
;
_entity_poly.pdbx_strand_id                 A 
_entity_poly.pdbx_target_identifier         ? 
# 
loop_
_pdbx_entity_nonpoly.entity_id 
_pdbx_entity_nonpoly.name 
_pdbx_entity_nonpoly.comp_id 
2 PROGESTERONE STR 
3 water        HOH 
# 
loop_
_entity_poly_seq.entity_id 
_entity_poly_seq.num 
_entity_poly_seq.mon_id 
_entity_poly_seq.hetero 
1 1   PHE n 
1 2   HIS n 
1 3   LEU n 
1 4   GLY n 
1 5   LYS n 
1 6   CYS n 
1 7   PRO n 
1 8   ASN n 
1 9   PRO n 
1 10  PRO n 
1 11  VAL n 
1 12  GLN n 
1 13  GLU n 
1 14  ASN n 
1 15  PHE n 
1 16  ASP n 
1 17  VAL n 
1 18  ASN n 
1 19  LYS n 
1 20  TYR n 
1 21  PRO n 
1 22  GLY n 
1 23  ARG n 
1 24  TRP n 
1 25  TYR n 
1 26  GLU n 
1 27  ILE n 
1 28  GLU n 
1 29  LYS n 
1 30  ILE n 
1 31  PRO n 
1 32  THR n 
1 33  THR n 
1 34  PHE n 
1 35  GLU n 
1 36  ASN n 
1 37  GLY n 
1 38  ARG n 
1 39  CYS n 
1 40  ILE n 
1 41  GLN n 
1 42  ALA n 
1 43  ASN n 
1 44  TYR n 
1 45  SER n 
1 46  LEU n 
1 47  MSE n 
1 48  GLU n 
1 49  ASN n 
1 50  GLY n 
1 51  LYS n 
1 52  ILE n 
1 53  LYS n 
1 54  VAL n 
1 55  LEU n 
1 56  ASN n 
1 57  GLN n 
1 58  GLU n 
1 59  LEU n 
1 60  ARG n 
1 61  ALA n 
1 62  ASP n 
1 63  GLY n 
1 64  THR n 
1 65  VAL n 
1 66  ASN n 
1 67  GLN n 
1 68  ILE n 
1 69  GLU n 
1 70  GLY n 
1 71  GLU n 
1 72  ALA n 
1 73  THR n 
1 74  PRO n 
1 75  VAL n 
1 76  ASN n 
1 77  LEU n 
1 78  THR n 
1 79  GLU n 
1 80  PRO n 
1 81  ALA n 
1 82  LYS n 
1 83  LEU n 
1 84  GLU n 
1 85  VAL n 
1 86  LYS n 
1 87  PHE n 
1 88  SER n 
1 89  TRP n 
1 90  PHE n 
1 91  MSE n 
1 92  PRO n 
1 93  SER n 
1 94  ALA n 
1 95  PRO n 
1 96  TYR n 
1 97  HIS n 
1 98  ILE n 
1 99  LEU n 
1 100 ALA n 
1 101 THR n 
1 102 ASP n 
1 103 TYR n 
1 104 GLU n 
1 105 ASN n 
1 106 TYR n 
1 107 ALA n 
1 108 LEU n 
1 109 VAL n 
1 110 TYR n 
1 111 SER n 
1 112 CYS n 
1 113 THR n 
1 114 SER n 
1 115 ILE n 
1 116 SER n 
1 117 GLN n 
1 118 SER n 
1 119 PHE n 
1 120 HIS n 
1 121 VAL n 
1 122 ASP n 
1 123 PHE n 
1 124 ALA n 
1 125 TRP n 
1 126 ILE n 
1 127 LEU n 
1 128 ALA n 
1 129 ARG n 
1 130 ASN n 
1 131 VAL n 
1 132 ALA n 
1 133 LEU n 
1 134 PRO n 
1 135 PRO n 
1 136 GLU n 
1 137 THR n 
1 138 VAL n 
1 139 ASP n 
1 140 SER n 
1 141 LEU n 
1 142 LYS n 
1 143 ASN n 
1 144 ILE n 
1 145 LEU n 
1 146 THR n 
1 147 SER n 
1 148 ASN n 
1 149 ASN n 
1 150 ILE n 
1 151 ASP n 
1 152 VAL n 
1 153 LYS n 
1 154 LYS n 
1 155 MSE n 
1 156 THR n 
1 157 VAL n 
1 158 THR n 
1 159 ASP n 
1 160 GLN n 
1 161 VAL n 
1 162 ASN n 
1 163 CYS n 
1 164 PRO n 
1 165 LYS n 
1 166 LEU n 
1 167 SER n 
1 168 ALA n 
1 169 HIS n 
1 170 HIS n 
1 171 HIS n 
1 172 HIS n 
1 173 HIS n 
1 174 HIS n 
# 
_entity_src_gen.entity_id                          1 
_entity_src_gen.pdbx_src_id                        1 
_entity_src_gen.pdbx_alt_source_flag               sample 
_entity_src_gen.pdbx_seq_type                      ? 
_entity_src_gen.pdbx_beg_seq_num                   ? 
_entity_src_gen.pdbx_end_seq_num                   ? 
_entity_src_gen.gene_src_common_name               human 
_entity_src_gen.gene_src_genus                     Homo 
_entity_src_gen.pdbx_gene_src_gene                 APOD 
_entity_src_gen.gene_src_species                   ? 
_entity_src_gen.gene_src_strain                    ? 
_entity_src_gen.gene_src_tissue                    ? 
_entity_src_gen.gene_src_tissue_fraction           ? 
_entity_src_gen.gene_src_details                   ? 
_entity_src_gen.pdbx_gene_src_fragment             ? 
_entity_src_gen.pdbx_gene_src_scientific_name      'Homo sapiens' 
_entity_src_gen.pdbx_gene_src_ncbi_taxonomy_id     9606 
_entity_src_gen.pdbx_gene_src_variant              ? 
_entity_src_gen.pdbx_gene_src_cell_line            ? 
_entity_src_gen.pdbx_gene_src_atcc                 ? 
_entity_src_gen.pdbx_gene_src_organ                ? 
_entity_src_gen.pdbx_gene_src_organelle            ? 
_entity_src_gen.pdbx_gene_src_cell                 ? 
_entity_src_gen.pdbx_gene_src_cellular_location    ? 
_entity_src_gen.host_org_common_name               ? 
_entity_src_gen.pdbx_host_org_scientific_name      'Escherichia coli' 
_entity_src_gen.pdbx_host_org_ncbi_taxonomy_id     562 
_entity_src_gen.host_org_genus                     Escherichia 
_entity_src_gen.pdbx_host_org_gene                 ? 
_entity_src_gen.pdbx_host_org_organ                ? 
_entity_src_gen.host_org_species                   ? 
_entity_src_gen.pdbx_host_org_tissue               ? 
_entity_src_gen.pdbx_host_org_tissue_fraction      ? 
_entity_src_gen.pdbx_host_org_strain               KS272 
_entity_src_gen.pdbx_host_org_variant              ? 
_entity_src_gen.pdbx_host_org_cell_line            ? 
_entity_src_gen.pdbx_host_org_atcc                 ? 
_entity_src_gen.pdbx_host_org_culture_collection   ? 
_entity_src_gen.pdbx_host_org_cell                 ? 
_entity_src_gen.pdbx_host_org_organelle            ? 
_entity_src_gen.pdbx_host_org_cellular_location    ? 
_entity_src_gen.pdbx_host_org_vector_type          plasmid 
_entity_src_gen.pdbx_host_org_vector               ? 
_entity_src_gen.host_org_details                   ? 
_entity_src_gen.expression_system_id               ? 
_entity_src_gen.plasmid_name                       'pApoD27delta(QA)' 
_entity_src_gen.plasmid_details                    ? 
_entity_src_gen.pdbx_description                   ? 
# 
loop_
_chem_comp.id 
_chem_comp.type 
_chem_comp.mon_nstd_flag 
_chem_comp.name 
_chem_comp.pdbx_synonyms 
_chem_comp.formula 
_chem_comp.formula_weight 
ALA 'L-peptide linking' y ALANINE          ? 'C3 H7 N O2'     89.093  
ARG 'L-peptide linking' y ARGININE         ? 'C6 H15 N4 O2 1' 175.209 
ASN 'L-peptide linking' y ASPARAGINE       ? 'C4 H8 N2 O3'    132.118 
ASP 'L-peptide linking' y 'ASPARTIC ACID'  ? 'C4 H7 N O4'     133.103 
CYS 'L-peptide linking' y CYSTEINE         ? 'C3 H7 N O2 S'   121.158 
GLN 'L-peptide linking' y GLUTAMINE        ? 'C5 H10 N2 O3'   146.144 
GLU 'L-peptide linking' y 'GLUTAMIC ACID'  ? 'C5 H9 N O4'     147.129 
GLY 'peptide linking'   y GLYCINE          ? 'C2 H5 N O2'     75.067  
HIS 'L-peptide linking' y HISTIDINE        ? 'C6 H10 N3 O2 1' 156.162 
HOH non-polymer         . WATER            ? 'H2 O'           18.015  
ILE 'L-peptide linking' y ISOLEUCINE       ? 'C6 H13 N O2'    131.173 
LEU 'L-peptide linking' y LEUCINE          ? 'C6 H13 N O2'    131.173 
LYS 'L-peptide linking' y LYSINE           ? 'C6 H15 N2 O2 1' 147.195 
MET 'L-peptide linking' y METHIONINE       ? 'C5 H11 N O2 S'  149.211 
MSE 'L-peptide linking' n SELENOMETHIONINE ? 'C5 H11 N O2 Se' 196.106 
PHE 'L-peptide linking' y PHENYLALANINE    ? 'C9 H11 N O2'    165.189 
PRO 'L-peptide linking' y PROLINE          ? 'C5 H9 N O2'     115.130 
SER 'L-peptide linking' y SERINE           ? 'C3 H7 N O3'     105.093 
STR non-polymer         . PROGESTERONE     ? 'C21 H30 O2'     314.462 
THR 'L-peptide linking' y THREONINE        ? 'C4 H9 N O3'     119.119 
TRP 'L-peptide linking' y TRYPTOPHAN       ? 'C11 H12 N2 O2'  204.225 
TYR 'L-peptide linking' y TYROSINE         ? 'C9 H11 N O3'    181.189 
VAL 'L-peptide linking' y VALINE           ? 'C5 H11 N O2'    117.146 
# 
loop_
_pdbx_poly_seq_scheme.asym_id 
_pdbx_poly_seq_scheme.entity_id 
_pdbx_poly_seq_scheme.seq_id 
_pdbx_poly_seq_scheme.mon_id 
_pdbx_poly_seq_scheme.ndb_seq_num 
_pdbx_poly_seq_scheme.pdb_seq_num 
_pdbx_poly_seq_scheme.auth_seq_num 
_pdbx_poly_seq_scheme.pdb_mon_id 
_pdbx_poly_seq_scheme.auth_mon_id 
_pdbx_poly_seq_scheme.pdb_strand_id 
_pdbx_poly_seq_scheme.pdb_ins_code 
_pdbx_poly_seq_scheme.hetero 
A 1 1   PHE 1   3   3   PHE PHE A . n 
A 1 2   HIS 2   4   4   HIS HIS A . n 
A 1 3   LEU 3   5   5   LEU LEU A . n 
A 1 4   GLY 4   6   6   GLY GLY A . n 
A 1 5   LYS 5   7   7   LYS LYS A . n 
A 1 6   CYS 6   8   8   CYS CYS A . n 
A 1 7   PRO 7   9   9   PRO PRO A . n 
A 1 8   ASN 8   10  10  ASN ASN A . n 
A 1 9   PRO 9   11  11  PRO PRO A . n 
A 1 10  PRO 10  12  12  PRO PRO A . n 
A 1 11  VAL 11  13  13  VAL VAL A . n 
A 1 12  GLN 12  14  14  GLN GLN A . n 
A 1 13  GLU 13  15  15  GLU GLU A . n 
A 1 14  ASN 14  16  16  ASN ASN A . n 
A 1 15  PHE 15  17  17  PHE PHE A . n 
A 1 16  ASP 16  18  18  ASP ASP A . n 
A 1 17  VAL 17  19  19  VAL VAL A . n 
A 1 18  ASN 18  20  20  ASN ASN A . n 
A 1 19  LYS 19  21  21  LYS LYS A . n 
A 1 20  TYR 20  22  22  TYR TYR A . n 
A 1 21  PRO 21  23  23  PRO PRO A . n 
A 1 22  GLY 22  24  24  GLY GLY A . n 
A 1 23  ARG 23  25  25  ARG ARG A . n 
A 1 24  TRP 24  26  26  TRP TRP A . n 
A 1 25  TYR 25  27  27  TYR TYR A . n 
A 1 26  GLU 26  28  28  GLU GLU A . n 
A 1 27  ILE 27  29  29  ILE ILE A . n 
A 1 28  GLU 28  30  30  GLU GLU A . n 
A 1 29  LYS 29  31  31  LYS LYS A . n 
A 1 30  ILE 30  32  32  ILE ILE A . n 
A 1 31  PRO 31  33  33  PRO PRO A . n 
A 1 32  THR 32  34  34  THR THR A . n 
A 1 33  THR 33  35  35  THR THR A . n 
A 1 34  PHE 34  36  36  PHE PHE A . n 
A 1 35  GLU 35  37  37  GLU GLU A . n 
A 1 36  ASN 36  38  38  ASN ASN A . n 
A 1 37  GLY 37  39  39  GLY GLY A . n 
A 1 38  ARG 38  40  40  ARG ARG A . n 
A 1 39  CYS 39  41  41  CYS CYS A . n 
A 1 40  ILE 40  42  42  ILE ILE A . n 
A 1 41  GLN 41  43  43  GLN GLN A . n 
A 1 42  ALA 42  44  44  ALA ALA A . n 
A 1 43  ASN 43  45  45  ASN ASN A . n 
A 1 44  TYR 44  46  46  TYR TYR A . n 
A 1 45  SER 45  47  47  SER SER A . n 
A 1 46  LEU 46  48  48  LEU LEU A . n 
A 1 47  MSE 47  49  49  MSE MSE A . n 
A 1 48  GLU 48  50  50  GLU GLU A . n 
A 1 49  ASN 49  51  51  ASN ASN A . n 
A 1 50  GLY 50  52  52  GLY GLY A . n 
A 1 51  LYS 51  53  53  LYS LYS A . n 
A 1 52  ILE 52  54  54  ILE ILE A . n 
A 1 53  LYS 53  55  55  LYS LYS A . n 
A 1 54  VAL 54  56  56  VAL VAL A . n 
A 1 55  LEU 55  57  57  LEU LEU A . n 
A 1 56  ASN 56  58  58  ASN ASN A . n 
A 1 57  GLN 57  59  59  GLN GLN A . n 
A 1 58  GLU 58  60  60  GLU GLU A . n 
A 1 59  LEU 59  61  61  LEU LEU A . n 
A 1 60  ARG 60  62  62  ARG ARG A . n 
A 1 61  ALA 61  63  63  ALA ALA A . n 
A 1 62  ASP 62  64  64  ASP ASP A . n 
A 1 63  GLY 63  65  65  GLY GLY A . n 
A 1 64  THR 64  66  66  THR THR A . n 
A 1 65  VAL 65  67  67  VAL VAL A . n 
A 1 66  ASN 66  68  68  ASN ASN A . n 
A 1 67  GLN 67  69  69  GLN GLN A . n 
A 1 68  ILE 68  70  70  ILE ILE A . n 
A 1 69  GLU 69  71  71  GLU GLU A . n 
A 1 70  GLY 70  72  72  GLY GLY A . n 
A 1 71  GLU 71  73  73  GLU GLU A . n 
A 1 72  ALA 72  74  74  ALA ALA A . n 
A 1 73  THR 73  75  75  THR THR A . n 
A 1 74  PRO 74  76  76  PRO PRO A . n 
A 1 75  VAL 75  77  77  VAL VAL A . n 
A 1 76  ASN 76  78  78  ASN ASN A . n 
A 1 77  LEU 77  79  79  LEU LEU A . n 
A 1 78  THR 78  80  80  THR THR A . n 
A 1 79  GLU 79  81  81  GLU GLU A . n 
A 1 80  PRO 80  82  82  PRO PRO A . n 
A 1 81  ALA 81  83  83  ALA ALA A . n 
A 1 82  LYS 82  84  84  LYS LYS A . n 
A 1 83  LEU 83  85  85  LEU LEU A . n 
A 1 84  GLU 84  86  86  GLU GLU A . n 
A 1 85  VAL 85  87  87  VAL VAL A . n 
A 1 86  LYS 86  88  88  LYS LYS A . n 
A 1 87  PHE 87  89  89  PHE PHE A . n 
A 1 88  SER 88  90  90  SER SER A . n 
A 1 89  TRP 89  91  91  TRP TRP A . n 
A 1 90  PHE 90  92  92  PHE PHE A . n 
A 1 91  MSE 91  93  93  MSE MSE A . n 
A 1 92  PRO 92  94  94  PRO PRO A . n 
A 1 93  SER 93  95  95  SER SER A . n 
A 1 94  ALA 94  96  96  ALA ALA A . n 
A 1 95  PRO 95  97  97  PRO PRO A . n 
A 1 96  TYR 96  98  98  TYR TYR A . n 
A 1 97  HIS 97  99  99  HIS HIS A . n 
A 1 98  ILE 98  100 100 ILE ILE A . n 
A 1 99  LEU 99  101 101 LEU LEU A . n 
A 1 100 ALA 100 102 102 ALA ALA A . n 
A 1 101 THR 101 103 103 THR THR A . n 
A 1 102 ASP 102 104 104 ASP ASP A . n 
A 1 103 TYR 103 105 105 TYR TYR A . n 
A 1 104 GLU 104 106 106 GLU GLU A . n 
A 1 105 ASN 105 107 107 ASN ASN A . n 
A 1 106 TYR 106 108 108 TYR TYR A . n 
A 1 107 ALA 107 109 109 ALA ALA A . n 
A 1 108 LEU 108 110 110 LEU LEU A . n 
A 1 109 VAL 109 111 111 VAL VAL A . n 
A 1 110 TYR 110 112 112 TYR TYR A . n 
A 1 111 SER 111 113 113 SER SER A . n 
A 1 112 CYS 112 114 114 CYS CYS A . n 
A 1 113 THR 113 115 115 THR THR A . n 
A 1 114 SER 114 116 116 SER SER A . n 
A 1 115 ILE 115 117 117 ILE ILE A . n 
A 1 116 SER 116 118 118 SER SER A . n 
A 1 117 GLN 117 119 119 GLN GLN A . n 
A 1 118 SER 118 120 120 SER SER A . n 
A 1 119 PHE 119 121 121 PHE PHE A . n 
A 1 120 HIS 120 122 122 HIS HIS A . n 
A 1 121 VAL 121 123 123 VAL VAL A . n 
A 1 122 ASP 122 124 124 ASP ASP A . n 
A 1 123 PHE 123 125 125 PHE PHE A . n 
A 1 124 ALA 124 126 126 ALA ALA A . n 
A 1 125 TRP 125 127 127 TRP TRP A . n 
A 1 126 ILE 126 128 128 ILE ILE A . n 
A 1 127 LEU 127 129 129 LEU LEU A . n 
A 1 128 ALA 128 130 130 ALA ALA A . n 
A 1 129 ARG 129 131 131 ARG ARG A . n 
A 1 130 ASN 130 132 132 ASN ASN A . n 
A 1 131 VAL 131 133 133 VAL VAL A . n 
A 1 132 ALA 132 134 134 ALA ALA A . n 
A 1 133 LEU 133 135 135 LEU LEU A . n 
A 1 134 PRO 134 136 136 PRO PRO A . n 
A 1 135 PRO 135 137 137 PRO PRO A . n 
A 1 136 GLU 136 138 138 GLU GLU A . n 
A 1 137 THR 137 139 139 THR THR A . n 
A 1 138 VAL 138 140 140 VAL VAL A . n 
A 1 139 ASP 139 141 141 ASP ASP A . n 
A 1 140 SER 140 142 142 SER SER A . n 
A 1 141 LEU 141 143 143 LEU LEU A . n 
A 1 142 LYS 142 144 144 LYS LYS A . n 
A 1 143 ASN 143 145 145 ASN ASN A . n 
A 1 144 ILE 144 146 146 ILE ILE A . n 
A 1 145 LEU 145 147 147 LEU LEU A . n 
A 1 146 THR 146 148 148 THR THR A . n 
A 1 147 SER 147 149 149 SER SER A . n 
A 1 148 ASN 148 150 150 ASN ASN A . n 
A 1 149 ASN 149 151 151 ASN ASN A . n 
A 1 150 ILE 150 152 152 ILE ILE A . n 
A 1 151 ASP 151 153 153 ASP ASP A . n 
A 1 152 VAL 152 154 154 VAL VAL A . n 
A 1 153 LYS 153 155 155 LYS LYS A . n 
A 1 154 LYS 154 156 156 LYS LYS A . n 
A 1 155 MSE 155 157 157 MSE MSE A . n 
A 1 156 THR 156 158 158 THR THR A . n 
A 1 157 VAL 157 159 159 VAL VAL A . n 
A 1 158 THR 158 160 160 THR THR A . n 
A 1 159 ASP 159 161 161 ASP ASP A . n 
A 1 160 GLN 160 162 162 GLN GLN A . n 
A 1 161 VAL 161 163 163 VAL VAL A . n 
A 1 162 ASN 162 164 164 ASN ASN A . n 
A 1 163 CYS 163 165 165 CYS CYS A . n 
A 1 164 PRO 164 166 166 PRO PRO A . n 
A 1 165 LYS 165 167 167 LYS LYS A . n 
A 1 166 LEU 166 168 168 LEU LEU A . n 
A 1 167 SER 167 169 ?   ?   ?   A . n 
A 1 168 ALA 168 170 ?   ?   ?   A . n 
A 1 169 HIS 169 171 ?   ?   ?   A . n 
A 1 170 HIS 170 172 ?   ?   ?   A . n 
A 1 171 HIS 171 173 ?   ?   ?   A . n 
A 1 172 HIS 172 174 ?   ?   ?   A . n 
A 1 173 HIS 173 175 ?   ?   ?   A . n 
A 1 174 HIS 174 176 ?   ?   ?   A . n 
# 
loop_
_pdbx_nonpoly_scheme.asym_id 
_pdbx_nonpoly_scheme.entity_id 
_pdbx_nonpoly_scheme.mon_id 
_pdbx_nonpoly_scheme.ndb_seq_num 
_pdbx_nonpoly_scheme.pdb_seq_num 
_pdbx_nonpoly_scheme.auth_seq_num 
_pdbx_nonpoly_scheme.pdb_mon_id 
_pdbx_nonpoly_scheme.auth_mon_id 
_pdbx_nonpoly_scheme.pdb_strand_id 
_pdbx_nonpoly_scheme.pdb_ins_code 
B 2 STR 1   300 300 STR STR A . 
C 3 HOH 1   301 1   HOH HOH A . 
C 3 HOH 2   302 2   HOH HOH A . 
C 3 HOH 3   303 3   HOH HOH A . 
C 3 HOH 4   304 4   HOH HOH A . 
C 3 HOH 5   305 5   HOH HOH A . 
C 3 HOH 6   306 6   HOH HOH A . 
C 3 HOH 7   307 7   HOH HOH A . 
C 3 HOH 8   308 8   HOH HOH A . 
C 3 HOH 9   309 9   HOH HOH A . 
C 3 HOH 10  310 10  HOH HOH A . 
C 3 HOH 11  311 11  HOH HOH A . 
C 3 HOH 12  312 12  HOH HOH A . 
C 3 HOH 13  313 13  HOH HOH A . 
C 3 HOH 14  314 14  HOH HOH A . 
C 3 HOH 15  315 15  HOH HOH A . 
C 3 HOH 16  316 16  HOH HOH A . 
C 3 HOH 17  317 17  HOH HOH A . 
C 3 HOH 18  318 18  HOH HOH A . 
C 3 HOH 19  319 19  HOH HOH A . 
C 3 HOH 20  320 20  HOH HOH A . 
C 3 HOH 21  321 21  HOH HOH A . 
C 3 HOH 22  322 22  HOH HOH A . 
C 3 HOH 23  323 23  HOH HOH A . 
C 3 HOH 24  324 24  HOH HOH A . 
C 3 HOH 25  325 25  HOH HOH A . 
C 3 HOH 26  326 26  HOH HOH A . 
C 3 HOH 27  327 27  HOH HOH A . 
C 3 HOH 28  328 28  HOH HOH A . 
C 3 HOH 29  329 29  HOH HOH A . 
C 3 HOH 30  330 30  HOH HOH A . 
C 3 HOH 31  331 31  HOH HOH A . 
C 3 HOH 32  332 32  HOH HOH A . 
C 3 HOH 33  333 33  HOH HOH A . 
C 3 HOH 34  334 34  HOH HOH A . 
C 3 HOH 35  335 35  HOH HOH A . 
C 3 HOH 36  336 36  HOH HOH A . 
C 3 HOH 37  337 37  HOH HOH A . 
C 3 HOH 38  338 38  HOH HOH A . 
C 3 HOH 39  339 39  HOH HOH A . 
C 3 HOH 40  340 40  HOH HOH A . 
C 3 HOH 41  341 41  HOH HOH A . 
C 3 HOH 42  342 42  HOH HOH A . 
C 3 HOH 43  343 43  HOH HOH A . 
C 3 HOH 44  344 44  HOH HOH A . 
C 3 HOH 45  345 45  HOH HOH A . 
C 3 HOH 46  346 46  HOH HOH A . 
C 3 HOH 47  347 47  HOH HOH A . 
C 3 HOH 48  348 48  HOH HOH A . 
C 3 HOH 49  349 49  HOH HOH A . 
C 3 HOH 50  350 50  HOH HOH A . 
C 3 HOH 51  351 51  HOH HOH A . 
C 3 HOH 52  352 52  HOH HOH A . 
C 3 HOH 53  353 53  HOH HOH A . 
C 3 HOH 54  354 54  HOH HOH A . 
C 3 HOH 55  355 55  HOH HOH A . 
C 3 HOH 56  356 56  HOH HOH A . 
C 3 HOH 57  357 57  HOH HOH A . 
C 3 HOH 58  358 58  HOH HOH A . 
C 3 HOH 59  359 59  HOH HOH A . 
C 3 HOH 60  360 60  HOH HOH A . 
C 3 HOH 61  361 61  HOH HOH A . 
C 3 HOH 62  362 62  HOH HOH A . 
C 3 HOH 63  363 63  HOH HOH A . 
C 3 HOH 64  364 64  HOH HOH A . 
C 3 HOH 65  365 65  HOH HOH A . 
C 3 HOH 66  366 66  HOH HOH A . 
C 3 HOH 67  367 67  HOH HOH A . 
C 3 HOH 68  368 68  HOH HOH A . 
C 3 HOH 69  369 69  HOH HOH A . 
C 3 HOH 70  370 70  HOH HOH A . 
C 3 HOH 71  371 71  HOH HOH A . 
C 3 HOH 72  372 72  HOH HOH A . 
C 3 HOH 73  373 73  HOH HOH A . 
C 3 HOH 74  374 74  HOH HOH A . 
C 3 HOH 75  375 75  HOH HOH A . 
C 3 HOH 76  376 76  HOH HOH A . 
C 3 HOH 77  377 77  HOH HOH A . 
C 3 HOH 78  378 78  HOH HOH A . 
C 3 HOH 79  379 79  HOH HOH A . 
C 3 HOH 80  380 80  HOH HOH A . 
C 3 HOH 81  381 81  HOH HOH A . 
C 3 HOH 82  382 82  HOH HOH A . 
C 3 HOH 83  383 83  HOH HOH A . 
C 3 HOH 84  384 84  HOH HOH A . 
C 3 HOH 85  385 85  HOH HOH A . 
C 3 HOH 86  386 86  HOH HOH A . 
C 3 HOH 87  387 87  HOH HOH A . 
C 3 HOH 88  388 88  HOH HOH A . 
C 3 HOH 89  389 89  HOH HOH A . 
C 3 HOH 90  390 90  HOH HOH A . 
C 3 HOH 91  391 91  HOH HOH A . 
C 3 HOH 92  392 92  HOH HOH A . 
C 3 HOH 93  393 93  HOH HOH A . 
C 3 HOH 94  394 94  HOH HOH A . 
C 3 HOH 95  395 95  HOH HOH A . 
C 3 HOH 96  396 96  HOH HOH A . 
C 3 HOH 97  397 97  HOH HOH A . 
C 3 HOH 98  398 98  HOH HOH A . 
C 3 HOH 99  399 99  HOH HOH A . 
C 3 HOH 100 400 100 HOH HOH A . 
C 3 HOH 101 401 101 HOH HOH A . 
C 3 HOH 102 402 102 HOH HOH A . 
C 3 HOH 103 403 103 HOH HOH A . 
C 3 HOH 104 404 104 HOH HOH A . 
C 3 HOH 105 405 105 HOH HOH A . 
C 3 HOH 106 406 106 HOH HOH A . 
C 3 HOH 107 407 107 HOH HOH A . 
C 3 HOH 108 408 108 HOH HOH A . 
C 3 HOH 109 409 109 HOH HOH A . 
C 3 HOH 110 410 110 HOH HOH A . 
C 3 HOH 111 411 111 HOH HOH A . 
C 3 HOH 112 412 112 HOH HOH A . 
C 3 HOH 113 413 113 HOH HOH A . 
C 3 HOH 114 414 114 HOH HOH A . 
C 3 HOH 115 415 115 HOH HOH A . 
C 3 HOH 116 416 116 HOH HOH A . 
C 3 HOH 117 417 117 HOH HOH A . 
C 3 HOH 118 418 118 HOH HOH A . 
C 3 HOH 119 419 119 HOH HOH A . 
C 3 HOH 120 420 120 HOH HOH A . 
C 3 HOH 121 421 121 HOH HOH A . 
C 3 HOH 122 422 122 HOH HOH A . 
C 3 HOH 123 423 123 HOH HOH A . 
C 3 HOH 124 424 124 HOH HOH A . 
C 3 HOH 125 425 125 HOH HOH A . 
C 3 HOH 126 426 126 HOH HOH A . 
C 3 HOH 127 427 127 HOH HOH A . 
C 3 HOH 128 428 128 HOH HOH A . 
C 3 HOH 129 429 129 HOH HOH A . 
C 3 HOH 130 430 130 HOH HOH A . 
C 3 HOH 131 431 131 HOH HOH A . 
C 3 HOH 132 432 132 HOH HOH A . 
C 3 HOH 133 433 133 HOH HOH A . 
C 3 HOH 134 434 134 HOH HOH A . 
C 3 HOH 135 435 135 HOH HOH A . 
C 3 HOH 136 436 136 HOH HOH A . 
C 3 HOH 137 437 137 HOH HOH A . 
C 3 HOH 138 438 138 HOH HOH A . 
C 3 HOH 139 439 139 HOH HOH A . 
C 3 HOH 140 440 140 HOH HOH A . 
C 3 HOH 141 441 141 HOH HOH A . 
C 3 HOH 142 442 142 HOH HOH A . 
C 3 HOH 143 443 143 HOH HOH A . 
C 3 HOH 144 444 144 HOH HOH A . 
C 3 HOH 145 445 145 HOH HOH A . 
C 3 HOH 146 446 146 HOH HOH A . 
C 3 HOH 147 447 147 HOH HOH A . 
C 3 HOH 148 448 148 HOH HOH A . 
C 3 HOH 149 449 149 HOH HOH A . 
C 3 HOH 150 450 150 HOH HOH A . 
C 3 HOH 151 451 151 HOH HOH A . 
C 3 HOH 152 452 152 HOH HOH A . 
C 3 HOH 153 453 153 HOH HOH A . 
C 3 HOH 154 454 154 HOH HOH A . 
C 3 HOH 155 455 155 HOH HOH A . 
C 3 HOH 156 456 156 HOH HOH A . 
C 3 HOH 157 457 157 HOH HOH A . 
C 3 HOH 158 458 158 HOH HOH A . 
C 3 HOH 159 459 159 HOH HOH A . 
C 3 HOH 160 460 160 HOH HOH A . 
C 3 HOH 161 461 161 HOH HOH A . 
C 3 HOH 162 462 162 HOH HOH A . 
C 3 HOH 163 463 163 HOH HOH A . 
C 3 HOH 164 464 164 HOH HOH A . 
C 3 HOH 165 465 165 HOH HOH A . 
C 3 HOH 166 466 166 HOH HOH A . 
C 3 HOH 167 467 167 HOH HOH A . 
C 3 HOH 168 468 168 HOH HOH A . 
C 3 HOH 169 469 169 HOH HOH A . 
C 3 HOH 170 470 170 HOH HOH A . 
C 3 HOH 171 471 171 HOH HOH A . 
C 3 HOH 172 472 172 HOH HOH A . 
C 3 HOH 173 473 173 HOH HOH A . 
C 3 HOH 174 474 174 HOH HOH A . 
C 3 HOH 175 475 175 HOH HOH A . 
C 3 HOH 176 476 176 HOH HOH A . 
C 3 HOH 177 477 177 HOH HOH A . 
C 3 HOH 178 478 178 HOH HOH A . 
C 3 HOH 179 479 179 HOH HOH A . 
C 3 HOH 180 480 180 HOH HOH A . 
C 3 HOH 181 481 181 HOH HOH A . 
C 3 HOH 182 482 182 HOH HOH A . 
C 3 HOH 183 483 183 HOH HOH A . 
C 3 HOH 184 484 184 HOH HOH A . 
C 3 HOH 185 485 185 HOH HOH A . 
C 3 HOH 186 486 186 HOH HOH A . 
C 3 HOH 187 487 187 HOH HOH A . 
C 3 HOH 188 488 188 HOH HOH A . 
C 3 HOH 189 489 190 HOH HOH A . 
C 3 HOH 190 490 191 HOH HOH A . 
C 3 HOH 191 491 192 HOH HOH A . 
C 3 HOH 192 492 193 HOH HOH A . 
C 3 HOH 193 493 194 HOH HOH A . 
C 3 HOH 194 494 195 HOH HOH A . 
C 3 HOH 195 495 196 HOH HOH A . 
C 3 HOH 196 496 197 HOH HOH A . 
C 3 HOH 197 497 198 HOH HOH A . 
C 3 HOH 198 498 199 HOH HOH A . 
C 3 HOH 199 499 200 HOH HOH A . 
C 3 HOH 200 500 201 HOH HOH A . 
C 3 HOH 201 501 202 HOH HOH A . 
C 3 HOH 202 502 203 HOH HOH A . 
C 3 HOH 203 503 204 HOH HOH A . 
C 3 HOH 204 504 205 HOH HOH A . 
C 3 HOH 205 505 206 HOH HOH A . 
C 3 HOH 206 506 207 HOH HOH A . 
C 3 HOH 207 507 208 HOH HOH A . 
C 3 HOH 208 508 209 HOH HOH A . 
C 3 HOH 209 509 210 HOH HOH A . 
C 3 HOH 210 510 211 HOH HOH A . 
C 3 HOH 211 511 212 HOH HOH A . 
C 3 HOH 212 512 213 HOH HOH A . 
C 3 HOH 213 513 214 HOH HOH A . 
C 3 HOH 214 514 215 HOH HOH A . 
C 3 HOH 215 515 216 HOH HOH A . 
C 3 HOH 216 516 217 HOH HOH A . 
C 3 HOH 217 517 218 HOH HOH A . 
C 3 HOH 218 518 219 HOH HOH A . 
C 3 HOH 219 519 220 HOH HOH A . 
C 3 HOH 220 520 221 HOH HOH A . 
C 3 HOH 221 521 222 HOH HOH A . 
C 3 HOH 222 522 223 HOH HOH A . 
C 3 HOH 223 523 224 HOH HOH A . 
C 3 HOH 224 524 225 HOH HOH A . 
C 3 HOH 225 525 226 HOH HOH A . 
C 3 HOH 226 526 227 HOH HOH A . 
C 3 HOH 227 527 228 HOH HOH A . 
C 3 HOH 228 528 229 HOH HOH A . 
C 3 HOH 229 529 230 HOH HOH A . 
C 3 HOH 230 530 231 HOH HOH A . 
C 3 HOH 231 531 232 HOH HOH A . 
C 3 HOH 232 532 233 HOH HOH A . 
C 3 HOH 233 533 234 HOH HOH A . 
C 3 HOH 234 534 235 HOH HOH A . 
# 
loop_
_software.name 
_software.version 
_software.date 
_software.type 
_software.contact_author 
_software.contact_author_email 
_software.classification 
_software.location 
_software.language 
_software.citation_id 
_software.pdbx_ordinal 
SCALA       .        ?                other   'Phil Evans'      pre@mrc-lmb.cam.ac.uk    'data scaling'    
http://www.ccp4.ac.uk/dist/html/INDEX.html            Fortran_77 ? 1 
EPMR        .        ?                other   'Charles R'       crk@agouron.com          phasing           
http://www.msg.ucsf.edu/local/programs/epmr/epmr.html ?          ? 2 
REFMAC      .        ?                program 'Murshudov, G.N.' ccp4@dl.ac.uk            refinement        
http://www.ccp4.ac.uk/main.html                       Fortran_77 ? 3 
PDB_EXTRACT 2.000    'April. 3, 2006' package PDB               sw-help@rcsb.rutgers.edu 'data extraction' 
http://pdb.rutgers.edu/software/                      C++        ? 4 
ADSC        Quantum  ?                ?       ?                 ?                        'data collection' ? ?          ? 5 
MOSFLM      .        ?                ?       ?                 ?                        'data reduction'  ? ?          ? 6 
REFMAC      5.2.0003 ?                ?       ?                 ?                        phasing           ? ?          ? 7 
# 
_cell.entry_id           2HZQ 
_cell.length_a           49.206 
_cell.length_b           49.206 
_cell.length_c           144.126 
_cell.angle_alpha        90.00 
_cell.angle_beta         90.00 
_cell.angle_gamma        90.00 
_cell.Z_PDB              8 
_cell.pdbx_unique_axis   ? 
_cell.length_a_esd       ? 
_cell.length_b_esd       ? 
_cell.length_c_esd       ? 
_cell.angle_alpha_esd    ? 
_cell.angle_beta_esd     ? 
_cell.angle_gamma_esd    ? 
# 
_symmetry.entry_id                         2HZQ 
_symmetry.space_group_name_H-M             'P 43 21 2' 
_symmetry.pdbx_full_space_group_name_H-M   ? 
_symmetry.cell_setting                     ? 
_symmetry.Int_Tables_number                96 
_symmetry.space_group_name_Hall            ? 
# 
_exptl.crystals_number   1 
_exptl.entry_id          2HZQ 
_exptl.method            'X-RAY DIFFRACTION' 
# 
_exptl_crystal.id                    1 
_exptl_crystal.density_meas          ? 
_exptl_crystal.density_Matthews      2.16 
_exptl_crystal.density_percent_sol   43.7 
_exptl_crystal.description           ? 
_exptl_crystal.F_000                 ? 
_exptl_crystal.preparation           ? 
# 
_exptl_crystal_grow.crystal_id      1 
_exptl_crystal_grow.method          'VAPOR DIFFUSION, HANGING DROP' 
_exptl_crystal_grow.pH              7.5 
_exptl_crystal_grow.temp            293 
_exptl_crystal_grow.pdbx_details    
'1.1 M lithium sulfate, 0.1 M ammonium formate, 0.075 M Hepes/NaOH, pH 7.5, VAPOR DIFFUSION, HANGING DROP, temperature 293K' 
_exptl_crystal_grow.temp_details    ? 
_exptl_crystal_grow.pdbx_pH_range   . 
# 
_diffrn.id                     1 
_diffrn.ambient_temp           100 
_diffrn.ambient_temp_details   ? 
_diffrn.crystal_id             1 
# 
_diffrn_detector.diffrn_id              1 
_diffrn_detector.detector               CCD 
_diffrn_detector.type                   'ADSC QUANTUM 315' 
_diffrn_detector.pdbx_collection_date   2006-03-13 
_diffrn_detector.details                mirrors 
# 
_diffrn_radiation.diffrn_id                        1 
_diffrn_radiation.pdbx_diffrn_protocol             'SINGLE WAVELENGTH' 
_diffrn_radiation.monochromator                    'Si 111 CHANNEL' 
_diffrn_radiation.wavelength_id                    1 
_diffrn_radiation.pdbx_monochromatic_or_laue_m_l   M 
_diffrn_radiation.pdbx_scattering_type             x-ray 
# 
_diffrn_radiation_wavelength.id           1 
_diffrn_radiation_wavelength.wavelength   1.00890 
_diffrn_radiation_wavelength.wt           1.0 
# 
_diffrn_source.diffrn_id                   1 
_diffrn_source.source                      SYNCHROTRON 
_diffrn_source.type                        'ESRF BEAMLINE ID23-1' 
_diffrn_source.pdbx_wavelength_list        1.00890 
_diffrn_source.pdbx_wavelength             ? 
_diffrn_source.pdbx_synchrotron_site       ESRF 
_diffrn_source.pdbx_synchrotron_beamline   ID23-1 
# 
_reflns.entry_id                     2HZQ 
_reflns.d_resolution_high            1.800 
_reflns.d_resolution_low             46.575 
_reflns.number_obs                   17084 
_reflns.pdbx_Rmerge_I_obs            0.07 
_reflns.pdbx_netI_over_sigmaI        6.600 
_reflns.pdbx_Rsym_value              0.07 
_reflns.pdbx_redundancy              11.300 
_reflns.percent_possible_obs         98.700 
_reflns.observed_criterion_sigma_F   0 
_reflns.observed_criterion_sigma_I   3.000 
_reflns.number_all                   17254 
_reflns.B_iso_Wilson_estimate        ? 
_reflns.R_free_details               ? 
_reflns.limit_h_max                  ? 
_reflns.limit_h_min                  ? 
_reflns.limit_k_max                  ? 
_reflns.limit_k_min                  ? 
_reflns.limit_l_max                  ? 
_reflns.limit_l_min                  ? 
_reflns.observed_criterion_F_max     ? 
_reflns.observed_criterion_F_min     ? 
_reflns.pdbx_chi_squared             ? 
_reflns.pdbx_scaling_rejects         ? 
_reflns.pdbx_diffrn_id               1 
_reflns.pdbx_ordinal                 1 
_reflns.pdbx_CC_half                 ? 
_reflns.pdbx_CC_star                 ? 
_reflns.pdbx_Rpim_I_all              ? 
_reflns.pdbx_Rrim_I_all              ? 
# 
loop_
_reflns_shell.d_res_high 
_reflns_shell.d_res_low 
_reflns_shell.number_measured_obs 
_reflns_shell.number_measured_all 
_reflns_shell.number_unique_obs 
_reflns_shell.Rmerge_I_obs 
_reflns_shell.meanI_over_sigI_obs 
_reflns_shell.pdbx_Rsym_value 
_reflns_shell.pdbx_chi_squared 
_reflns_shell.pdbx_redundancy 
_reflns_shell.percent_possible_obs 
_reflns_shell.number_unique_all 
_reflns_shell.percent_possible_all 
_reflns_shell.pdbx_diffrn_id 
_reflns_shell.pdbx_ordinal 
_reflns_shell.pdbx_CC_half 
_reflns_shell.pdbx_CC_star 
_reflns_shell.pdbx_Rpim_I_all 
_reflns_shell.pdbx_Rrim_I_all 
1.80 1.90  ? 26431 ? 0.308 2.3  0.308 ? 11.20 ? 2350 95.30  ? 1  ? ? ? ? 
1.90 2.01  ? 24905 ? 0.215 3.5  0.215 ? 11.10 ? 2236 97.50  ? 2  ? ? ? ? 
2.01 2.15  ? 23856 ? 0.136 5.3  0.136 ? 10.90 ? 2188 98.90  ? 3  ? ? ? ? 
2.15 2.32  ? 22574 ? 0.106 6.4  0.106 ? 11.00 ? 2053 99.20  ? 4  ? ? ? ? 
2.32 2.55  ? 21103 ? 0.093 7.4  0.093 ? 11.20 ? 1891 100.00 ? 5  ? ? ? ? 
2.55 2.85  ? 19866 ? 0.083 7.2  0.083 ? 11.50 ? 1730 100.00 ? 6  ? ? ? ? 
2.85 3.29  ? 17885 ? 0.064 9.2  0.064 ? 11.40 ? 1572 100.00 ? 7  ? ? ? ? 
3.29 4.02  ? 15037 ? 0.049 10.7 0.049 ? 11.30 ? 1332 100.00 ? 8  ? ? ? ? 
4.02 5.69  ? 14181 ? 0.046 11.8 0.046 ? 13.20 ? 1073 100.00 ? 9  ? ? ? ? 
5.69 49.21 ? 7562  ? 0.049 8.1  0.049 ? 11.50 ? 659  99.30  ? 10 ? ? ? ? 
# 
_refine.entry_id                                 2HZQ 
_refine.ls_d_res_high                            1.800 
_refine.ls_d_res_low                             30.000 
_refine.pdbx_ls_sigma_F                          0.000 
_refine.ls_percent_reflns_obs                    98.650 
_refine.ls_number_reflns_obs                     17013 
_refine.pdbx_ls_cross_valid_method               THROUGHOUT 
_refine.pdbx_R_Free_selection_details            RANDOM 
_refine.details                                  'HYDROGENS HAVE BEEN ADDED IN THE RIDING POSITIONS' 
_refine.ls_R_factor_all                          0.189 
_refine.ls_R_factor_R_work                       0.187 
_refine.ls_R_factor_R_free                       0.226 
_refine.ls_percent_reflns_R_free                 5.100 
_refine.ls_number_reflns_R_free                  860 
_refine.B_iso_mean                               22.551 
_refine.aniso_B[1][1]                            0.790 
_refine.aniso_B[2][2]                            0.790 
_refine.aniso_B[3][3]                            -1.570 
_refine.aniso_B[1][2]                            0.000 
_refine.aniso_B[1][3]                            0.000 
_refine.aniso_B[2][3]                            0.000 
_refine.correlation_coeff_Fo_to_Fc               0.953 
_refine.correlation_coeff_Fo_to_Fc_free          0.944 
_refine.pdbx_overall_ESU_R                       0.137 
_refine.pdbx_overall_ESU_R_Free                  0.130 
_refine.overall_SU_ML                            0.085 
_refine.overall_SU_B                             2.714 
_refine.solvent_model_details                    MASK 
_refine.pdbx_solvent_vdw_probe_radii             1.200 
_refine.pdbx_solvent_ion_probe_radii             0.800 
_refine.pdbx_solvent_shrinkage_radii             0.800 
_refine.pdbx_stereochemistry_target_values       'Engh & Huber' 
_refine.pdbx_ls_sigma_I                          ? 
_refine.ls_number_reflns_all                     17254 
_refine.ls_R_factor_obs                          0.189 
_refine.ls_redundancy_reflns_obs                 ? 
_refine.pdbx_data_cutoff_high_absF               ? 
_refine.pdbx_data_cutoff_low_absF                ? 
_refine.ls_number_parameters                     ? 
_refine.ls_number_restraints                     ? 
_refine.ls_R_factor_R_free_error                 ? 
_refine.ls_R_factor_R_free_error_details         ? 
_refine.pdbx_method_to_determine_struct          'FOURIER SYNTHESIS' 
_refine.pdbx_starting_model                      ? 
_refine.pdbx_stereochem_target_val_spec_case     ? 
_refine.solvent_model_param_bsol                 ? 
_refine.solvent_model_param_ksol                 ? 
_refine.occupancy_max                            ? 
_refine.occupancy_min                            ? 
_refine.pdbx_isotropic_thermal_model             ? 
_refine.B_iso_min                                ? 
_refine.B_iso_max                                ? 
_refine.overall_SU_R_Cruickshank_DPI             ? 
_refine.overall_SU_R_free                        ? 
_refine.pdbx_data_cutoff_high_rms_absF           ? 
_refine.ls_wR_factor_R_free                      ? 
_refine.ls_wR_factor_R_work                      ? 
_refine.overall_FOM_free_R_set                   ? 
_refine.overall_FOM_work_R_set                   ? 
_refine.pdbx_refine_id                           'X-RAY DIFFRACTION' 
_refine.pdbx_diffrn_id                           1 
_refine.pdbx_TLS_residual_ADP_flag               ? 
_refine.pdbx_overall_phase_error                 ? 
_refine.pdbx_overall_SU_R_free_Cruickshank_DPI   ? 
_refine.pdbx_overall_SU_R_Blow_DPI               ? 
_refine.pdbx_overall_SU_R_free_Blow_DPI          ? 
# 
_refine_hist.pdbx_refine_id                   'X-RAY DIFFRACTION' 
_refine_hist.cycle_id                         LAST 
_refine_hist.pdbx_number_atoms_protein        1327 
_refine_hist.pdbx_number_atoms_nucleic_acid   0 
_refine_hist.pdbx_number_atoms_ligand         23 
_refine_hist.number_atoms_solvent             235 
_refine_hist.number_atoms_total               1585 
_refine_hist.d_res_high                       1.800 
_refine_hist.d_res_low                        30.000 
# 
loop_
_refine_ls_restr.type 
_refine_ls_restr.number 
_refine_ls_restr.dev_ideal 
_refine_ls_restr.dev_ideal_target 
_refine_ls_restr.weight 
_refine_ls_restr.pdbx_refine_id 
_refine_ls_restr.pdbx_restraint_function 
r_bond_refined_d         1379 0.014  0.022  ? 'X-RAY DIFFRACTION' ? 
r_angle_refined_deg      1888 1.691  1.961  ? 'X-RAY DIFFRACTION' ? 
r_dihedral_angle_1_deg   163  7.526  5.000  ? 'X-RAY DIFFRACTION' ? 
r_dihedral_angle_2_deg   63   40.310 25.556 ? 'X-RAY DIFFRACTION' ? 
r_dihedral_angle_3_deg   224  14.280 15.000 ? 'X-RAY DIFFRACTION' ? 
r_dihedral_angle_4_deg   4    22.649 15.000 ? 'X-RAY DIFFRACTION' ? 
r_chiral_restr           212  0.104  0.200  ? 'X-RAY DIFFRACTION' ? 
r_gen_planes_refined     1045 0.006  0.020  ? 'X-RAY DIFFRACTION' ? 
r_nbd_refined            590  0.210  0.200  ? 'X-RAY DIFFRACTION' ? 
r_nbtor_refined          951  0.312  0.200  ? 'X-RAY DIFFRACTION' ? 
r_xyhbond_nbd_refined    176  0.135  0.200  ? 'X-RAY DIFFRACTION' ? 
r_symmetry_vdw_refined   43   0.193  0.200  ? 'X-RAY DIFFRACTION' ? 
r_symmetry_hbond_refined 12   0.215  0.200  ? 'X-RAY DIFFRACTION' ? 
r_mcbond_it              857  1.107  1.500  ? 'X-RAY DIFFRACTION' ? 
r_mcangle_it             1358 1.738  2.000  ? 'X-RAY DIFFRACTION' ? 
r_scbond_it              600  2.794  3.000  ? 'X-RAY DIFFRACTION' ? 
r_scangle_it             530  4.265  4.500  ? 'X-RAY DIFFRACTION' ? 
# 
_refine_ls_shell.d_res_high                       1.800 
_refine_ls_shell.d_res_low                        1.847 
_refine_ls_shell.pdbx_total_number_of_bins_used   20 
_refine_ls_shell.percent_reflns_obs               94.400 
_refine_ls_shell.number_reflns_R_work             1074 
_refine_ls_shell.R_factor_all                     ? 
_refine_ls_shell.R_factor_R_work                  0.211 
_refine_ls_shell.R_factor_R_free                  0.314 
_refine_ls_shell.percent_reflns_R_free            ? 
_refine_ls_shell.number_reflns_R_free             89 
_refine_ls_shell.R_factor_R_free_error            ? 
_refine_ls_shell.number_reflns_all                ? 
_refine_ls_shell.number_reflns_obs                1163 
_refine_ls_shell.redundancy_reflns_obs            ? 
_refine_ls_shell.pdbx_refine_id                   'X-RAY DIFFRACTION' 
_refine_ls_shell.R_factor_obs                     ? 
# 
_struct.entry_id                  2HZQ 
_struct.title                     'Crystal structure of human apolipoprotein D (ApoD) in complex with progesterone' 
_struct.pdbx_model_details        ? 
_struct.pdbx_CASP_flag            ? 
_struct.pdbx_model_type_details   ? 
# 
_struct_keywords.entry_id        2HZQ 
_struct_keywords.text            'lipocalin, beta barrel, bilin-binding protein, transport protein' 
_struct_keywords.pdbx_keywords   'TRANSPORT PROTEIN' 
# 
loop_
_struct_asym.id 
_struct_asym.pdbx_blank_PDB_chainid_flag 
_struct_asym.pdbx_modified 
_struct_asym.entity_id 
_struct_asym.details 
A N N 1 ? 
B N N 2 ? 
C N N 3 ? 
# 
_struct_ref.id                         1 
_struct_ref.db_name                    UNP 
_struct_ref.db_code                    APOD_HUMAN 
_struct_ref.pdbx_db_accession          P05090 
_struct_ref.entity_id                  1 
_struct_ref.pdbx_seq_one_letter_code   
;FHLGKCPNPPVQENFDVNKYLGRWYEIEKIPTTFENGRCIQANYSLMENGKIKVLNQELRADGTVNQIEGEATPVNLTEP
AKLEVKFSWFMPSAPYWILATDYENYALVYSCTCIIQLFHVDFAWILARNPNLPPETVDSLKNILTSNNIDVKKMTVTDQ
VNCPKLS
;
_struct_ref.pdbx_align_begin           23 
_struct_ref.pdbx_db_isoform            ? 
# 
_struct_ref_seq.align_id                      1 
_struct_ref_seq.ref_id                        1 
_struct_ref_seq.pdbx_PDB_id_code              2HZQ 
_struct_ref_seq.pdbx_strand_id                A 
_struct_ref_seq.seq_align_beg                 1 
_struct_ref_seq.pdbx_seq_align_beg_ins_code   ? 
_struct_ref_seq.seq_align_end                 167 
_struct_ref_seq.pdbx_seq_align_end_ins_code   ? 
_struct_ref_seq.pdbx_db_accession             P05090 
_struct_ref_seq.db_align_beg                  23 
_struct_ref_seq.pdbx_db_align_beg_ins_code    ? 
_struct_ref_seq.db_align_end                  189 
_struct_ref_seq.pdbx_db_align_end_ins_code    ? 
_struct_ref_seq.pdbx_auth_seq_align_beg       3 
_struct_ref_seq.pdbx_auth_seq_align_end       169 
# 
loop_
_struct_ref_seq_dif.align_id 
_struct_ref_seq_dif.pdbx_pdb_id_code 
_struct_ref_seq_dif.mon_id 
_struct_ref_seq_dif.pdbx_pdb_strand_id 
_struct_ref_seq_dif.seq_num 
_struct_ref_seq_dif.pdbx_pdb_ins_code 
_struct_ref_seq_dif.pdbx_seq_db_name 
_struct_ref_seq_dif.pdbx_seq_db_accession_code 
_struct_ref_seq_dif.db_mon_id 
_struct_ref_seq_dif.pdbx_seq_db_seq_num 
_struct_ref_seq_dif.details 
_struct_ref_seq_dif.pdbx_auth_seq_num 
_struct_ref_seq_dif.pdbx_ordinal 
1 2HZQ PRO A 21  ? UNP P05090 LEU 43  'engineered mutation' 23  1  
1 2HZQ MSE A 47  ? UNP P05090 MET 69  'modified residue'    49  2  
1 2HZQ MSE A 91  ? UNP P05090 MET 113 'modified residue'    93  3  
1 2HZQ HIS A 97  ? UNP P05090 TRP 119 'engineered mutation' 99  4  
1 2HZQ SER A 114 ? UNP P05090 CYS 136 'engineered mutation' 116 5  
1 2HZQ SER A 116 ? UNP P05090 ILE 138 'engineered mutation' 118 6  
1 2HZQ SER A 118 ? UNP P05090 LEU 140 'engineered mutation' 120 7  
1 2HZQ VAL A 131 ? UNP P05090 PRO 153 'engineered mutation' 133 8  
1 2HZQ ALA A 132 ? UNP P05090 ASN 154 'engineered mutation' 134 9  
1 2HZQ MSE A 155 ? UNP P05090 MET 177 'modified residue'    157 10 
1 2HZQ ALA A 168 ? UNP P05090 ?   ?   'expression tag'      170 11 
1 2HZQ HIS A 169 ? UNP P05090 ?   ?   'expression tag'      171 12 
1 2HZQ HIS A 170 ? UNP P05090 ?   ?   'expression tag'      172 13 
1 2HZQ HIS A 171 ? UNP P05090 ?   ?   'expression tag'      173 14 
1 2HZQ HIS A 172 ? UNP P05090 ?   ?   'expression tag'      174 15 
1 2HZQ HIS A 173 ? UNP P05090 ?   ?   'expression tag'      175 16 
1 2HZQ HIS A 174 ? UNP P05090 ?   ?   'expression tag'      176 17 
# 
_pdbx_struct_assembly.id                   1 
_pdbx_struct_assembly.details              author_defined_assembly 
_pdbx_struct_assembly.method_details       ? 
_pdbx_struct_assembly.oligomeric_details   monomeric 
_pdbx_struct_assembly.oligomeric_count     1 
# 
_pdbx_struct_assembly_gen.assembly_id       1 
_pdbx_struct_assembly_gen.oper_expression   1 
_pdbx_struct_assembly_gen.asym_id_list      A,B,C 
# 
_pdbx_struct_oper_list.id                   1 
_pdbx_struct_oper_list.type                 'identity operation' 
_pdbx_struct_oper_list.name                 1_555 
_pdbx_struct_oper_list.symmetry_operation   x,y,z 
_pdbx_struct_oper_list.matrix[1][1]         1.0000000000 
_pdbx_struct_oper_list.matrix[1][2]         0.0000000000 
_pdbx_struct_oper_list.matrix[1][3]         0.0000000000 
_pdbx_struct_oper_list.vector[1]            0.0000000000 
_pdbx_struct_oper_list.matrix[2][1]         0.0000000000 
_pdbx_struct_oper_list.matrix[2][2]         1.0000000000 
_pdbx_struct_oper_list.matrix[2][3]         0.0000000000 
_pdbx_struct_oper_list.vector[2]            0.0000000000 
_pdbx_struct_oper_list.matrix[3][1]         0.0000000000 
_pdbx_struct_oper_list.matrix[3][2]         0.0000000000 
_pdbx_struct_oper_list.matrix[3][3]         1.0000000000 
_pdbx_struct_oper_list.vector[3]            0.0000000000 
# 
loop_
_struct_conf.conf_type_id 
_struct_conf.id 
_struct_conf.pdbx_PDB_helix_id 
_struct_conf.beg_label_comp_id 
_struct_conf.beg_label_asym_id 
_struct_conf.beg_label_seq_id 
_struct_conf.pdbx_beg_PDB_ins_code 
_struct_conf.end_label_comp_id 
_struct_conf.end_label_asym_id 
_struct_conf.end_label_seq_id 
_struct_conf.pdbx_end_PDB_ins_code 
_struct_conf.beg_auth_comp_id 
_struct_conf.beg_auth_asym_id 
_struct_conf.beg_auth_seq_id 
_struct_conf.end_auth_comp_id 
_struct_conf.end_auth_asym_id 
_struct_conf.end_auth_seq_id 
_struct_conf.pdbx_PDB_helix_class 
_struct_conf.details 
_struct_conf.pdbx_PDB_helix_length 
HELX_P HELX_P1 1 ASP A 16  ? TYR A 20  ? ASP A 18  TYR A 22  5 ? 5  
HELX_P HELX_P2 2 PRO A 134 ? ASN A 148 ? PRO A 136 ASN A 150 1 ? 15 
# 
_struct_conf_type.id          HELX_P 
_struct_conf_type.criteria    ? 
_struct_conf_type.reference   ? 
# 
loop_
_struct_conn.id 
_struct_conn.conn_type_id 
_struct_conn.pdbx_leaving_atom_flag 
_struct_conn.pdbx_PDB_id 
_struct_conn.ptnr1_label_asym_id 
_struct_conn.ptnr1_label_comp_id 
_struct_conn.ptnr1_label_seq_id 
_struct_conn.ptnr1_label_atom_id 
_struct_conn.pdbx_ptnr1_label_alt_id 
_struct_conn.pdbx_ptnr1_PDB_ins_code 
_struct_conn.pdbx_ptnr1_standard_comp_id 
_struct_conn.ptnr1_symmetry 
_struct_conn.ptnr2_label_asym_id 
_struct_conn.ptnr2_label_comp_id 
_struct_conn.ptnr2_label_seq_id 
_struct_conn.ptnr2_label_atom_id 
_struct_conn.pdbx_ptnr2_label_alt_id 
_struct_conn.pdbx_ptnr2_PDB_ins_code 
_struct_conn.ptnr1_auth_asym_id 
_struct_conn.ptnr1_auth_comp_id 
_struct_conn.ptnr1_auth_seq_id 
_struct_conn.ptnr2_auth_asym_id 
_struct_conn.ptnr2_auth_comp_id 
_struct_conn.ptnr2_auth_seq_id 
_struct_conn.ptnr2_symmetry 
_struct_conn.pdbx_ptnr3_label_atom_id 
_struct_conn.pdbx_ptnr3_label_seq_id 
_struct_conn.pdbx_ptnr3_label_comp_id 
_struct_conn.pdbx_ptnr3_label_asym_id 
_struct_conn.pdbx_ptnr3_label_alt_id 
_struct_conn.pdbx_ptnr3_PDB_ins_code 
_struct_conn.details 
_struct_conn.pdbx_dist_value 
_struct_conn.pdbx_value_order 
_struct_conn.pdbx_role 
disulf1 disulf ?    ? A CYS 6   SG ? ? ? 1_555 A CYS 112 SG ? ? A CYS 8   A CYS 114 1_555 ? ? ? ? ? ? ? 2.054 ? ? 
disulf2 disulf ?    ? A CYS 39  SG ? ? ? 1_555 A CYS 163 SG ? ? A CYS 41  A CYS 165 1_555 ? ? ? ? ? ? ? 1.985 ? ? 
covale1 covale both ? A LEU 46  C  ? ? ? 1_555 A MSE 47  N  ? ? A LEU 48  A MSE 49  1_555 ? ? ? ? ? ? ? 1.332 ? ? 
covale2 covale both ? A MSE 47  C  ? ? ? 1_555 A GLU 48  N  ? ? A MSE 49  A GLU 50  1_555 ? ? ? ? ? ? ? 1.327 ? ? 
covale3 covale both ? A PHE 90  C  ? ? ? 1_555 A MSE 91  N  ? ? A PHE 92  A MSE 93  1_555 ? ? ? ? ? ? ? 1.330 ? ? 
covale4 covale both ? A MSE 91  C  ? ? ? 1_555 A PRO 92  N  ? ? A MSE 93  A PRO 94  1_555 ? ? ? ? ? ? ? 1.340 ? ? 
covale5 covale both ? A LYS 154 C  ? ? ? 1_555 A MSE 155 N  ? ? A LYS 156 A MSE 157 1_555 ? ? ? ? ? ? ? 1.332 ? ? 
covale6 covale both ? A MSE 155 C  ? ? ? 1_555 A THR 156 N  ? ? A MSE 157 A THR 158 1_555 ? ? ? ? ? ? ? 1.332 ? ? 
# 
loop_
_struct_conn_type.id 
_struct_conn_type.criteria 
_struct_conn_type.reference 
disulf ? ? 
covale ? ? 
# 
loop_
_pdbx_modification_feature.ordinal 
_pdbx_modification_feature.label_comp_id 
_pdbx_modification_feature.label_asym_id 
_pdbx_modification_feature.label_seq_id 
_pdbx_modification_feature.label_alt_id 
_pdbx_modification_feature.modified_residue_label_comp_id 
_pdbx_modification_feature.modified_residue_label_asym_id 
_pdbx_modification_feature.modified_residue_label_seq_id 
_pdbx_modification_feature.modified_residue_label_alt_id 
_pdbx_modification_feature.auth_comp_id 
_pdbx_modification_feature.auth_asym_id 
_pdbx_modification_feature.auth_seq_id 
_pdbx_modification_feature.PDB_ins_code 
_pdbx_modification_feature.symmetry 
_pdbx_modification_feature.modified_residue_auth_comp_id 
_pdbx_modification_feature.modified_residue_auth_asym_id 
_pdbx_modification_feature.modified_residue_auth_seq_id 
_pdbx_modification_feature.modified_residue_PDB_ins_code 
_pdbx_modification_feature.modified_residue_symmetry 
_pdbx_modification_feature.comp_id_linking_atom 
_pdbx_modification_feature.modified_residue_id_linking_atom 
_pdbx_modification_feature.modified_residue_id 
_pdbx_modification_feature.ref_pcm_id 
_pdbx_modification_feature.ref_comp_id 
_pdbx_modification_feature.type 
_pdbx_modification_feature.category 
1 MSE A 47  ? .   . .   . MSE A 49  ? 1_555 .   . .   . .     .  .  MET 1 MSE Selenomethionine 'Named protein modification' 
2 MSE A 91  ? .   . .   . MSE A 93  ? 1_555 .   . .   . .     .  .  MET 1 MSE Selenomethionine 'Named protein modification' 
3 MSE A 155 ? .   . .   . MSE A 157 ? 1_555 .   . .   . .     .  .  MET 1 MSE Selenomethionine 'Named protein modification' 
4 CYS A 6   ? CYS A 112 ? CYS A 8   ? 1_555 CYS A 114 ? 1_555 SG SG .   . .   None             'Disulfide bridge'           
5 CYS A 39  ? CYS A 163 ? CYS A 41  ? 1_555 CYS A 165 ? 1_555 SG SG .   . .   None             'Disulfide bridge'           
# 
loop_
_struct_sheet.id 
_struct_sheet.type 
_struct_sheet.number_strands 
_struct_sheet.details 
A ? 4  ? 
B ? 10 ? 
# 
loop_
_struct_sheet_order.sheet_id 
_struct_sheet_order.range_id_1 
_struct_sheet_order.range_id_2 
_struct_sheet_order.offset 
_struct_sheet_order.sense 
A 1 2  ? anti-parallel 
A 2 3  ? anti-parallel 
A 3 4  ? anti-parallel 
B 1 2  ? anti-parallel 
B 2 3  ? anti-parallel 
B 3 4  ? anti-parallel 
B 4 5  ? anti-parallel 
B 5 6  ? anti-parallel 
B 6 7  ? anti-parallel 
B 7 8  ? anti-parallel 
B 8 9  ? anti-parallel 
B 9 10 ? anti-parallel 
# 
loop_
_struct_sheet_range.sheet_id 
_struct_sheet_range.id 
_struct_sheet_range.beg_label_comp_id 
_struct_sheet_range.beg_label_asym_id 
_struct_sheet_range.beg_label_seq_id 
_struct_sheet_range.pdbx_beg_PDB_ins_code 
_struct_sheet_range.end_label_comp_id 
_struct_sheet_range.end_label_asym_id 
_struct_sheet_range.end_label_seq_id 
_struct_sheet_range.pdbx_end_PDB_ins_code 
_struct_sheet_range.beg_auth_comp_id 
_struct_sheet_range.beg_auth_asym_id 
_struct_sheet_range.beg_auth_seq_id 
_struct_sheet_range.end_auth_comp_id 
_struct_sheet_range.end_auth_asym_id 
_struct_sheet_range.end_auth_seq_id 
A 1  HIS A 2   ? LEU A 3   ? HIS A 4   LEU A 5   
A 2  PHE A 119 ? ALA A 128 ? PHE A 121 ALA A 130 
A 3  GLY A 22  ? LYS A 29  ? GLY A 24  LYS A 31  
A 4  THR A 156 ? VAL A 157 ? THR A 158 VAL A 159 
B 1  HIS A 2   ? LEU A 3   ? HIS A 4   LEU A 5   
B 2  PHE A 119 ? ALA A 128 ? PHE A 121 ALA A 130 
B 3  TYR A 106 ? SER A 114 ? TYR A 108 SER A 116 
B 4  ALA A 94  ? THR A 101 ? ALA A 96  THR A 103 
B 5  LYS A 82  ? LYS A 86  ? LYS A 84  LYS A 88  
B 6  VAL A 65  ? PRO A 74  ? VAL A 67  PRO A 76  
B 7  ILE A 52  ? LEU A 59  ? ILE A 54  LEU A 61  
B 8  ARG A 38  ? LEU A 46  ? ARG A 40  LEU A 48  
B 9  GLY A 22  ? LYS A 29  ? GLY A 24  LYS A 31  
B 10 THR A 156 ? VAL A 157 ? THR A 158 VAL A 159 
# 
loop_
_pdbx_struct_sheet_hbond.sheet_id 
_pdbx_struct_sheet_hbond.range_id_1 
_pdbx_struct_sheet_hbond.range_id_2 
_pdbx_struct_sheet_hbond.range_1_label_atom_id 
_pdbx_struct_sheet_hbond.range_1_label_comp_id 
_pdbx_struct_sheet_hbond.range_1_label_asym_id 
_pdbx_struct_sheet_hbond.range_1_label_seq_id 
_pdbx_struct_sheet_hbond.range_1_PDB_ins_code 
_pdbx_struct_sheet_hbond.range_1_auth_atom_id 
_pdbx_struct_sheet_hbond.range_1_auth_comp_id 
_pdbx_struct_sheet_hbond.range_1_auth_asym_id 
_pdbx_struct_sheet_hbond.range_1_auth_seq_id 
_pdbx_struct_sheet_hbond.range_2_label_atom_id 
_pdbx_struct_sheet_hbond.range_2_label_comp_id 
_pdbx_struct_sheet_hbond.range_2_label_asym_id 
_pdbx_struct_sheet_hbond.range_2_label_seq_id 
_pdbx_struct_sheet_hbond.range_2_PDB_ins_code 
_pdbx_struct_sheet_hbond.range_2_auth_atom_id 
_pdbx_struct_sheet_hbond.range_2_auth_comp_id 
_pdbx_struct_sheet_hbond.range_2_auth_asym_id 
_pdbx_struct_sheet_hbond.range_2_auth_seq_id 
A 1 2  N HIS A 2   ? N HIS A 4   O HIS A 120 ? O HIS A 122 
A 2 3  O ALA A 128 ? O ALA A 130 N TYR A 25  ? N TYR A 27  
A 3 4  N LYS A 29  ? N LYS A 31  O THR A 156 ? O THR A 158 
B 1 2  N HIS A 2   ? N HIS A 4   O HIS A 120 ? O HIS A 122 
B 2 3  O LEU A 127 ? O LEU A 129 N ALA A 107 ? N ALA A 109 
B 3 4  O LEU A 108 ? O LEU A 110 N ALA A 100 ? N ALA A 102 
B 4 5  O TYR A 96  ? O TYR A 98  N LEU A 83  ? N LEU A 85  
B 5 6  O GLU A 84  ? O GLU A 86  N THR A 73  ? N THR A 75  
B 6 7  O ALA A 72  ? O ALA A 74  N ILE A 52  ? N ILE A 54  
B 7 8  O LYS A 53  ? O LYS A 55  N SER A 45  ? N SER A 47  
B 8 9  O TYR A 44  ? O TYR A 46  N GLY A 22  ? N GLY A 24  
B 9 10 N LYS A 29  ? N LYS A 31  O THR A 156 ? O THR A 158 
# 
_struct_site.id                   AC1 
_struct_site.pdbx_evidence_code   Software 
_struct_site.pdbx_auth_asym_id    A 
_struct_site.pdbx_auth_comp_id    STR 
_struct_site.pdbx_auth_seq_id     300 
_struct_site.pdbx_auth_ins_code   ? 
_struct_site.pdbx_num_residues    8 
_struct_site.details              'BINDING SITE FOR RESIDUE STR A 300' 
# 
loop_
_struct_site_gen.id 
_struct_site_gen.site_id 
_struct_site_gen.pdbx_num_res 
_struct_site_gen.label_comp_id 
_struct_site_gen.label_asym_id 
_struct_site_gen.label_seq_id 
_struct_site_gen.pdbx_auth_ins_code 
_struct_site_gen.auth_comp_id 
_struct_site_gen.auth_asym_id 
_struct_site_gen.auth_seq_id 
_struct_site_gen.label_atom_id 
_struct_site_gen.label_alt_id 
_struct_site_gen.symmetry 
_struct_site_gen.details 
1 AC1 8 THR A 32  ? THR A 34  . ? 1_555 ? 
2 AC1 8 ALA A 42  ? ALA A 44  . ? 1_555 ? 
3 AC1 8 TYR A 44  ? TYR A 46  . ? 1_555 ? 
4 AC1 8 ASN A 56  ? ASN A 58  . ? 1_555 ? 
5 AC1 8 PHE A 87  ? PHE A 89  . ? 1_555 ? 
6 AC1 8 TYR A 96  ? TYR A 98  . ? 1_555 ? 
7 AC1 8 LEU A 127 ? LEU A 129 . ? 1_555 ? 
8 AC1 8 HOH C .   ? HOH A 461 . ? 1_555 ? 
# 
_pdbx_entry_details.entry_id                   2HZQ 
_pdbx_entry_details.compound_details           ? 
_pdbx_entry_details.source_details             ? 
_pdbx_entry_details.nonpolymer_details         ? 
_pdbx_entry_details.sequence_details           ? 
_pdbx_entry_details.has_ligand_of_interest     ? 
_pdbx_entry_details.has_protein_modification   Y 
# 
_pdbx_validate_rmsd_bond.id                        1 
_pdbx_validate_rmsd_bond.PDB_model_num             1 
_pdbx_validate_rmsd_bond.auth_atom_id_1            C 
_pdbx_validate_rmsd_bond.auth_asym_id_1            A 
_pdbx_validate_rmsd_bond.auth_comp_id_1            GLU 
_pdbx_validate_rmsd_bond.auth_seq_id_1             50 
_pdbx_validate_rmsd_bond.PDB_ins_code_1            ? 
_pdbx_validate_rmsd_bond.label_alt_id_1            ? 
_pdbx_validate_rmsd_bond.auth_atom_id_2            N 
_pdbx_validate_rmsd_bond.auth_asym_id_2            A 
_pdbx_validate_rmsd_bond.auth_comp_id_2            ASN 
_pdbx_validate_rmsd_bond.auth_seq_id_2             51 
_pdbx_validate_rmsd_bond.PDB_ins_code_2            ? 
_pdbx_validate_rmsd_bond.label_alt_id_2            ? 
_pdbx_validate_rmsd_bond.bond_value                0.995 
_pdbx_validate_rmsd_bond.bond_target_value         1.336 
_pdbx_validate_rmsd_bond.bond_deviation            -0.341 
_pdbx_validate_rmsd_bond.bond_standard_deviation   0.023 
_pdbx_validate_rmsd_bond.linker_flag               Y 
# 
loop_
_pdbx_validate_rmsd_angle.id 
_pdbx_validate_rmsd_angle.PDB_model_num 
_pdbx_validate_rmsd_angle.auth_atom_id_1 
_pdbx_validate_rmsd_angle.auth_asym_id_1 
_pdbx_validate_rmsd_angle.auth_comp_id_1 
_pdbx_validate_rmsd_angle.auth_seq_id_1 
_pdbx_validate_rmsd_angle.PDB_ins_code_1 
_pdbx_validate_rmsd_angle.label_alt_id_1 
_pdbx_validate_rmsd_angle.auth_atom_id_2 
_pdbx_validate_rmsd_angle.auth_asym_id_2 
_pdbx_validate_rmsd_angle.auth_comp_id_2 
_pdbx_validate_rmsd_angle.auth_seq_id_2 
_pdbx_validate_rmsd_angle.PDB_ins_code_2 
_pdbx_validate_rmsd_angle.label_alt_id_2 
_pdbx_validate_rmsd_angle.auth_atom_id_3 
_pdbx_validate_rmsd_angle.auth_asym_id_3 
_pdbx_validate_rmsd_angle.auth_comp_id_3 
_pdbx_validate_rmsd_angle.auth_seq_id_3 
_pdbx_validate_rmsd_angle.PDB_ins_code_3 
_pdbx_validate_rmsd_angle.label_alt_id_3 
_pdbx_validate_rmsd_angle.angle_value 
_pdbx_validate_rmsd_angle.angle_target_value 
_pdbx_validate_rmsd_angle.angle_deviation 
_pdbx_validate_rmsd_angle.angle_standard_deviation 
_pdbx_validate_rmsd_angle.linker_flag 
1 1 N A ASN 38 ? ? CA A ASN 38 ? ? C  A ASN 38 ? ? 137.90 111.00 26.90 2.70 N 
2 1 C A MSE 49 ? ? N  A GLU 50 ? ? CA A GLU 50 ? ? 143.02 121.70 21.32 2.50 Y 
# 
loop_
_pdbx_validate_torsion.id 
_pdbx_validate_torsion.PDB_model_num 
_pdbx_validate_torsion.auth_comp_id 
_pdbx_validate_torsion.auth_asym_id 
_pdbx_validate_torsion.auth_seq_id 
_pdbx_validate_torsion.PDB_ins_code 
_pdbx_validate_torsion.label_alt_id 
_pdbx_validate_torsion.phi 
_pdbx_validate_torsion.psi 
1 1 TYR A 105 ? ? 63.39   -25.41 
2 1 ASN A 107 ? ? -133.73 -52.38 
3 1 SER A 118 ? ? 64.43   174.28 
# 
_pdbx_validate_peptide_omega.id               1 
_pdbx_validate_peptide_omega.PDB_model_num    1 
_pdbx_validate_peptide_omega.auth_comp_id_1   GLU 
_pdbx_validate_peptide_omega.auth_asym_id_1   A 
_pdbx_validate_peptide_omega.auth_seq_id_1    37 
_pdbx_validate_peptide_omega.PDB_ins_code_1   ? 
_pdbx_validate_peptide_omega.label_alt_id_1   ? 
_pdbx_validate_peptide_omega.auth_comp_id_2   ASN 
_pdbx_validate_peptide_omega.auth_asym_id_2   A 
_pdbx_validate_peptide_omega.auth_seq_id_2    38 
_pdbx_validate_peptide_omega.PDB_ins_code_2   ? 
_pdbx_validate_peptide_omega.label_alt_id_2   ? 
_pdbx_validate_peptide_omega.omega            -122.77 
# 
_pdbx_validate_polymer_linkage.id               1 
_pdbx_validate_polymer_linkage.PDB_model_num    1 
_pdbx_validate_polymer_linkage.auth_atom_id_1   C 
_pdbx_validate_polymer_linkage.auth_asym_id_1   A 
_pdbx_validate_polymer_linkage.auth_comp_id_1   GLU 
_pdbx_validate_polymer_linkage.auth_seq_id_1    50 
_pdbx_validate_polymer_linkage.PDB_ins_code_1   ? 
_pdbx_validate_polymer_linkage.label_alt_id_1   ? 
_pdbx_validate_polymer_linkage.auth_atom_id_2   N 
_pdbx_validate_polymer_linkage.auth_asym_id_2   A 
_pdbx_validate_polymer_linkage.auth_comp_id_2   ASN 
_pdbx_validate_polymer_linkage.auth_seq_id_2    51 
_pdbx_validate_polymer_linkage.PDB_ins_code_2   ? 
_pdbx_validate_polymer_linkage.label_alt_id_2   ? 
_pdbx_validate_polymer_linkage.dist             1.00 
# 
loop_
_pdbx_struct_mod_residue.id 
_pdbx_struct_mod_residue.label_asym_id 
_pdbx_struct_mod_residue.label_comp_id 
_pdbx_struct_mod_residue.label_seq_id 
_pdbx_struct_mod_residue.auth_asym_id 
_pdbx_struct_mod_residue.auth_comp_id 
_pdbx_struct_mod_residue.auth_seq_id 
_pdbx_struct_mod_residue.PDB_ins_code 
_pdbx_struct_mod_residue.parent_comp_id 
_pdbx_struct_mod_residue.details 
1 A MSE 47  A MSE 49  ? MET SELENOMETHIONINE 
2 A MSE 91  A MSE 93  ? MET SELENOMETHIONINE 
3 A MSE 155 A MSE 157 ? MET SELENOMETHIONINE 
# 
_pdbx_phasing_MR.entry_id                     2HZQ 
_pdbx_phasing_MR.method_rotation              ? 
_pdbx_phasing_MR.method_translation           ? 
_pdbx_phasing_MR.model_details                ? 
_pdbx_phasing_MR.R_factor                     ? 
_pdbx_phasing_MR.R_rigid_body                 ? 
_pdbx_phasing_MR.correlation_coeff_Fo_to_Fc   ? 
_pdbx_phasing_MR.correlation_coeff_Io_to_Ic   ? 
_pdbx_phasing_MR.d_res_high_rotation          ? 
_pdbx_phasing_MR.d_res_low_rotation           ? 
_pdbx_phasing_MR.d_res_high_translation       4.000 
_pdbx_phasing_MR.d_res_low_translation        15.000 
_pdbx_phasing_MR.packing                      ? 
_pdbx_phasing_MR.reflns_percent_rotation      ? 
_pdbx_phasing_MR.reflns_percent_translation   ? 
_pdbx_phasing_MR.sigma_F_rotation             ? 
_pdbx_phasing_MR.sigma_F_translation          ? 
_pdbx_phasing_MR.sigma_I_rotation             ? 
_pdbx_phasing_MR.sigma_I_translation          ? 
# 
loop_
_pdbx_unobs_or_zero_occ_residues.id 
_pdbx_unobs_or_zero_occ_residues.PDB_model_num 
_pdbx_unobs_or_zero_occ_residues.polymer_flag 
_pdbx_unobs_or_zero_occ_residues.occupancy_flag 
_pdbx_unobs_or_zero_occ_residues.auth_asym_id 
_pdbx_unobs_or_zero_occ_residues.auth_comp_id 
_pdbx_unobs_or_zero_occ_residues.auth_seq_id 
_pdbx_unobs_or_zero_occ_residues.PDB_ins_code 
_pdbx_unobs_or_zero_occ_residues.label_asym_id 
_pdbx_unobs_or_zero_occ_residues.label_comp_id 
_pdbx_unobs_or_zero_occ_residues.label_seq_id 
1 1 Y 0 A GLU 50  ? A GLU 48  
2 1 Y 1 A SER 169 ? A SER 167 
3 1 Y 1 A ALA 170 ? A ALA 168 
4 1 Y 1 A HIS 171 ? A HIS 169 
5 1 Y 1 A HIS 172 ? A HIS 170 
6 1 Y 1 A HIS 173 ? A HIS 171 
7 1 Y 1 A HIS 174 ? A HIS 172 
8 1 Y 1 A HIS 175 ? A HIS 173 
9 1 Y 1 A HIS 176 ? A HIS 174 
# 
loop_
_chem_comp_atom.comp_id 
_chem_comp_atom.atom_id 
_chem_comp_atom.type_symbol 
_chem_comp_atom.pdbx_aromatic_flag 
_chem_comp_atom.pdbx_stereo_config 
_chem_comp_atom.pdbx_ordinal 
ALA N    N  N N 1   
ALA CA   C  N S 2   
ALA C    C  N N 3   
ALA O    O  N N 4   
ALA CB   C  N N 5   
ALA OXT  O  N N 6   
ALA H    H  N N 7   
ALA H2   H  N N 8   
ALA HA   H  N N 9   
ALA HB1  H  N N 10  
ALA HB2  H  N N 11  
ALA HB3  H  N N 12  
ALA HXT  H  N N 13  
ARG N    N  N N 14  
ARG CA   C  N S 15  
ARG C    C  N N 16  
ARG O    O  N N 17  
ARG CB   C  N N 18  
ARG CG   C  N N 19  
ARG CD   C  N N 20  
ARG NE   N  N N 21  
ARG CZ   C  N N 22  
ARG NH1  N  N N 23  
ARG NH2  N  N N 24  
ARG OXT  O  N N 25  
ARG H    H  N N 26  
ARG H2   H  N N 27  
ARG HA   H  N N 28  
ARG HB2  H  N N 29  
ARG HB3  H  N N 30  
ARG HG2  H  N N 31  
ARG HG3  H  N N 32  
ARG HD2  H  N N 33  
ARG HD3  H  N N 34  
ARG HE   H  N N 35  
ARG HH11 H  N N 36  
ARG HH12 H  N N 37  
ARG HH21 H  N N 38  
ARG HH22 H  N N 39  
ARG HXT  H  N N 40  
ASN N    N  N N 41  
ASN CA   C  N S 42  
ASN C    C  N N 43  
ASN O    O  N N 44  
ASN CB   C  N N 45  
ASN CG   C  N N 46  
ASN OD1  O  N N 47  
ASN ND2  N  N N 48  
ASN OXT  O  N N 49  
ASN H    H  N N 50  
ASN H2   H  N N 51  
ASN HA   H  N N 52  
ASN HB2  H  N N 53  
ASN HB3  H  N N 54  
ASN HD21 H  N N 55  
ASN HD22 H  N N 56  
ASN HXT  H  N N 57  
ASP N    N  N N 58  
ASP CA   C  N S 59  
ASP C    C  N N 60  
ASP O    O  N N 61  
ASP CB   C  N N 62  
ASP CG   C  N N 63  
ASP OD1  O  N N 64  
ASP OD2  O  N N 65  
ASP OXT  O  N N 66  
ASP H    H  N N 67  
ASP H2   H  N N 68  
ASP HA   H  N N 69  
ASP HB2  H  N N 70  
ASP HB3  H  N N 71  
ASP HD2  H  N N 72  
ASP HXT  H  N N 73  
CYS N    N  N N 74  
CYS CA   C  N R 75  
CYS C    C  N N 76  
CYS O    O  N N 77  
CYS CB   C  N N 78  
CYS SG   S  N N 79  
CYS OXT  O  N N 80  
CYS H    H  N N 81  
CYS H2   H  N N 82  
CYS HA   H  N N 83  
CYS HB2  H  N N 84  
CYS HB3  H  N N 85  
CYS HG   H  N N 86  
CYS HXT  H  N N 87  
GLN N    N  N N 88  
GLN CA   C  N S 89  
GLN C    C  N N 90  
GLN O    O  N N 91  
GLN CB   C  N N 92  
GLN CG   C  N N 93  
GLN CD   C  N N 94  
GLN OE1  O  N N 95  
GLN NE2  N  N N 96  
GLN OXT  O  N N 97  
GLN H    H  N N 98  
GLN H2   H  N N 99  
GLN HA   H  N N 100 
GLN HB2  H  N N 101 
GLN HB3  H  N N 102 
GLN HG2  H  N N 103 
GLN HG3  H  N N 104 
GLN HE21 H  N N 105 
GLN HE22 H  N N 106 
GLN HXT  H  N N 107 
GLU N    N  N N 108 
GLU CA   C  N S 109 
GLU C    C  N N 110 
GLU O    O  N N 111 
GLU CB   C  N N 112 
GLU CG   C  N N 113 
GLU CD   C  N N 114 
GLU OE1  O  N N 115 
GLU OE2  O  N N 116 
GLU OXT  O  N N 117 
GLU H    H  N N 118 
GLU H2   H  N N 119 
GLU HA   H  N N 120 
GLU HB2  H  N N 121 
GLU HB3  H  N N 122 
GLU HG2  H  N N 123 
GLU HG3  H  N N 124 
GLU HE2  H  N N 125 
GLU HXT  H  N N 126 
GLY N    N  N N 127 
GLY CA   C  N N 128 
GLY C    C  N N 129 
GLY O    O  N N 130 
GLY OXT  O  N N 131 
GLY H    H  N N 132 
GLY H2   H  N N 133 
GLY HA2  H  N N 134 
GLY HA3  H  N N 135 
GLY HXT  H  N N 136 
HIS N    N  N N 137 
HIS CA   C  N S 138 
HIS C    C  N N 139 
HIS O    O  N N 140 
HIS CB   C  N N 141 
HIS CG   C  Y N 142 
HIS ND1  N  Y N 143 
HIS CD2  C  Y N 144 
HIS CE1  C  Y N 145 
HIS NE2  N  Y N 146 
HIS OXT  O  N N 147 
HIS H    H  N N 148 
HIS H2   H  N N 149 
HIS HA   H  N N 150 
HIS HB2  H  N N 151 
HIS HB3  H  N N 152 
HIS HD1  H  N N 153 
HIS HD2  H  N N 154 
HIS HE1  H  N N 155 
HIS HE2  H  N N 156 
HIS HXT  H  N N 157 
HOH O    O  N N 158 
HOH H1   H  N N 159 
HOH H2   H  N N 160 
ILE N    N  N N 161 
ILE CA   C  N S 162 
ILE C    C  N N 163 
ILE O    O  N N 164 
ILE CB   C  N S 165 
ILE CG1  C  N N 166 
ILE CG2  C  N N 167 
ILE CD1  C  N N 168 
ILE OXT  O  N N 169 
ILE H    H  N N 170 
ILE H2   H  N N 171 
ILE HA   H  N N 172 
ILE HB   H  N N 173 
ILE HG12 H  N N 174 
ILE HG13 H  N N 175 
ILE HG21 H  N N 176 
ILE HG22 H  N N 177 
ILE HG23 H  N N 178 
ILE HD11 H  N N 179 
ILE HD12 H  N N 180 
ILE HD13 H  N N 181 
ILE HXT  H  N N 182 
LEU N    N  N N 183 
LEU CA   C  N S 184 
LEU C    C  N N 185 
LEU O    O  N N 186 
LEU CB   C  N N 187 
LEU CG   C  N N 188 
LEU CD1  C  N N 189 
LEU CD2  C  N N 190 
LEU OXT  O  N N 191 
LEU H    H  N N 192 
LEU H2   H  N N 193 
LEU HA   H  N N 194 
LEU HB2  H  N N 195 
LEU HB3  H  N N 196 
LEU HG   H  N N 197 
LEU HD11 H  N N 198 
LEU HD12 H  N N 199 
LEU HD13 H  N N 200 
LEU HD21 H  N N 201 
LEU HD22 H  N N 202 
LEU HD23 H  N N 203 
LEU HXT  H  N N 204 
LYS N    N  N N 205 
LYS CA   C  N S 206 
LYS C    C  N N 207 
LYS O    O  N N 208 
LYS CB   C  N N 209 
LYS CG   C  N N 210 
LYS CD   C  N N 211 
LYS CE   C  N N 212 
LYS NZ   N  N N 213 
LYS OXT  O  N N 214 
LYS H    H  N N 215 
LYS H2   H  N N 216 
LYS HA   H  N N 217 
LYS HB2  H  N N 218 
LYS HB3  H  N N 219 
LYS HG2  H  N N 220 
LYS HG3  H  N N 221 
LYS HD2  H  N N 222 
LYS HD3  H  N N 223 
LYS HE2  H  N N 224 
LYS HE3  H  N N 225 
LYS HZ1  H  N N 226 
LYS HZ2  H  N N 227 
LYS HZ3  H  N N 228 
LYS HXT  H  N N 229 
MET N    N  N N 230 
MET CA   C  N S 231 
MET C    C  N N 232 
MET O    O  N N 233 
MET CB   C  N N 234 
MET CG   C  N N 235 
MET SD   S  N N 236 
MET CE   C  N N 237 
MET OXT  O  N N 238 
MET H    H  N N 239 
MET H2   H  N N 240 
MET HA   H  N N 241 
MET HB2  H  N N 242 
MET HB3  H  N N 243 
MET HG2  H  N N 244 
MET HG3  H  N N 245 
MET HE1  H  N N 246 
MET HE2  H  N N 247 
MET HE3  H  N N 248 
MET HXT  H  N N 249 
MSE N    N  N N 250 
MSE CA   C  N S 251 
MSE C    C  N N 252 
MSE O    O  N N 253 
MSE OXT  O  N N 254 
MSE CB   C  N N 255 
MSE CG   C  N N 256 
MSE SE   SE N N 257 
MSE CE   C  N N 258 
MSE H    H  N N 259 
MSE H2   H  N N 260 
MSE HA   H  N N 261 
MSE HXT  H  N N 262 
MSE HB2  H  N N 263 
MSE HB3  H  N N 264 
MSE HG2  H  N N 265 
MSE HG3  H  N N 266 
MSE HE1  H  N N 267 
MSE HE2  H  N N 268 
MSE HE3  H  N N 269 
PHE N    N  N N 270 
PHE CA   C  N S 271 
PHE C    C  N N 272 
PHE O    O  N N 273 
PHE CB   C  N N 274 
PHE CG   C  Y N 275 
PHE CD1  C  Y N 276 
PHE CD2  C  Y N 277 
PHE CE1  C  Y N 278 
PHE CE2  C  Y N 279 
PHE CZ   C  Y N 280 
PHE OXT  O  N N 281 
PHE H    H  N N 282 
PHE H2   H  N N 283 
PHE HA   H  N N 284 
PHE HB2  H  N N 285 
PHE HB3  H  N N 286 
PHE HD1  H  N N 287 
PHE HD2  H  N N 288 
PHE HE1  H  N N 289 
PHE HE2  H  N N 290 
PHE HZ   H  N N 291 
PHE HXT  H  N N 292 
PRO N    N  N N 293 
PRO CA   C  N S 294 
PRO C    C  N N 295 
PRO O    O  N N 296 
PRO CB   C  N N 297 
PRO CG   C  N N 298 
PRO CD   C  N N 299 
PRO OXT  O  N N 300 
PRO H    H  N N 301 
PRO HA   H  N N 302 
PRO HB2  H  N N 303 
PRO HB3  H  N N 304 
PRO HG2  H  N N 305 
PRO HG3  H  N N 306 
PRO HD2  H  N N 307 
PRO HD3  H  N N 308 
PRO HXT  H  N N 309 
SER N    N  N N 310 
SER CA   C  N S 311 
SER C    C  N N 312 
SER O    O  N N 313 
SER CB   C  N N 314 
SER OG   O  N N 315 
SER OXT  O  N N 316 
SER H    H  N N 317 
SER H2   H  N N 318 
SER HA   H  N N 319 
SER HB2  H  N N 320 
SER HB3  H  N N 321 
SER HG   H  N N 322 
SER HXT  H  N N 323 
STR C1   C  N N 324 
STR C2   C  N N 325 
STR C3   C  N N 326 
STR O3   O  N N 327 
STR C4   C  N N 328 
STR C5   C  N N 329 
STR C6   C  N N 330 
STR C7   C  N N 331 
STR C8   C  N S 332 
STR C9   C  N S 333 
STR C10  C  N R 334 
STR C11  C  N N 335 
STR C12  C  N N 336 
STR C13  C  N S 337 
STR C14  C  N S 338 
STR C15  C  N N 339 
STR C16  C  N N 340 
STR C17  C  N S 341 
STR C18  C  N N 342 
STR C19  C  N N 343 
STR C20  C  N N 344 
STR O20  O  N N 345 
STR C21  C  N N 346 
STR H11  H  N N 347 
STR H12  H  N N 348 
STR H21  H  N N 349 
STR H22  H  N N 350 
STR H4   H  N N 351 
STR H61  H  N N 352 
STR H62  H  N N 353 
STR H71  H  N N 354 
STR H72  H  N N 355 
STR H8   H  N N 356 
STR H9   H  N N 357 
STR H111 H  N N 358 
STR H112 H  N N 359 
STR H121 H  N N 360 
STR H122 H  N N 361 
STR H14  H  N N 362 
STR H151 H  N N 363 
STR H152 H  N N 364 
STR H161 H  N N 365 
STR H162 H  N N 366 
STR H17  H  N N 367 
STR H181 H  N N 368 
STR H182 H  N N 369 
STR H183 H  N N 370 
STR H191 H  N N 371 
STR H192 H  N N 372 
STR H193 H  N N 373 
STR H211 H  N N 374 
STR H212 H  N N 375 
STR H213 H  N N 376 
THR N    N  N N 377 
THR CA   C  N S 378 
THR C    C  N N 379 
THR O    O  N N 380 
THR CB   C  N R 381 
THR OG1  O  N N 382 
THR CG2  C  N N 383 
THR OXT  O  N N 384 
THR H    H  N N 385 
THR H2   H  N N 386 
THR HA   H  N N 387 
THR HB   H  N N 388 
THR HG1  H  N N 389 
THR HG21 H  N N 390 
THR HG22 H  N N 391 
THR HG23 H  N N 392 
THR HXT  H  N N 393 
TRP N    N  N N 394 
TRP CA   C  N S 395 
TRP C    C  N N 396 
TRP O    O  N N 397 
TRP CB   C  N N 398 
TRP CG   C  Y N 399 
TRP CD1  C  Y N 400 
TRP CD2  C  Y N 401 
TRP NE1  N  Y N 402 
TRP CE2  C  Y N 403 
TRP CE3  C  Y N 404 
TRP CZ2  C  Y N 405 
TRP CZ3  C  Y N 406 
TRP CH2  C  Y N 407 
TRP OXT  O  N N 408 
TRP H    H  N N 409 
TRP H2   H  N N 410 
TRP HA   H  N N 411 
TRP HB2  H  N N 412 
TRP HB3  H  N N 413 
TRP HD1  H  N N 414 
TRP HE1  H  N N 415 
TRP HE3  H  N N 416 
TRP HZ2  H  N N 417 
TRP HZ3  H  N N 418 
TRP HH2  H  N N 419 
TRP HXT  H  N N 420 
TYR N    N  N N 421 
TYR CA   C  N S 422 
TYR C    C  N N 423 
TYR O    O  N N 424 
TYR CB   C  N N 425 
TYR CG   C  Y N 426 
TYR CD1  C  Y N 427 
TYR CD2  C  Y N 428 
TYR CE1  C  Y N 429 
TYR CE2  C  Y N 430 
TYR CZ   C  Y N 431 
TYR OH   O  N N 432 
TYR OXT  O  N N 433 
TYR H    H  N N 434 
TYR H2   H  N N 435 
TYR HA   H  N N 436 
TYR HB2  H  N N 437 
TYR HB3  H  N N 438 
TYR HD1  H  N N 439 
TYR HD2  H  N N 440 
TYR HE1  H  N N 441 
TYR HE2  H  N N 442 
TYR HH   H  N N 443 
TYR HXT  H  N N 444 
VAL N    N  N N 445 
VAL CA   C  N S 446 
VAL C    C  N N 447 
VAL O    O  N N 448 
VAL CB   C  N N 449 
VAL CG1  C  N N 450 
VAL CG2  C  N N 451 
VAL OXT  O  N N 452 
VAL H    H  N N 453 
VAL H2   H  N N 454 
VAL HA   H  N N 455 
VAL HB   H  N N 456 
VAL HG11 H  N N 457 
VAL HG12 H  N N 458 
VAL HG13 H  N N 459 
VAL HG21 H  N N 460 
VAL HG22 H  N N 461 
VAL HG23 H  N N 462 
VAL HXT  H  N N 463 
# 
loop_
_chem_comp_bond.comp_id 
_chem_comp_bond.atom_id_1 
_chem_comp_bond.atom_id_2 
_chem_comp_bond.value_order 
_chem_comp_bond.pdbx_aromatic_flag 
_chem_comp_bond.pdbx_stereo_config 
_chem_comp_bond.pdbx_ordinal 
ALA N   CA   sing N N 1   
ALA N   H    sing N N 2   
ALA N   H2   sing N N 3   
ALA CA  C    sing N N 4   
ALA CA  CB   sing N N 5   
ALA CA  HA   sing N N 6   
ALA C   O    doub N N 7   
ALA C   OXT  sing N N 8   
ALA CB  HB1  sing N N 9   
ALA CB  HB2  sing N N 10  
ALA CB  HB3  sing N N 11  
ALA OXT HXT  sing N N 12  
ARG N   CA   sing N N 13  
ARG N   H    sing N N 14  
ARG N   H2   sing N N 15  
ARG CA  C    sing N N 16  
ARG CA  CB   sing N N 17  
ARG CA  HA   sing N N 18  
ARG C   O    doub N N 19  
ARG C   OXT  sing N N 20  
ARG CB  CG   sing N N 21  
ARG CB  HB2  sing N N 22  
ARG CB  HB3  sing N N 23  
ARG CG  CD   sing N N 24  
ARG CG  HG2  sing N N 25  
ARG CG  HG3  sing N N 26  
ARG CD  NE   sing N N 27  
ARG CD  HD2  sing N N 28  
ARG CD  HD3  sing N N 29  
ARG NE  CZ   sing N N 30  
ARG NE  HE   sing N N 31  
ARG CZ  NH1  sing N N 32  
ARG CZ  NH2  doub N N 33  
ARG NH1 HH11 sing N N 34  
ARG NH1 HH12 sing N N 35  
ARG NH2 HH21 sing N N 36  
ARG NH2 HH22 sing N N 37  
ARG OXT HXT  sing N N 38  
ASN N   CA   sing N N 39  
ASN N   H    sing N N 40  
ASN N   H2   sing N N 41  
ASN CA  C    sing N N 42  
ASN CA  CB   sing N N 43  
ASN CA  HA   sing N N 44  
ASN C   O    doub N N 45  
ASN C   OXT  sing N N 46  
ASN CB  CG   sing N N 47  
ASN CB  HB2  sing N N 48  
ASN CB  HB3  sing N N 49  
ASN CG  OD1  doub N N 50  
ASN CG  ND2  sing N N 51  
ASN ND2 HD21 sing N N 52  
ASN ND2 HD22 sing N N 53  
ASN OXT HXT  sing N N 54  
ASP N   CA   sing N N 55  
ASP N   H    sing N N 56  
ASP N   H2   sing N N 57  
ASP CA  C    sing N N 58  
ASP CA  CB   sing N N 59  
ASP CA  HA   sing N N 60  
ASP C   O    doub N N 61  
ASP C   OXT  sing N N 62  
ASP CB  CG   sing N N 63  
ASP CB  HB2  sing N N 64  
ASP CB  HB3  sing N N 65  
ASP CG  OD1  doub N N 66  
ASP CG  OD2  sing N N 67  
ASP OD2 HD2  sing N N 68  
ASP OXT HXT  sing N N 69  
CYS N   CA   sing N N 70  
CYS N   H    sing N N 71  
CYS N   H2   sing N N 72  
CYS CA  C    sing N N 73  
CYS CA  CB   sing N N 74  
CYS CA  HA   sing N N 75  
CYS C   O    doub N N 76  
CYS C   OXT  sing N N 77  
CYS CB  SG   sing N N 78  
CYS CB  HB2  sing N N 79  
CYS CB  HB3  sing N N 80  
CYS SG  HG   sing N N 81  
CYS OXT HXT  sing N N 82  
GLN N   CA   sing N N 83  
GLN N   H    sing N N 84  
GLN N   H2   sing N N 85  
GLN CA  C    sing N N 86  
GLN CA  CB   sing N N 87  
GLN CA  HA   sing N N 88  
GLN C   O    doub N N 89  
GLN C   OXT  sing N N 90  
GLN CB  CG   sing N N 91  
GLN CB  HB2  sing N N 92  
GLN CB  HB3  sing N N 93  
GLN CG  CD   sing N N 94  
GLN CG  HG2  sing N N 95  
GLN CG  HG3  sing N N 96  
GLN CD  OE1  doub N N 97  
GLN CD  NE2  sing N N 98  
GLN NE2 HE21 sing N N 99  
GLN NE2 HE22 sing N N 100 
GLN OXT HXT  sing N N 101 
GLU N   CA   sing N N 102 
GLU N   H    sing N N 103 
GLU N   H2   sing N N 104 
GLU CA  C    sing N N 105 
GLU CA  CB   sing N N 106 
GLU CA  HA   sing N N 107 
GLU C   O    doub N N 108 
GLU C   OXT  sing N N 109 
GLU CB  CG   sing N N 110 
GLU CB  HB2  sing N N 111 
GLU CB  HB3  sing N N 112 
GLU CG  CD   sing N N 113 
GLU CG  HG2  sing N N 114 
GLU CG  HG3  sing N N 115 
GLU CD  OE1  doub N N 116 
GLU CD  OE2  sing N N 117 
GLU OE2 HE2  sing N N 118 
GLU OXT HXT  sing N N 119 
GLY N   CA   sing N N 120 
GLY N   H    sing N N 121 
GLY N   H2   sing N N 122 
GLY CA  C    sing N N 123 
GLY CA  HA2  sing N N 124 
GLY CA  HA3  sing N N 125 
GLY C   O    doub N N 126 
GLY C   OXT  sing N N 127 
GLY OXT HXT  sing N N 128 
HIS N   CA   sing N N 129 
HIS N   H    sing N N 130 
HIS N   H2   sing N N 131 
HIS CA  C    sing N N 132 
HIS CA  CB   sing N N 133 
HIS CA  HA   sing N N 134 
HIS C   O    doub N N 135 
HIS C   OXT  sing N N 136 
HIS CB  CG   sing N N 137 
HIS CB  HB2  sing N N 138 
HIS CB  HB3  sing N N 139 
HIS CG  ND1  sing Y N 140 
HIS CG  CD2  doub Y N 141 
HIS ND1 CE1  doub Y N 142 
HIS ND1 HD1  sing N N 143 
HIS CD2 NE2  sing Y N 144 
HIS CD2 HD2  sing N N 145 
HIS CE1 NE2  sing Y N 146 
HIS CE1 HE1  sing N N 147 
HIS NE2 HE2  sing N N 148 
HIS OXT HXT  sing N N 149 
HOH O   H1   sing N N 150 
HOH O   H2   sing N N 151 
ILE N   CA   sing N N 152 
ILE N   H    sing N N 153 
ILE N   H2   sing N N 154 
ILE CA  C    sing N N 155 
ILE CA  CB   sing N N 156 
ILE CA  HA   sing N N 157 
ILE C   O    doub N N 158 
ILE C   OXT  sing N N 159 
ILE CB  CG1  sing N N 160 
ILE CB  CG2  sing N N 161 
ILE CB  HB   sing N N 162 
ILE CG1 CD1  sing N N 163 
ILE CG1 HG12 sing N N 164 
ILE CG1 HG13 sing N N 165 
ILE CG2 HG21 sing N N 166 
ILE CG2 HG22 sing N N 167 
ILE CG2 HG23 sing N N 168 
ILE CD1 HD11 sing N N 169 
ILE CD1 HD12 sing N N 170 
ILE CD1 HD13 sing N N 171 
ILE OXT HXT  sing N N 172 
LEU N   CA   sing N N 173 
LEU N   H    sing N N 174 
LEU N   H2   sing N N 175 
LEU CA  C    sing N N 176 
LEU CA  CB   sing N N 177 
LEU CA  HA   sing N N 178 
LEU C   O    doub N N 179 
LEU C   OXT  sing N N 180 
LEU CB  CG   sing N N 181 
LEU CB  HB2  sing N N 182 
LEU CB  HB3  sing N N 183 
LEU CG  CD1  sing N N 184 
LEU CG  CD2  sing N N 185 
LEU CG  HG   sing N N 186 
LEU CD1 HD11 sing N N 187 
LEU CD1 HD12 sing N N 188 
LEU CD1 HD13 sing N N 189 
LEU CD2 HD21 sing N N 190 
LEU CD2 HD22 sing N N 191 
LEU CD2 HD23 sing N N 192 
LEU OXT HXT  sing N N 193 
LYS N   CA   sing N N 194 
LYS N   H    sing N N 195 
LYS N   H2   sing N N 196 
LYS CA  C    sing N N 197 
LYS CA  CB   sing N N 198 
LYS CA  HA   sing N N 199 
LYS C   O    doub N N 200 
LYS C   OXT  sing N N 201 
LYS CB  CG   sing N N 202 
LYS CB  HB2  sing N N 203 
LYS CB  HB3  sing N N 204 
LYS CG  CD   sing N N 205 
LYS CG  HG2  sing N N 206 
LYS CG  HG3  sing N N 207 
LYS CD  CE   sing N N 208 
LYS CD  HD2  sing N N 209 
LYS CD  HD3  sing N N 210 
LYS CE  NZ   sing N N 211 
LYS CE  HE2  sing N N 212 
LYS CE  HE3  sing N N 213 
LYS NZ  HZ1  sing N N 214 
LYS NZ  HZ2  sing N N 215 
LYS NZ  HZ3  sing N N 216 
LYS OXT HXT  sing N N 217 
MET N   CA   sing N N 218 
MET N   H    sing N N 219 
MET N   H2   sing N N 220 
MET CA  C    sing N N 221 
MET CA  CB   sing N N 222 
MET CA  HA   sing N N 223 
MET C   O    doub N N 224 
MET C   OXT  sing N N 225 
MET CB  CG   sing N N 226 
MET CB  HB2  sing N N 227 
MET CB  HB3  sing N N 228 
MET CG  SD   sing N N 229 
MET CG  HG2  sing N N 230 
MET CG  HG3  sing N N 231 
MET SD  CE   sing N N 232 
MET CE  HE1  sing N N 233 
MET CE  HE2  sing N N 234 
MET CE  HE3  sing N N 235 
MET OXT HXT  sing N N 236 
MSE N   CA   sing N N 237 
MSE N   H    sing N N 238 
MSE N   H2   sing N N 239 
MSE CA  C    sing N N 240 
MSE CA  CB   sing N N 241 
MSE CA  HA   sing N N 242 
MSE C   O    doub N N 243 
MSE C   OXT  sing N N 244 
MSE OXT HXT  sing N N 245 
MSE CB  CG   sing N N 246 
MSE CB  HB2  sing N N 247 
MSE CB  HB3  sing N N 248 
MSE CG  SE   sing N N 249 
MSE CG  HG2  sing N N 250 
MSE CG  HG3  sing N N 251 
MSE SE  CE   sing N N 252 
MSE CE  HE1  sing N N 253 
MSE CE  HE2  sing N N 254 
MSE CE  HE3  sing N N 255 
PHE N   CA   sing N N 256 
PHE N   H    sing N N 257 
PHE N   H2   sing N N 258 
PHE CA  C    sing N N 259 
PHE CA  CB   sing N N 260 
PHE CA  HA   sing N N 261 
PHE C   O    doub N N 262 
PHE C   OXT  sing N N 263 
PHE CB  CG   sing N N 264 
PHE CB  HB2  sing N N 265 
PHE CB  HB3  sing N N 266 
PHE CG  CD1  doub Y N 267 
PHE CG  CD2  sing Y N 268 
PHE CD1 CE1  sing Y N 269 
PHE CD1 HD1  sing N N 270 
PHE CD2 CE2  doub Y N 271 
PHE CD2 HD2  sing N N 272 
PHE CE1 CZ   doub Y N 273 
PHE CE1 HE1  sing N N 274 
PHE CE2 CZ   sing Y N 275 
PHE CE2 HE2  sing N N 276 
PHE CZ  HZ   sing N N 277 
PHE OXT HXT  sing N N 278 
PRO N   CA   sing N N 279 
PRO N   CD   sing N N 280 
PRO N   H    sing N N 281 
PRO CA  C    sing N N 282 
PRO CA  CB   sing N N 283 
PRO CA  HA   sing N N 284 
PRO C   O    doub N N 285 
PRO C   OXT  sing N N 286 
PRO CB  CG   sing N N 287 
PRO CB  HB2  sing N N 288 
PRO CB  HB3  sing N N 289 
PRO CG  CD   sing N N 290 
PRO CG  HG2  sing N N 291 
PRO CG  HG3  sing N N 292 
PRO CD  HD2  sing N N 293 
PRO CD  HD3  sing N N 294 
PRO OXT HXT  sing N N 295 
SER N   CA   sing N N 296 
SER N   H    sing N N 297 
SER N   H2   sing N N 298 
SER CA  C    sing N N 299 
SER CA  CB   sing N N 300 
SER CA  HA   sing N N 301 
SER C   O    doub N N 302 
SER C   OXT  sing N N 303 
SER CB  OG   sing N N 304 
SER CB  HB2  sing N N 305 
SER CB  HB3  sing N N 306 
SER OG  HG   sing N N 307 
SER OXT HXT  sing N N 308 
STR C1  C2   sing N N 309 
STR C1  C10  sing N N 310 
STR C1  H11  sing N N 311 
STR C1  H12  sing N N 312 
STR C2  C3   sing N N 313 
STR C2  H21  sing N N 314 
STR C2  H22  sing N N 315 
STR C3  O3   doub N N 316 
STR C3  C4   sing N N 317 
STR C4  C5   doub N N 318 
STR C4  H4   sing N N 319 
STR C5  C6   sing N N 320 
STR C5  C10  sing N N 321 
STR C6  C7   sing N N 322 
STR C6  H61  sing N N 323 
STR C6  H62  sing N N 324 
STR C7  C8   sing N N 325 
STR C7  H71  sing N N 326 
STR C7  H72  sing N N 327 
STR C8  C9   sing N N 328 
STR C8  C14  sing N N 329 
STR C8  H8   sing N N 330 
STR C9  C10  sing N N 331 
STR C9  C11  sing N N 332 
STR C9  H9   sing N N 333 
STR C10 C19  sing N N 334 
STR C11 C12  sing N N 335 
STR C11 H111 sing N N 336 
STR C11 H112 sing N N 337 
STR C12 C13  sing N N 338 
STR C12 H121 sing N N 339 
STR C12 H122 sing N N 340 
STR C13 C14  sing N N 341 
STR C13 C17  sing N N 342 
STR C13 C18  sing N N 343 
STR C14 C15  sing N N 344 
STR C14 H14  sing N N 345 
STR C15 C16  sing N N 346 
STR C15 H151 sing N N 347 
STR C15 H152 sing N N 348 
STR C16 C17  sing N N 349 
STR C16 H161 sing N N 350 
STR C16 H162 sing N N 351 
STR C17 C20  sing N N 352 
STR C17 H17  sing N N 353 
STR C18 H181 sing N N 354 
STR C18 H182 sing N N 355 
STR C18 H183 sing N N 356 
STR C19 H191 sing N N 357 
STR C19 H192 sing N N 358 
STR C19 H193 sing N N 359 
STR C20 O20  doub N N 360 
STR C20 C21  sing N N 361 
STR C21 H211 sing N N 362 
STR C21 H212 sing N N 363 
STR C21 H213 sing N N 364 
THR N   CA   sing N N 365 
THR N   H    sing N N 366 
THR N   H2   sing N N 367 
THR CA  C    sing N N 368 
THR CA  CB   sing N N 369 
THR CA  HA   sing N N 370 
THR C   O    doub N N 371 
THR C   OXT  sing N N 372 
THR CB  OG1  sing N N 373 
THR CB  CG2  sing N N 374 
THR CB  HB   sing N N 375 
THR OG1 HG1  sing N N 376 
THR CG2 HG21 sing N N 377 
THR CG2 HG22 sing N N 378 
THR CG2 HG23 sing N N 379 
THR OXT HXT  sing N N 380 
TRP N   CA   sing N N 381 
TRP N   H    sing N N 382 
TRP N   H2   sing N N 383 
TRP CA  C    sing N N 384 
TRP CA  CB   sing N N 385 
TRP CA  HA   sing N N 386 
TRP C   O    doub N N 387 
TRP C   OXT  sing N N 388 
TRP CB  CG   sing N N 389 
TRP CB  HB2  sing N N 390 
TRP CB  HB3  sing N N 391 
TRP CG  CD1  doub Y N 392 
TRP CG  CD2  sing Y N 393 
TRP CD1 NE1  sing Y N 394 
TRP CD1 HD1  sing N N 395 
TRP CD2 CE2  doub Y N 396 
TRP CD2 CE3  sing Y N 397 
TRP NE1 CE2  sing Y N 398 
TRP NE1 HE1  sing N N 399 
TRP CE2 CZ2  sing Y N 400 
TRP CE3 CZ3  doub Y N 401 
TRP CE3 HE3  sing N N 402 
TRP CZ2 CH2  doub Y N 403 
TRP CZ2 HZ2  sing N N 404 
TRP CZ3 CH2  sing Y N 405 
TRP CZ3 HZ3  sing N N 406 
TRP CH2 HH2  sing N N 407 
TRP OXT HXT  sing N N 408 
TYR N   CA   sing N N 409 
TYR N   H    sing N N 410 
TYR N   H2   sing N N 411 
TYR CA  C    sing N N 412 
TYR CA  CB   sing N N 413 
TYR CA  HA   sing N N 414 
TYR C   O    doub N N 415 
TYR C   OXT  sing N N 416 
TYR CB  CG   sing N N 417 
TYR CB  HB2  sing N N 418 
TYR CB  HB3  sing N N 419 
TYR CG  CD1  doub Y N 420 
TYR CG  CD2  sing Y N 421 
TYR CD1 CE1  sing Y N 422 
TYR CD1 HD1  sing N N 423 
TYR CD2 CE2  doub Y N 424 
TYR CD2 HD2  sing N N 425 
TYR CE1 CZ   doub Y N 426 
TYR CE1 HE1  sing N N 427 
TYR CE2 CZ   sing Y N 428 
TYR CE2 HE2  sing N N 429 
TYR CZ  OH   sing N N 430 
TYR OH  HH   sing N N 431 
TYR OXT HXT  sing N N 432 
VAL N   CA   sing N N 433 
VAL N   H    sing N N 434 
VAL N   H2   sing N N 435 
VAL CA  C    sing N N 436 
VAL CA  CB   sing N N 437 
VAL CA  HA   sing N N 438 
VAL C   O    doub N N 439 
VAL C   OXT  sing N N 440 
VAL CB  CG1  sing N N 441 
VAL CB  CG2  sing N N 442 
VAL CB  HB   sing N N 443 
VAL CG1 HG11 sing N N 444 
VAL CG1 HG12 sing N N 445 
VAL CG1 HG13 sing N N 446 
VAL CG2 HG21 sing N N 447 
VAL CG2 HG22 sing N N 448 
VAL CG2 HG23 sing N N 449 
VAL OXT HXT  sing N N 450 
# 
_pdbx_initial_refinement_model.accession_code   2HZR 
_pdbx_initial_refinement_model.details          ? 
_pdbx_initial_refinement_model.entity_id_list   1 
_pdbx_initial_refinement_model.id               1 
_pdbx_initial_refinement_model.source_name      PDB 
_pdbx_initial_refinement_model.type             'experimental model' 
# 
_atom_sites.entry_id                    2HZQ 
_atom_sites.fract_transf_matrix[1][1]   -0.00791902 
_atom_sites.fract_transf_matrix[1][2]   0.01469213 
_atom_sites.fract_transf_matrix[1][3]   0.01159547 
_atom_sites.fract_transf_matrix[2][1]   0.00367170 
_atom_sites.fract_transf_matrix[2][2]   -0.01112654 
_atom_sites.fract_transf_matrix[2][3]   0.01660552 
_atom_sites.fract_transf_matrix[3][1]   0.00626546 
_atom_sites.fract_transf_matrix[3][2]   0.00292411 
_atom_sites.fract_transf_matrix[3][3]   0.00057392 
_atom_sites.fract_transf_vector[1]      0.022962 
_atom_sites.fract_transf_vector[2]      0.548045 
_atom_sites.fract_transf_vector[3]      0.380520 
# 
loop_
_atom_type.symbol 
C  
N  
O  
S  
SE 
# 
loop_
_atom_site.group_PDB 
_atom_site.id 
_atom_site.type_symbol 
_atom_site.label_atom_id 
_atom_site.label_alt_id 
_atom_site.label_comp_id 
_atom_site.label_asym_id 
_atom_site.label_entity_id 
_atom_site.label_seq_id 
_atom_site.pdbx_PDB_ins_code 
_atom_site.Cartn_x 
_atom_site.Cartn_y 
_atom_site.Cartn_z 
_atom_site.occupancy 
_atom_site.B_iso_or_equiv 
_atom_site.pdbx_formal_charge 
_atom_site.auth_seq_id 
_atom_site.auth_comp_id 
_atom_site.auth_asym_id 
_atom_site.auth_atom_id 
_atom_site.pdbx_PDB_model_num 
ATOM   1    N  N   . PHE A 1 1   ? -14.157 -5.018  8.208   1.00 19.35 ? 3   PHE A N   1 
ATOM   2    C  CA  . PHE A 1 1   ? -14.494 -6.290  8.939   1.00 19.57 ? 3   PHE A CA  1 
ATOM   3    C  C   . PHE A 1 1   ? -15.446 -7.094  8.070   1.00 19.43 ? 3   PHE A C   1 
ATOM   4    O  O   . PHE A 1 1   ? -16.546 -6.636  7.756   1.00 19.74 ? 3   PHE A O   1 
ATOM   5    C  CB  . PHE A 1 1   ? -15.123 -6.006  10.318  1.00 20.47 ? 3   PHE A CB  1 
ATOM   6    C  CG  . PHE A 1 1   ? -15.451 -7.243  11.094  1.00 19.61 ? 3   PHE A CG  1 
ATOM   7    C  CD1 . PHE A 1 1   ? -14.450 -8.087  11.540  1.00 19.12 ? 3   PHE A CD1 1 
ATOM   8    C  CD2 . PHE A 1 1   ? -16.780 -7.584  11.354  1.00 24.32 ? 3   PHE A CD2 1 
ATOM   9    C  CE1 . PHE A 1 1   ? -14.744 -9.246  12.252  1.00 22.06 ? 3   PHE A CE1 1 
ATOM   10   C  CE2 . PHE A 1 1   ? -17.085 -8.761  12.052  1.00 22.83 ? 3   PHE A CE2 1 
ATOM   11   C  CZ  . PHE A 1 1   ? -16.067 -9.581  12.499  1.00 23.01 ? 3   PHE A CZ  1 
ATOM   12   N  N   . HIS A 1 2   ? -15.036 -8.303  7.703   1.00 18.61 ? 4   HIS A N   1 
ATOM   13   C  CA  . HIS A 1 2   ? -15.735 -9.053  6.661   1.00 18.70 ? 4   HIS A CA  1 
ATOM   14   C  C   . HIS A 1 2   ? -15.821 -10.524 6.977   1.00 17.92 ? 4   HIS A C   1 
ATOM   15   O  O   . HIS A 1 2   ? -14.991 -11.071 7.704   1.00 18.08 ? 4   HIS A O   1 
ATOM   16   C  CB  . HIS A 1 2   ? -15.020 -8.908  5.314   1.00 19.17 ? 4   HIS A CB  1 
ATOM   17   C  CG  . HIS A 1 2   ? -14.699 -7.495  4.948   1.00 21.22 ? 4   HIS A CG  1 
ATOM   18   N  ND1 . HIS A 1 2   ? -15.644 -6.615  4.471   1.00 22.91 ? 4   HIS A ND1 1 
ATOM   19   C  CD2 . HIS A 1 2   ? -13.530 -6.814  4.987   1.00 23.28 ? 4   HIS A CD2 1 
ATOM   20   C  CE1 . HIS A 1 2   ? -15.071 -5.447  4.241   1.00 23.91 ? 4   HIS A CE1 1 
ATOM   21   N  NE2 . HIS A 1 2   ? -13.786 -5.544  4.540   1.00 22.63 ? 4   HIS A NE2 1 
ATOM   22   N  N   . LEU A 1 3   ? -16.811 -11.178 6.389   1.00 18.31 ? 5   LEU A N   1 
ATOM   23   C  CA  . LEU A 1 3   ? -16.994 -12.608 6.590   1.00 17.76 ? 5   LEU A CA  1 
ATOM   24   C  C   . LEU A 1 3   ? -15.989 -13.441 5.811   1.00 17.52 ? 5   LEU A C   1 
ATOM   25   O  O   . LEU A 1 3   ? -15.657 -13.145 4.659   1.00 17.53 ? 5   LEU A O   1 
ATOM   26   C  CB  . LEU A 1 3   ? -18.425 -13.001 6.174   1.00 18.90 ? 5   LEU A CB  1 
ATOM   27   C  CG  . LEU A 1 3   ? -18.861 -14.431 6.466   1.00 18.90 ? 5   LEU A CG  1 
ATOM   28   C  CD1 . LEU A 1 3   ? -18.861 -14.652 7.961   1.00 19.66 ? 5   LEU A CD1 1 
ATOM   29   C  CD2 . LEU A 1 3   ? -20.260 -14.627 5.851   1.00 18.21 ? 5   LEU A CD2 1 
ATOM   30   N  N   . GLY A 1 4   ? -15.514 -14.507 6.431   1.00 16.74 ? 6   GLY A N   1 
ATOM   31   C  CA  . GLY A 1 4   ? -14.766 -15.520 5.700   1.00 16.38 ? 6   GLY A CA  1 
ATOM   32   C  C   . GLY A 1 4   ? -13.254 -15.368 5.695   1.00 17.36 ? 6   GLY A C   1 
ATOM   33   O  O   . GLY A 1 4   ? -12.680 -14.505 6.379   1.00 17.30 ? 6   GLY A O   1 
ATOM   34   N  N   . LYS A 1 5   ? -12.614 -16.233 4.932   1.00 17.41 ? 7   LYS A N   1 
ATOM   35   C  CA  . LYS A 1 5   ? -11.161 -16.182 4.816   1.00 18.34 ? 7   LYS A CA  1 
ATOM   36   C  C   . LYS A 1 5   ? -10.685 -14.967 3.992   1.00 16.73 ? 7   LYS A C   1 
ATOM   37   O  O   . LYS A 1 5   ? -11.441 -14.356 3.243   1.00 16.46 ? 7   LYS A O   1 
ATOM   38   C  CB  . LYS A 1 5   ? -10.621 -17.500 4.255   1.00 18.68 ? 7   LYS A CB  1 
ATOM   39   C  CG  . LYS A 1 5   ? -10.902 -17.708 2.820   1.00 22.22 ? 7   LYS A CG  1 
ATOM   40   C  CD  . LYS A 1 5   ? -10.297 -19.024 2.361   1.00 28.36 ? 7   LYS A CD  1 
ATOM   41   C  CE  . LYS A 1 5   ? -10.772 -19.392 0.959   1.00 32.60 ? 7   LYS A CE  1 
ATOM   42   N  NZ  . LYS A 1 5   ? -10.373 -20.805 0.624   1.00 35.52 ? 7   LYS A NZ  1 
ATOM   43   N  N   . CYS A 1 6   ? -9.429  -14.606 4.182   1.00 16.86 ? 8   CYS A N   1 
ATOM   44   C  CA  . CYS A 1 6   ? -8.853  -13.468 3.472   1.00 17.18 ? 8   CYS A CA  1 
ATOM   45   C  C   . CYS A 1 6   ? -8.914  -13.743 1.981   1.00 16.36 ? 8   CYS A C   1 
ATOM   46   O  O   . CYS A 1 6   ? -8.573  -14.862 1.552   1.00 16.97 ? 8   CYS A O   1 
ATOM   47   C  CB  . CYS A 1 6   ? -7.391  -13.339 3.867   1.00 16.58 ? 8   CYS A CB  1 
ATOM   48   S  SG  . CYS A 1 6   ? -7.171  -12.231 5.268   1.00 19.80 ? 8   CYS A SG  1 
ATOM   49   N  N   . PRO A 1 7   ? -9.339  -12.766 1.195   1.00 15.38 ? 9   PRO A N   1 
ATOM   50   C  CA  . PRO A 1 7   ? -9.184  -12.871 -0.259  1.00 16.58 ? 9   PRO A CA  1 
ATOM   51   C  C   . PRO A 1 7   ? -7.725  -13.107 -0.598  1.00 17.15 ? 9   PRO A C   1 
ATOM   52   O  O   . PRO A 1 7   ? -6.829  -12.666 0.145   1.00 17.29 ? 9   PRO A O   1 
ATOM   53   C  CB  . PRO A 1 7   ? -9.642  -11.502 -0.762  1.00 15.70 ? 9   PRO A CB  1 
ATOM   54   C  CG  . PRO A 1 7   ? -10.649 -11.069 0.287   1.00 15.99 ? 9   PRO A CG  1 
ATOM   55   C  CD  . PRO A 1 7   ? -9.989  -11.510 1.600   1.00 16.05 ? 9   PRO A CD  1 
ATOM   56   N  N   . ASN A 1 8   ? -7.478  -13.814 -1.691  1.00 18.24 ? 10  ASN A N   1 
ATOM   57   C  CA  . ASN A 1 8   ? -6.117  -14.037 -2.120  1.00 19.56 ? 10  ASN A CA  1 
ATOM   58   C  C   . ASN A 1 8   ? -5.996  -13.695 -3.615  1.00 18.50 ? 10  ASN A C   1 
ATOM   59   O  O   . ASN A 1 8   ? -5.854  -14.584 -4.468  1.00 19.56 ? 10  ASN A O   1 
ATOM   60   C  CB  . ASN A 1 8   ? -5.643  -15.454 -1.762  1.00 20.97 ? 10  ASN A CB  1 
ATOM   61   C  CG  . ASN A 1 8   ? -4.161  -15.687 -2.086  1.00 25.10 ? 10  ASN A CG  1 
ATOM   62   O  OD1 . ASN A 1 8   ? -3.278  -14.852 -1.781  1.00 29.31 ? 10  ASN A OD1 1 
ATOM   63   N  ND2 . ASN A 1 8   ? -3.884  -16.818 -2.710  1.00 28.06 ? 10  ASN A ND2 1 
ATOM   64   N  N   . PRO A 1 9   ? -6.040  -12.396 -3.925  1.00 17.45 ? 11  PRO A N   1 
ATOM   65   C  CA  . PRO A 1 9   ? -5.972  -11.942 -5.325  1.00 16.12 ? 11  PRO A CA  1 
ATOM   66   C  C   . PRO A 1 9   ? -4.618  -12.313 -5.927  1.00 16.37 ? 11  PRO A C   1 
ATOM   67   O  O   . PRO A 1 9   ? -3.624  -12.351 -5.189  1.00 14.70 ? 11  PRO A O   1 
ATOM   68   C  CB  . PRO A 1 9   ? -6.102  -10.412 -5.224  1.00 17.07 ? 11  PRO A CB  1 
ATOM   69   C  CG  . PRO A 1 9   ? -5.757  -10.066 -3.814  1.00 16.36 ? 11  PRO A CG  1 
ATOM   70   C  CD  . PRO A 1 9   ? -6.165  -11.276 -2.983  1.00 16.74 ? 11  PRO A CD  1 
ATOM   71   N  N   . PRO A 1 10  ? -4.561  -12.554 -7.245  1.00 16.06 ? 12  PRO A N   1 
ATOM   72   C  CA  . PRO A 1 10  ? -3.266  -12.758 -7.910  1.00 16.46 ? 12  PRO A CA  1 
ATOM   73   C  C   . PRO A 1 10  ? -2.418  -11.494 -7.733  1.00 16.12 ? 12  PRO A C   1 
ATOM   74   O  O   . PRO A 1 10  ? -2.954  -10.386 -7.632  1.00 16.46 ? 12  PRO A O   1 
ATOM   75   C  CB  . PRO A 1 10  ? -3.623  -12.935 -9.386  1.00 17.41 ? 12  PRO A CB  1 
ATOM   76   C  CG  . PRO A 1 10  ? -5.087  -12.636 -9.542  1.00 18.52 ? 12  PRO A CG  1 
ATOM   77   C  CD  . PRO A 1 10  ? -5.696  -12.608 -8.181  1.00 16.83 ? 12  PRO A CD  1 
ATOM   78   N  N   . VAL A 1 11  ? -1.113  -11.667 -7.671  1.00 16.21 ? 13  VAL A N   1 
ATOM   79   C  CA  . VAL A 1 11  ? -0.221  -10.504 -7.568  1.00 15.97 ? 13  VAL A CA  1 
ATOM   80   C  C   . VAL A 1 11  ? 0.460   -10.244 -8.897  1.00 16.40 ? 13  VAL A C   1 
ATOM   81   O  O   . VAL A 1 11  ? 0.275   -10.996 -9.849  1.00 15.87 ? 13  VAL A O   1 
ATOM   82   C  CB  . VAL A 1 11  ? 0.801   -10.680 -6.439  1.00 16.25 ? 13  VAL A CB  1 
ATOM   83   C  CG1 . VAL A 1 11  ? 0.084   -10.763 -5.064  1.00 16.92 ? 13  VAL A CG1 1 
ATOM   84   C  CG2 . VAL A 1 11  ? 1.675   -11.908 -6.693  1.00 16.94 ? 13  VAL A CG2 1 
ATOM   85   N  N   . GLN A 1 12  ? 1.219   -9.146  -8.953  1.00 16.05 ? 14  GLN A N   1 
ATOM   86   C  CA  . GLN A 1 12  ? 1.844   -8.671  -10.170 1.00 16.70 ? 14  GLN A CA  1 
ATOM   87   C  C   . GLN A 1 12  ? 2.791   -9.739  -10.724 1.00 17.40 ? 14  GLN A C   1 
ATOM   88   O  O   . GLN A 1 12  ? 3.682   -10.238 -10.014 1.00 16.86 ? 14  GLN A O   1 
ATOM   89   C  CB  . GLN A 1 12  ? 2.628   -7.386  -9.876  1.00 16.15 ? 14  GLN A CB  1 
ATOM   90   C  CG  . GLN A 1 12  ? 3.488   -6.894  -11.051 1.00 17.02 ? 14  GLN A CG  1 
ATOM   91   C  CD  . GLN A 1 12  ? 2.665   -6.525  -12.261 1.00 16.33 ? 14  GLN A CD  1 
ATOM   92   O  OE1 . GLN A 1 12  ? 1.722   -5.717  -12.180 1.00 16.01 ? 14  GLN A OE1 1 
ATOM   93   N  NE2 . GLN A 1 12  ? 3.005   -7.126  -13.405 1.00 21.44 ? 14  GLN A NE2 1 
ATOM   94   N  N   . GLU A 1 13  ? 2.566   -10.078 -11.989 1.00 20.10 ? 15  GLU A N   1 
ATOM   95   C  CA  . GLU A 1 13  ? 3.357   -11.093 -12.688 1.00 22.74 ? 15  GLU A CA  1 
ATOM   96   C  C   . GLU A 1 13  ? 4.743   -10.549 -12.962 1.00 22.21 ? 15  GLU A C   1 
ATOM   97   O  O   . GLU A 1 13  ? 4.897   -9.360  -13.245 1.00 23.05 ? 15  GLU A O   1 
ATOM   98   C  CB  . GLU A 1 13  ? 2.700   -11.443 -14.024 1.00 22.09 ? 15  GLU A CB  1 
ATOM   99   C  CG  . GLU A 1 13  ? 1.334   -12.093 -13.926 1.00 26.64 ? 15  GLU A CG  1 
ATOM   100  C  CD  . GLU A 1 13  ? 0.759   -12.489 -15.291 1.00 27.78 ? 15  GLU A CD  1 
ATOM   101  O  OE1 . GLU A 1 13  ? 1.269   -12.012 -16.341 1.00 33.96 ? 15  GLU A OE1 1 
ATOM   102  O  OE2 . GLU A 1 13  ? -0.200  -13.292 -15.314 1.00 33.47 ? 15  GLU A OE2 1 
ATOM   103  N  N   . ASN A 1 14  ? 5.739   -11.425 -12.877 1.00 22.61 ? 16  ASN A N   1 
ATOM   104  C  CA  . ASN A 1 14  ? 7.123   -11.089 -13.255 1.00 22.71 ? 16  ASN A CA  1 
ATOM   105  C  C   . ASN A 1 14  ? 7.592   -9.846  -12.496 1.00 21.98 ? 16  ASN A C   1 
ATOM   106  O  O   . ASN A 1 14  ? 8.269   -8.961  -13.063 1.00 21.80 ? 16  ASN A O   1 
ATOM   107  C  CB  . ASN A 1 14  ? 7.246   -10.889 -14.781 1.00 23.23 ? 16  ASN A CB  1 
ATOM   108  C  CG  . ASN A 1 14  ? 6.768   -12.091 -15.568 1.00 24.68 ? 16  ASN A CG  1 
ATOM   109  O  OD1 . ASN A 1 14  ? 7.232   -13.195 -15.345 1.00 28.02 ? 16  ASN A OD1 1 
ATOM   110  N  ND2 . ASN A 1 14  ? 5.802   -11.886 -16.459 1.00 25.90 ? 16  ASN A ND2 1 
ATOM   111  N  N   . PHE A 1 15  ? 7.228   -9.789  -11.209 1.00 20.83 ? 17  PHE A N   1 
ATOM   112  C  CA  . PHE A 1 15  ? 7.527   -8.619  -10.393 1.00 19.58 ? 17  PHE A CA  1 
ATOM   113  C  C   . PHE A 1 15  ? 9.034   -8.403  -10.248 1.00 19.94 ? 17  PHE A C   1 
ATOM   114  O  O   . PHE A 1 15  ? 9.744   -9.309  -9.840  1.00 20.01 ? 17  PHE A O   1 
ATOM   115  C  CB  . PHE A 1 15  ? 6.901   -8.725  -8.995  1.00 18.78 ? 17  PHE A CB  1 
ATOM   116  C  CG  . PHE A 1 15  ? 7.246   -7.541  -8.081  1.00 17.25 ? 17  PHE A CG  1 
ATOM   117  C  CD1 . PHE A 1 15  ? 6.800   -6.254  -8.378  1.00 16.29 ? 17  PHE A CD1 1 
ATOM   118  C  CD2 . PHE A 1 15  ? 8.024   -7.727  -6.927  1.00 15.46 ? 17  PHE A CD2 1 
ATOM   119  C  CE1 . PHE A 1 15  ? 7.126   -5.153  -7.545  1.00 16.40 ? 17  PHE A CE1 1 
ATOM   120  C  CE2 . PHE A 1 15  ? 8.344   -6.648  -6.086  1.00 15.81 ? 17  PHE A CE2 1 
ATOM   121  C  CZ  . PHE A 1 15  ? 7.888   -5.349  -6.402  1.00 15.63 ? 17  PHE A CZ  1 
ATOM   122  N  N   . ASP A 1 16  ? 9.492   -7.188  -10.557 1.00 19.73 ? 18  ASP A N   1 
ATOM   123  C  CA  . ASP A 1 16  ? 10.904  -6.835  -10.492 1.00 20.30 ? 18  ASP A CA  1 
ATOM   124  C  C   . ASP A 1 16  ? 11.145  -5.828  -9.360  1.00 19.69 ? 18  ASP A C   1 
ATOM   125  O  O   . ASP A 1 16  ? 10.945  -4.621  -9.517  1.00 20.01 ? 18  ASP A O   1 
ATOM   126  C  CB  . ASP A 1 16  ? 11.357  -6.290  -11.854 1.00 21.34 ? 18  ASP A CB  1 
ATOM   127  C  CG  . ASP A 1 16  ? 12.860  -6.044  -11.926 1.00 23.04 ? 18  ASP A CG  1 
ATOM   128  O  OD1 . ASP A 1 16  ? 13.566  -6.181  -10.913 1.00 22.54 ? 18  ASP A OD1 1 
ATOM   129  O  OD2 . ASP A 1 16  ? 13.412  -5.691  -12.986 1.00 26.32 ? 18  ASP A OD2 1 
ATOM   130  N  N   . VAL A 1 17  ? 11.556  -6.345  -8.205  1.00 19.88 ? 19  VAL A N   1 
ATOM   131  C  CA  . VAL A 1 17  ? 11.757  -5.538  -7.020  1.00 20.23 ? 19  VAL A CA  1 
ATOM   132  C  C   . VAL A 1 17  ? 12.731  -4.383  -7.291  1.00 20.32 ? 19  VAL A C   1 
ATOM   133  O  O   . VAL A 1 17  ? 12.638  -3.338  -6.652  1.00 18.76 ? 19  VAL A O   1 
ATOM   134  C  CB  . VAL A 1 17  ? 12.199  -6.419  -5.816  1.00 20.78 ? 19  VAL A CB  1 
ATOM   135  C  CG1 . VAL A 1 17  ? 13.667  -6.911  -5.945  1.00 21.41 ? 19  VAL A CG1 1 
ATOM   136  C  CG2 . VAL A 1 17  ? 11.960  -5.719  -4.498  1.00 22.39 ? 19  VAL A CG2 1 
ATOM   137  N  N   . ASN A 1 18  ? 13.665  -4.575  -8.232  1.00 20.03 ? 20  ASN A N   1 
ATOM   138  C  CA  . ASN A 1 18  ? 14.658  -3.512  -8.503  1.00 20.69 ? 20  ASN A CA  1 
ATOM   139  C  C   . ASN A 1 18  ? 14.078  -2.260  -9.108  1.00 19.49 ? 20  ASN A C   1 
ATOM   140  O  O   . ASN A 1 18  ? 14.713  -1.211  -9.042  1.00 19.27 ? 20  ASN A O   1 
ATOM   141  C  CB  . ASN A 1 18  ? 15.823  -3.998  -9.379  1.00 20.83 ? 20  ASN A CB  1 
ATOM   142  C  CG  . ASN A 1 18  ? 16.581  -5.137  -8.747  1.00 23.81 ? 20  ASN A CG  1 
ATOM   143  O  OD1 . ASN A 1 18  ? 17.234  -4.985  -7.707  1.00 29.25 ? 20  ASN A OD1 1 
ATOM   144  N  ND2 . ASN A 1 18  ? 16.473  -6.300  -9.352  1.00 28.03 ? 20  ASN A ND2 1 
ATOM   145  N  N   . LYS A 1 19  ? 12.894  -2.366  -9.731  1.00 18.29 ? 21  LYS A N   1 
ATOM   146  C  CA  . LYS A 1 19  ? 12.229  -1.214  -10.314 1.00 17.54 ? 21  LYS A CA  1 
ATOM   147  C  C   . LYS A 1 19  ? 11.188  -0.570  -9.377  1.00 17.18 ? 21  LYS A C   1 
ATOM   148  O  O   . LYS A 1 19  ? 10.584  0.439   -9.722  1.00 16.77 ? 21  LYS A O   1 
ATOM   149  C  CB  . LYS A 1 19  ? 11.577  -1.599  -11.635 1.00 18.49 ? 21  LYS A CB  1 
ATOM   150  C  CG  . LYS A 1 19  ? 12.571  -2.117  -12.694 1.00 20.21 ? 21  LYS A CG  1 
ATOM   151  C  CD  . LYS A 1 19  ? 11.879  -2.379  -14.017 1.00 26.52 ? 21  LYS A CD  1 
ATOM   152  C  CE  . LYS A 1 19  ? 12.917  -2.407  -15.152 1.00 29.09 ? 21  LYS A CE  1 
ATOM   153  N  NZ  . LYS A 1 19  ? 12.291  -2.617  -16.492 1.00 33.47 ? 21  LYS A NZ  1 
ATOM   154  N  N   . TYR A 1 20  ? 11.004  -1.156  -8.193  1.00 15.84 ? 22  TYR A N   1 
ATOM   155  C  CA  . TYR A 1 20  ? 9.999   -0.688  -7.238  1.00 15.89 ? 22  TYR A CA  1 
ATOM   156  C  C   . TYR A 1 20  ? 10.435  0.437   -6.288  1.00 15.56 ? 22  TYR A C   1 
ATOM   157  O  O   . TYR A 1 20  ? 9.571   1.146   -5.793  1.00 15.11 ? 22  TYR A O   1 
ATOM   158  C  CB  . TYR A 1 20  ? 9.456   -1.875  -6.418  1.00 15.56 ? 22  TYR A CB  1 
ATOM   159  C  CG  . TYR A 1 20  ? 8.111   -1.610  -5.774  1.00 13.57 ? 22  TYR A CG  1 
ATOM   160  C  CD1 . TYR A 1 20  ? 6.961   -1.464  -6.552  1.00 15.19 ? 22  TYR A CD1 1 
ATOM   161  C  CD2 . TYR A 1 20  ? 8.003   -1.481  -4.390  1.00 12.79 ? 22  TYR A CD2 1 
ATOM   162  C  CE1 . TYR A 1 20  ? 5.712   -1.157  -5.957  1.00 11.80 ? 22  TYR A CE1 1 
ATOM   163  C  CE2 . TYR A 1 20  ? 6.751   -1.219  -3.766  1.00 13.07 ? 22  TYR A CE2 1 
ATOM   164  C  CZ  . TYR A 1 20  ? 5.629   -1.072  -4.560  1.00 13.32 ? 22  TYR A CZ  1 
ATOM   165  O  OH  . TYR A 1 20  ? 4.407   -0.824  -3.982  1.00 14.03 ? 22  TYR A OH  1 
ATOM   166  N  N   . PRO A 1 21  ? 11.737  0.607   -5.991  1.00 16.20 ? 23  PRO A N   1 
ATOM   167  C  CA  . PRO A 1 21  ? 12.137  1.590   -4.965  1.00 15.65 ? 23  PRO A CA  1 
ATOM   168  C  C   . PRO A 1 21  ? 11.894  3.030   -5.329  1.00 14.60 ? 23  PRO A C   1 
ATOM   169  O  O   . PRO A 1 21  ? 11.579  3.329   -6.456  1.00 15.36 ? 23  PRO A O   1 
ATOM   170  C  CB  . PRO A 1 21  ? 13.663  1.375   -4.811  1.00 15.90 ? 23  PRO A CB  1 
ATOM   171  C  CG  . PRO A 1 21  ? 13.934  -0.003  -5.367  1.00 17.83 ? 23  PRO A CG  1 
ATOM   172  C  CD  . PRO A 1 21  ? 12.900  -0.156  -6.489  1.00 17.03 ? 23  PRO A CD  1 
ATOM   173  N  N   . GLY A 1 22  ? 12.129  3.925   -4.375  1.00 14.34 ? 24  GLY A N   1 
ATOM   174  C  CA  . GLY A 1 22  ? 11.964  5.346   -4.630  1.00 14.24 ? 24  GLY A CA  1 
ATOM   175  C  C   . GLY A 1 22  ? 10.689  5.826   -3.952  1.00 14.71 ? 24  GLY A C   1 
ATOM   176  O  O   . GLY A 1 22  ? 10.137  5.126   -3.084  1.00 14.45 ? 24  GLY A O   1 
ATOM   177  N  N   . ARG A 1 23  ? 10.188  6.975   -4.388  1.00 14.26 ? 25  ARG A N   1 
ATOM   178  C  CA  . ARG A 1 23  ? 9.068   7.616   -3.714  1.00 14.58 ? 25  ARG A CA  1 
ATOM   179  C  C   . ARG A 1 23  ? 7.726   7.254   -4.379  1.00 13.17 ? 25  ARG A C   1 
ATOM   180  O  O   . ARG A 1 23  ? 7.598   7.290   -5.608  1.00 12.10 ? 25  ARG A O   1 
ATOM   181  C  CB  . ARG A 1 23  ? 9.247   9.138   -3.694  1.00 14.86 ? 25  ARG A CB  1 
ATOM   182  C  CG  . ARG A 1 23  ? 8.133   9.900   -2.964  1.00 15.42 ? 25  ARG A CG  1 
ATOM   183  C  CD  . ARG A 1 23  ? 8.252   11.429  -3.125  1.00 19.72 ? 25  ARG A CD  1 
ATOM   184  N  NE  . ARG A 1 23  ? 8.342   11.744  -4.556  1.00 29.69 ? 25  ARG A NE  1 
ATOM   185  C  CZ  . ARG A 1 23  ? 8.985   12.778  -5.098  1.00 32.84 ? 25  ARG A CZ  1 
ATOM   186  N  NH1 . ARG A 1 23  ? 9.626   13.672  -4.348  1.00 33.94 ? 25  ARG A NH1 1 
ATOM   187  N  NH2 . ARG A 1 23  ? 8.958   12.929  -6.414  1.00 36.03 ? 25  ARG A NH2 1 
ATOM   188  N  N   . TRP A 1 24  ? 6.742   6.923   -3.541  1.00 12.12 ? 26  TRP A N   1 
ATOM   189  C  CA  . TRP A 1 24  ? 5.391   6.643   -3.993  1.00 12.51 ? 26  TRP A CA  1 
ATOM   190  C  C   . TRP A 1 24  ? 4.464   7.529   -3.164  1.00 13.19 ? 26  TRP A C   1 
ATOM   191  O  O   . TRP A 1 24  ? 4.565   7.562   -1.922  1.00 14.28 ? 26  TRP A O   1 
ATOM   192  C  CB  . TRP A 1 24  ? 5.043   5.166   -3.739  1.00 12.23 ? 26  TRP A CB  1 
ATOM   193  C  CG  . TRP A 1 24  ? 5.689   4.168   -4.644  1.00 13.38 ? 26  TRP A CG  1 
ATOM   194  C  CD1 . TRP A 1 24  ? 6.759   3.350   -4.346  1.00 12.43 ? 26  TRP A CD1 1 
ATOM   195  C  CD2 . TRP A 1 24  ? 5.256   3.803   -5.948  1.00 10.40 ? 26  TRP A CD2 1 
ATOM   196  N  NE1 . TRP A 1 24  ? 7.048   2.536   -5.423  1.00 14.46 ? 26  TRP A NE1 1 
ATOM   197  C  CE2 . TRP A 1 24  ? 6.143   2.798   -6.424  1.00 12.72 ? 26  TRP A CE2 1 
ATOM   198  C  CE3 . TRP A 1 24  ? 4.232   4.258   -6.797  1.00 10.48 ? 26  TRP A CE3 1 
ATOM   199  C  CZ2 . TRP A 1 24  ? 6.024   2.225   -7.686  1.00 12.61 ? 26  TRP A CZ2 1 
ATOM   200  C  CZ3 . TRP A 1 24  ? 4.121   3.679   -8.078  1.00 11.48 ? 26  TRP A CZ3 1 
ATOM   201  C  CH2 . TRP A 1 24  ? 5.020   2.683   -8.502  1.00 14.97 ? 26  TRP A CH2 1 
ATOM   202  N  N   . TYR A 1 25  ? 3.562   8.240   -3.828  1.00 12.34 ? 27  TYR A N   1 
ATOM   203  C  CA  . TYR A 1 25  ? 2.560   9.015   -3.145  1.00 13.09 ? 27  TYR A CA  1 
ATOM   204  C  C   . TYR A 1 25  ? 1.292   8.193   -2.969  1.00 13.79 ? 27  TYR A C   1 
ATOM   205  O  O   . TYR A 1 25  ? 0.924   7.436   -3.873  1.00 13.82 ? 27  TYR A O   1 
ATOM   206  C  CB  . TYR A 1 25  ? 2.180   10.208  -3.985  1.00 14.24 ? 27  TYR A CB  1 
ATOM   207  C  CG  . TYR A 1 25  ? 3.281   11.190  -4.147  1.00 14.96 ? 27  TYR A CG  1 
ATOM   208  C  CD1 . TYR A 1 25  ? 4.131   11.132  -5.262  1.00 16.02 ? 27  TYR A CD1 1 
ATOM   209  C  CD2 . TYR A 1 25  ? 3.475   12.188  -3.185  1.00 14.80 ? 27  TYR A CD2 1 
ATOM   210  C  CE1 . TYR A 1 25  ? 5.168   12.083  -5.427  1.00 18.70 ? 27  TYR A CE1 1 
ATOM   211  C  CE2 . TYR A 1 25  ? 4.498   13.134  -3.331  1.00 16.28 ? 27  TYR A CE2 1 
ATOM   212  C  CZ  . TYR A 1 25  ? 5.326   13.071  -4.442  1.00 17.84 ? 27  TYR A CZ  1 
ATOM   213  O  OH  . TYR A 1 25  ? 6.314   14.021  -4.558  1.00 21.33 ? 27  TYR A OH  1 
ATOM   214  N  N   . GLU A 1 26  ? 0.604   8.389   -1.846  1.00 13.66 ? 28  GLU A N   1 
ATOM   215  C  CA  . GLU A 1 26  ? -0.680  7.698   -1.638  1.00 12.45 ? 28  GLU A CA  1 
ATOM   216  C  C   . GLU A 1 26  ? -1.793  8.468   -2.354  1.00 12.06 ? 28  GLU A C   1 
ATOM   217  O  O   . GLU A 1 26  ? -2.037  9.647   -2.044  1.00 12.51 ? 28  GLU A O   1 
ATOM   218  C  CB  . GLU A 1 26  ? -0.977  7.557   -0.147  1.00 12.86 ? 28  GLU A CB  1 
ATOM   219  C  CG  . GLU A 1 26  ? -2.247  6.749   0.132   1.00 13.39 ? 28  GLU A CG  1 
ATOM   220  C  CD  . GLU A 1 26  ? -2.576  6.824   1.590   1.00 14.34 ? 28  GLU A CD  1 
ATOM   221  O  OE1 . GLU A 1 26  ? -3.396  7.720   1.960   1.00 14.88 ? 28  GLU A OE1 1 
ATOM   222  O  OE2 . GLU A 1 26  ? -1.965  6.029   2.341   1.00 14.50 ? 28  GLU A OE2 1 
ATOM   223  N  N   . ILE A 1 27  ? -2.490  7.800   -3.282  1.00 10.92 ? 29  ILE A N   1 
ATOM   224  C  CA  . ILE A 1 27  ? -3.584  8.428   -4.011  1.00 10.91 ? 29  ILE A CA  1 
ATOM   225  C  C   . ILE A 1 27  ? -4.948  8.152   -3.346  1.00 11.70 ? 29  ILE A C   1 
ATOM   226  O  O   . ILE A 1 27  ? -5.745  9.099   -3.096  1.00 11.95 ? 29  ILE A O   1 
ATOM   227  C  CB  . ILE A 1 27  ? -3.597  7.986   -5.494  1.00 9.76  ? 29  ILE A CB  1 
ATOM   228  C  CG1 . ILE A 1 27  ? -2.216  8.233   -6.136  1.00 12.80 ? 29  ILE A CG1 1 
ATOM   229  C  CG2 . ILE A 1 27  ? -4.747  8.713   -6.272  1.00 9.51  ? 29  ILE A CG2 1 
ATOM   230  C  CD1 . ILE A 1 27  ? -1.754  9.705   -6.000  1.00 11.52 ? 29  ILE A CD1 1 
ATOM   231  N  N   . GLU A 1 28  ? -5.213  6.862   -3.097  1.00 11.78 ? 30  GLU A N   1 
ATOM   232  C  CA  . GLU A 1 28  ? -6.434  6.408   -2.389  1.00 11.93 ? 30  GLU A CA  1 
ATOM   233  C  C   . GLU A 1 28  ? -6.089  5.232   -1.492  1.00 12.17 ? 30  GLU A C   1 
ATOM   234  O  O   . GLU A 1 28  ? -5.107  4.518   -1.745  1.00 11.37 ? 30  GLU A O   1 
ATOM   235  C  CB  . GLU A 1 28  ? -7.552  5.961   -3.351  1.00 12.58 ? 30  GLU A CB  1 
ATOM   236  C  CG  . GLU A 1 28  ? -8.060  7.065   -4.236  1.00 15.14 ? 30  GLU A CG  1 
ATOM   237  C  CD  . GLU A 1 28  ? -9.468  6.822   -4.767  1.00 20.59 ? 30  GLU A CD  1 
ATOM   238  O  OE1 . GLU A 1 28  ? -10.289 6.176   -4.085  1.00 20.42 ? 30  GLU A OE1 1 
ATOM   239  O  OE2 . GLU A 1 28  ? -9.754  7.353   -5.844  1.00 22.62 ? 30  GLU A OE2 1 
ATOM   240  N  N   . LYS A 1 29  ? -6.867  5.050   -0.426  1.00 11.71 ? 31  LYS A N   1 
ATOM   241  C  CA  . LYS A 1 29  ? -6.676  3.891   0.448   1.00 13.40 ? 31  LYS A CA  1 
ATOM   242  C  C   . LYS A 1 29  ? -7.967  3.496   1.143   1.00 13.96 ? 31  LYS A C   1 
ATOM   243  O  O   . LYS A 1 29  ? -8.881  4.330   1.288   1.00 13.83 ? 31  LYS A O   1 
ATOM   244  C  CB  . LYS A 1 29  ? -5.627  4.188   1.537   1.00 13.30 ? 31  LYS A CB  1 
ATOM   245  C  CG  . LYS A 1 29  ? -5.947  5.416   2.421   1.00 13.74 ? 31  LYS A CG  1 
ATOM   246  C  CD  . LYS A 1 29  ? -5.132  5.343   3.747   1.00 16.10 ? 31  LYS A CD  1 
ATOM   247  C  CE  . LYS A 1 29  ? -5.370  6.601   4.639   1.00 18.76 ? 31  LYS A CE  1 
ATOM   248  N  NZ  . LYS A 1 29  ? -5.001  7.906   3.995   1.00 19.22 ? 31  LYS A NZ  1 
ATOM   249  N  N   . ILE A 1 30  ? -8.026  2.243   1.605   1.00 14.52 ? 32  ILE A N   1 
ATOM   250  C  CA  . ILE A 1 30  ? -8.987  1.901   2.639   1.00 16.52 ? 32  ILE A CA  1 
ATOM   251  C  C   . ILE A 1 30  ? -8.435  2.472   3.969   1.00 18.47 ? 32  ILE A C   1 
ATOM   252  O  O   . ILE A 1 30  ? -7.351  2.109   4.387   1.00 18.20 ? 32  ILE A O   1 
ATOM   253  C  CB  . ILE A 1 30  ? -9.220  0.380   2.737   1.00 15.71 ? 32  ILE A CB  1 
ATOM   254  C  CG1 . ILE A 1 30  ? -9.715  -0.180  1.394   1.00 14.47 ? 32  ILE A CG1 1 
ATOM   255  C  CG2 . ILE A 1 30  ? -10.138 0.108   3.959   1.00 18.60 ? 32  ILE A CG2 1 
ATOM   256  C  CD1 . ILE A 1 30  ? -9.664  -1.736  1.309   1.00 16.90 ? 32  ILE A CD1 1 
ATOM   257  N  N   . PRO A 1 31  ? -9.155  3.390   4.614   1.00 21.35 ? 33  PRO A N   1 
ATOM   258  C  CA  . PRO A 1 31  ? -8.631  4.045   5.820   1.00 23.53 ? 33  PRO A CA  1 
ATOM   259  C  C   . PRO A 1 31  ? -8.362  3.035   6.931   1.00 25.96 ? 33  PRO A C   1 
ATOM   260  O  O   . PRO A 1 31  ? -9.121  2.060   7.110   1.00 26.06 ? 33  PRO A O   1 
ATOM   261  C  CB  . PRO A 1 31  ? -9.747  5.013   6.231   1.00 23.68 ? 33  PRO A CB  1 
ATOM   262  C  CG  . PRO A 1 31  ? -10.637 5.120   5.076   1.00 24.00 ? 33  PRO A CG  1 
ATOM   263  C  CD  . PRO A 1 31  ? -10.512 3.837   4.283   1.00 21.78 ? 33  PRO A CD  1 
ATOM   264  N  N   . THR A 1 32  ? -7.256  3.244   7.631   1.00 28.09 ? 34  THR A N   1 
ATOM   265  C  CA  . THR A 1 32  ? -6.822  2.359   8.715   1.00 31.62 ? 34  THR A CA  1 
ATOM   266  C  C   . THR A 1 32  ? -7.306  2.944   10.045  1.00 33.09 ? 34  THR A C   1 
ATOM   267  O  O   . THR A 1 32  ? -7.571  2.217   11.006  1.00 33.98 ? 34  THR A O   1 
ATOM   268  C  CB  . THR A 1 32  ? -5.277  2.194   8.634   1.00 31.93 ? 34  THR A CB  1 
ATOM   269  O  OG1 . THR A 1 32  ? -4.954  0.884   8.128   1.00 33.57 ? 34  THR A OG1 1 
ATOM   270  C  CG2 . THR A 1 32  ? -4.605  2.272   9.987   1.00 32.57 ? 34  THR A CG2 1 
ATOM   271  N  N   . THR A 1 33  ? -7.429  4.266   10.064  1.00 34.70 ? 35  THR A N   1 
ATOM   272  C  CA  . THR A 1 33  ? -7.962  5.001   11.198  1.00 36.59 ? 35  THR A CA  1 
ATOM   273  C  C   . THR A 1 33  ? -8.838  6.176   10.727  1.00 37.43 ? 35  THR A C   1 
ATOM   274  O  O   . THR A 1 33  ? -8.742  6.614   9.577   1.00 37.22 ? 35  THR A O   1 
ATOM   275  C  CB  . THR A 1 33  ? -6.801  5.487   12.099  1.00 36.50 ? 35  THR A CB  1 
ATOM   276  O  OG1 . THR A 1 33  ? -7.325  6.294   13.156  1.00 37.46 ? 35  THR A OG1 1 
ATOM   277  C  CG2 . THR A 1 33  ? -5.861  6.449   11.339  1.00 36.66 ? 35  THR A CG2 1 
ATOM   278  N  N   . PHE A 1 34  ? -9.692  6.669   11.626  1.00 39.28 ? 36  PHE A N   1 
ATOM   279  C  CA  . PHE A 1 34  ? -10.506 7.860   11.374  1.00 40.95 ? 36  PHE A CA  1 
ATOM   280  C  C   . PHE A 1 34  ? -9.750  9.176   11.631  1.00 41.08 ? 36  PHE A C   1 
ATOM   281  O  O   . PHE A 1 34  ? -10.289 10.251  11.365  1.00 41.68 ? 36  PHE A O   1 
ATOM   282  C  CB  . PHE A 1 34  ? -11.797 7.817   12.205  1.00 42.01 ? 36  PHE A CB  1 
ATOM   283  C  CG  . PHE A 1 34  ? -12.981 7.191   11.487  1.00 44.54 ? 36  PHE A CG  1 
ATOM   284  C  CD1 . PHE A 1 34  ? -13.409 5.896   11.809  1.00 46.34 ? 36  PHE A CD1 1 
ATOM   285  C  CD2 . PHE A 1 34  ? -13.694 7.910   10.516  1.00 46.98 ? 36  PHE A CD2 1 
ATOM   286  C  CE1 . PHE A 1 34  ? -14.520 5.316   11.162  1.00 46.91 ? 36  PHE A CE1 1 
ATOM   287  C  CE2 . PHE A 1 34  ? -14.808 7.337   9.858   1.00 47.33 ? 36  PHE A CE2 1 
ATOM   288  C  CZ  . PHE A 1 34  ? -15.217 6.041   10.181  1.00 45.93 ? 36  PHE A CZ  1 
ATOM   289  N  N   . GLU A 1 35  ? -8.520  9.095   12.151  1.00 40.93 ? 37  GLU A N   1 
ATOM   290  C  CA  . GLU A 1 35  ? -7.633  10.282  12.272  1.00 40.82 ? 37  GLU A CA  1 
ATOM   291  C  C   . GLU A 1 35  ? -6.659  10.482  11.026  1.00 39.95 ? 37  GLU A C   1 
ATOM   292  O  O   . GLU A 1 35  ? -6.690  9.657   10.108  1.00 41.11 ? 37  GLU A O   1 
ATOM   293  C  CB  . GLU A 1 35  ? -6.987  10.331  13.670  1.00 41.45 ? 37  GLU A CB  1 
ATOM   294  C  CG  . GLU A 1 35  ? -7.905  9.857   14.821  1.00 41.47 ? 37  GLU A CG  1 
ATOM   295  C  CD  . GLU A 1 35  ? -9.005  10.839  15.263  1.00 42.81 ? 37  GLU A CD  1 
ATOM   296  O  OE1 . GLU A 1 35  ? -8.918  12.068  15.021  1.00 41.99 ? 37  GLU A OE1 1 
ATOM   297  O  OE2 . GLU A 1 35  ? -9.982  10.382  15.904  1.00 44.87 ? 37  GLU A OE2 1 
ATOM   298  N  N   . ASN A 1 36  ? -5.760  11.487  11.039  1.00 38.09 ? 38  ASN A N   1 
ATOM   299  C  CA  . ASN A 1 36  ? -5.651  12.596  9.993   1.00 34.86 ? 38  ASN A CA  1 
ATOM   300  C  C   . ASN A 1 36  ? -4.623  13.054  8.839   1.00 34.16 ? 38  ASN A C   1 
ATOM   301  O  O   . ASN A 1 36  ? -4.533  14.278  8.624   1.00 34.57 ? 38  ASN A O   1 
ATOM   302  C  CB  . ASN A 1 36  ? -5.580  13.813  10.903  1.00 36.47 ? 38  ASN A CB  1 
ATOM   303  C  CG  . ASN A 1 36  ? -4.441  13.696  11.921  1.00 36.77 ? 38  ASN A CG  1 
ATOM   304  O  OD1 . ASN A 1 36  ? -4.670  13.813  13.125  1.00 39.42 ? 38  ASN A OD1 1 
ATOM   305  N  ND2 . ASN A 1 36  ? -3.219  13.422  11.443  1.00 35.17 ? 38  ASN A ND2 1 
ATOM   306  N  N   . GLY A 1 37  ? -3.889  12.228  8.094   1.00 31.64 ? 39  GLY A N   1 
ATOM   307  C  CA  . GLY A 1 37  ? -2.812  12.803  7.194   1.00 28.87 ? 39  GLY A CA  1 
ATOM   308  C  C   . GLY A 1 37  ? -3.076  13.301  5.757   1.00 25.36 ? 39  GLY A C   1 
ATOM   309  O  O   . GLY A 1 37  ? -3.952  12.786  5.076   1.00 24.71 ? 39  GLY A O   1 
ATOM   310  N  N   . ARG A 1 38  ? -2.315  14.298  5.288   1.00 21.27 ? 40  ARG A N   1 
ATOM   311  C  CA  . ARG A 1 38  ? -2.338  14.739  3.878   1.00 19.48 ? 40  ARG A CA  1 
ATOM   312  C  C   . ARG A 1 38  ? -0.928  14.678  3.265   1.00 17.41 ? 40  ARG A C   1 
ATOM   313  O  O   . ARG A 1 38  ? 0.055   14.575  3.992   1.00 16.04 ? 40  ARG A O   1 
ATOM   314  C  CB  . ARG A 1 38  ? -2.925  16.158  3.720   1.00 18.75 ? 40  ARG A CB  1 
ATOM   315  C  CG  . ARG A 1 38  ? -2.186  17.213  4.508   1.00 21.08 ? 40  ARG A CG  1 
ATOM   316  C  CD  . ARG A 1 38  ? -2.507  18.680  4.142   1.00 22.51 ? 40  ARG A CD  1 
ATOM   317  N  NE  . ARG A 1 38  ? -2.134  19.543  5.268   1.00 26.77 ? 40  ARG A NE  1 
ATOM   318  C  CZ  . ARG A 1 38  ? -1.970  20.864  5.215   1.00 26.43 ? 40  ARG A CZ  1 
ATOM   319  N  NH1 . ARG A 1 38  ? -2.133  21.525  4.075   1.00 19.99 ? 40  ARG A NH1 1 
ATOM   320  N  NH2 . ARG A 1 38  ? -1.627  21.525  6.325   1.00 26.26 ? 40  ARG A NH2 1 
ATOM   321  N  N   . CYS A 1 39  ? -0.827  14.731  1.942   1.00 16.29 ? 41  CYS A N   1 
ATOM   322  C  CA  . CYS A 1 39  ? 0.487   14.751  1.267   1.00 16.60 ? 41  CYS A CA  1 
ATOM   323  C  C   . CYS A 1 39  ? 1.284   13.484  1.545   1.00 16.66 ? 41  CYS A C   1 
ATOM   324  O  O   . CYS A 1 39  ? 2.527   13.506  1.595   1.00 16.99 ? 41  CYS A O   1 
ATOM   325  C  CB  . CYS A 1 39  ? 1.292   15.998  1.714   1.00 16.78 ? 41  CYS A CB  1 
ATOM   326  S  SG  . CYS A 1 39  ? 0.269   17.471  1.658   1.00 19.12 ? 41  CYS A SG  1 
ATOM   327  N  N   . ILE A 1 40  ? 0.556   12.371  1.713   1.00 16.10 ? 42  ILE A N   1 
ATOM   328  C  CA  . ILE A 1 40  ? 1.119   11.113  2.212   1.00 15.87 ? 42  ILE A CA  1 
ATOM   329  C  C   . ILE A 1 40  ? 2.040   10.494  1.175   1.00 15.41 ? 42  ILE A C   1 
ATOM   330  O  O   . ILE A 1 40  ? 1.668   10.364  0.021   1.00 14.98 ? 42  ILE A O   1 
ATOM   331  C  CB  . ILE A 1 40  ? -0.006  10.134  2.618   1.00 15.71 ? 42  ILE A CB  1 
ATOM   332  C  CG1 . ILE A 1 40  ? -0.951  10.794  3.654   1.00 15.97 ? 42  ILE A CG1 1 
ATOM   333  C  CG2 . ILE A 1 40  ? 0.607   8.861   3.181   1.00 16.61 ? 42  ILE A CG2 1 
ATOM   334  C  CD1 . ILE A 1 40  ? -2.092  9.883   4.222   1.00 17.35 ? 42  ILE A CD1 1 
ATOM   335  N  N   . GLN A 1 41  ? 3.253   10.148  1.593   1.00 15.49 ? 43  GLN A N   1 
ATOM   336  C  CA  . GLN A 1 41  ? 4.263   9.619   0.669   1.00 15.91 ? 43  GLN A CA  1 
ATOM   337  C  C   . GLN A 1 41  ? 5.122   8.595   1.419   1.00 16.06 ? 43  GLN A C   1 
ATOM   338  O  O   . GLN A 1 41  ? 5.297   8.694   2.640   1.00 16.45 ? 43  GLN A O   1 
ATOM   339  C  CB  . GLN A 1 41  ? 5.136   10.734  0.092   1.00 16.58 ? 43  GLN A CB  1 
ATOM   340  C  CG  . GLN A 1 41  ? 5.871   11.589  1.151   1.00 16.79 ? 43  GLN A CG  1 
ATOM   341  C  CD  . GLN A 1 41  ? 7.116   12.227  0.587   1.00 22.57 ? 43  GLN A CD  1 
ATOM   342  O  OE1 . GLN A 1 41  ? 8.219   11.675  0.731   1.00 27.89 ? 43  GLN A OE1 1 
ATOM   343  N  NE2 . GLN A 1 41  ? 6.954   13.331  -0.122  1.00 22.39 ? 43  GLN A NE2 1 
ATOM   344  N  N   . ALA A 1 42  ? 5.624   7.609   0.692   1.00 15.25 ? 44  ALA A N   1 
ATOM   345  C  CA  . ALA A 1 42  ? 6.537   6.659   1.300   1.00 14.75 ? 44  ALA A CA  1 
ATOM   346  C  C   . ALA A 1 42  ? 7.746   6.535   0.394   1.00 14.32 ? 44  ALA A C   1 
ATOM   347  O  O   . ALA A 1 42  ? 7.609   6.446   -0.838  1.00 14.44 ? 44  ALA A O   1 
ATOM   348  C  CB  . ALA A 1 42  ? 5.864   5.318   1.466   1.00 16.13 ? 44  ALA A CB  1 
ATOM   349  N  N   . ASN A 1 43  ? 8.923   6.536   1.006   1.00 13.47 ? 45  ASN A N   1 
ATOM   350  C  CA  . ASN A 1 43  ? 10.158  6.241   0.274   1.00 14.31 ? 45  ASN A CA  1 
ATOM   351  C  C   . ASN A 1 43  ? 10.701  4.862   0.594   1.00 14.02 ? 45  ASN A C   1 
ATOM   352  O  O   . ASN A 1 43  ? 10.949  4.525   1.753   1.00 14.23 ? 45  ASN A O   1 
ATOM   353  C  CB  . ASN A 1 43  ? 11.255  7.296   0.563   1.00 14.84 ? 45  ASN A CB  1 
ATOM   354  C  CG  . ASN A 1 43  ? 12.394  7.202   -0.419  1.00 17.44 ? 45  ASN A CG  1 
ATOM   355  O  OD1 . ASN A 1 43  ? 12.186  7.387   -1.624  1.00 19.73 ? 45  ASN A OD1 1 
ATOM   356  N  ND2 . ASN A 1 43  ? 13.608  6.912   0.075   1.00 16.38 ? 45  ASN A ND2 1 
ATOM   357  N  N   . TYR A 1 44  ? 10.901  4.084   -0.461  1.00 14.80 ? 46  TYR A N   1 
ATOM   358  C  CA  . TYR A 1 44  ? 11.391  2.724   -0.369  1.00 14.54 ? 46  TYR A CA  1 
ATOM   359  C  C   . TYR A 1 44  ? 12.829  2.664   -0.843  1.00 15.52 ? 46  TYR A C   1 
ATOM   360  O  O   . TYR A 1 44  ? 13.158  3.177   -1.911  1.00 16.07 ? 46  TYR A O   1 
ATOM   361  C  CB  . TYR A 1 44  ? 10.550  1.820   -1.281  1.00 15.00 ? 46  TYR A CB  1 
ATOM   362  C  CG  . TYR A 1 44  ? 9.081   1.693   -0.840  1.00 13.74 ? 46  TYR A CG  1 
ATOM   363  C  CD1 . TYR A 1 44  ? 8.615   0.542   -0.195  1.00 17.93 ? 46  TYR A CD1 1 
ATOM   364  C  CD2 . TYR A 1 44  ? 8.183   2.718   -1.068  1.00 19.10 ? 46  TYR A CD2 1 
ATOM   365  C  CE1 . TYR A 1 44  ? 7.241   0.429   0.204   1.00 18.72 ? 46  TYR A CE1 1 
ATOM   366  C  CE2 . TYR A 1 44  ? 6.826   2.614   -0.679  1.00 19.09 ? 46  TYR A CE2 1 
ATOM   367  C  CZ  . TYR A 1 44  ? 6.370   1.473   -0.053  1.00 16.94 ? 46  TYR A CZ  1 
ATOM   368  O  OH  . TYR A 1 44  ? 5.028   1.411   0.299   1.00 14.77 ? 46  TYR A OH  1 
ATOM   369  N  N   . SER A 1 45  ? 13.680  2.046   -0.050  1.00 17.07 ? 47  SER A N   1 
ATOM   370  C  CA  . SER A 1 45  ? 15.052  1.818   -0.487  1.00 18.98 ? 47  SER A CA  1 
ATOM   371  C  C   . SER A 1 45  ? 15.458  0.336   -0.326  1.00 20.43 ? 47  SER A C   1 
ATOM   372  O  O   . SER A 1 45  ? 15.284  -0.258  0.736   1.00 20.23 ? 47  SER A O   1 
ATOM   373  C  CB  . SER A 1 45  ? 16.009  2.759   0.244   1.00 18.83 ? 47  SER A CB  1 
ATOM   374  O  OG  . SER A 1 45  ? 15.956  2.564   1.623   1.00 19.73 ? 47  SER A OG  1 
ATOM   375  N  N   . LEU A 1 46  ? 16.005  -0.233  -1.401  1.00 23.59 ? 48  LEU A N   1 
ATOM   376  C  CA  . LEU A 1 46  ? 16.190  -1.679  -1.517  1.00 26.21 ? 48  LEU A CA  1 
ATOM   377  C  C   . LEU A 1 46  ? 17.569  -2.042  -0.978  1.00 29.19 ? 48  LEU A C   1 
ATOM   378  O  O   . LEU A 1 46  ? 18.565  -1.512  -1.452  1.00 29.30 ? 48  LEU A O   1 
ATOM   379  C  CB  . LEU A 1 46  ? 16.080  -2.105  -2.982  1.00 26.26 ? 48  LEU A CB  1 
ATOM   380  C  CG  . LEU A 1 46  ? 15.491  -3.462  -3.428  1.00 27.68 ? 48  LEU A CG  1 
ATOM   381  C  CD1 . LEU A 1 46  ? 16.100  -3.883  -4.749  1.00 26.38 ? 48  LEU A CD1 1 
ATOM   382  C  CD2 . LEU A 1 46  ? 15.557  -4.608  -2.413  1.00 27.60 ? 48  LEU A CD2 1 
HETATM 383  N  N   . MSE A 1 47  ? 17.614  -2.940  0.005   1.00 32.41 ? 49  MSE A N   1 
HETATM 384  C  CA  . MSE A 1 47  ? 18.878  -3.365  0.615   1.00 36.13 ? 49  MSE A CA  1 
HETATM 385  C  C   . MSE A 1 47  ? 19.441  -4.619  -0.067  1.00 35.75 ? 49  MSE A C   1 
HETATM 386  O  O   . MSE A 1 47  ? 18.812  -5.200  -0.963  1.00 35.68 ? 49  MSE A O   1 
HETATM 387  C  CB  . MSE A 1 47  ? 18.717  -3.591  2.127   1.00 37.90 ? 49  MSE A CB  1 
HETATM 388  C  CG  . MSE A 1 47  ? 17.909  -2.511  2.886   1.00 46.17 ? 49  MSE A CG  1 
HETATM 389  SE SE  . MSE A 1 47  ? 18.867  -0.810  3.256   1.00 69.86 ? 49  MSE A SE  1 
HETATM 390  C  CE  . MSE A 1 47  ? 18.516  0.207   1.599   1.00 61.57 ? 49  MSE A CE  1 
ATOM   391  N  N   . GLU A 1 48  ? 20.582  -5.158  0.344   0.00 42.70 ? 50  GLU A N   1 
ATOM   392  C  CA  . GLU A 1 48  ? 21.488  -6.300  0.131   0.00 44.27 ? 50  GLU A CA  1 
ATOM   393  C  C   . GLU A 1 48  ? 20.987  -7.661  0.339   0.00 44.40 ? 50  GLU A C   1 
ATOM   394  O  O   . GLU A 1 48  ? 21.587  -8.676  -0.046  0.00 44.49 ? 50  GLU A O   1 
ATOM   395  C  CB  . GLU A 1 48  ? 22.681  -6.223  1.085   0.00 44.80 ? 50  GLU A CB  1 
ATOM   396  C  CG  . GLU A 1 48  ? 23.522  -4.967  0.925   0.00 47.97 ? 50  GLU A CG  1 
ATOM   397  C  CD  . GLU A 1 48  ? 23.047  -3.831  1.809   0.00 50.73 ? 50  GLU A CD  1 
ATOM   398  O  OE1 . GLU A 1 48  ? 22.057  -4.026  2.547   0.00 51.80 ? 50  GLU A OE1 1 
ATOM   399  O  OE2 . GLU A 1 48  ? 23.663  -2.745  1.764   0.00 52.70 ? 50  GLU A OE2 1 
ATOM   400  N  N   . ASN A 1 49  ? 20.129  -7.815  0.819   1.00 39.84 ? 51  ASN A N   1 
ATOM   401  C  CA  . ASN A 1 49  ? 19.392  -9.014  1.218   1.00 39.77 ? 51  ASN A CA  1 
ATOM   402  C  C   . ASN A 1 49  ? 17.996  -9.080  0.595   1.00 38.50 ? 51  ASN A C   1 
ATOM   403  O  O   . ASN A 1 49  ? 17.293  -10.095 0.707   1.00 38.72 ? 51  ASN A O   1 
ATOM   404  C  CB  . ASN A 1 49  ? 19.309  -9.104  2.748   1.00 40.46 ? 51  ASN A CB  1 
ATOM   405  C  CG  . ASN A 1 49  ? 19.273  -7.737  3.406   1.00 43.24 ? 51  ASN A CG  1 
ATOM   406  O  OD1 . ASN A 1 49  ? 18.582  -6.825  2.932   1.00 45.38 ? 51  ASN A OD1 1 
ATOM   407  N  ND2 . ASN A 1 49  ? 20.025  -7.580  4.500   1.00 45.12 ? 51  ASN A ND2 1 
ATOM   408  N  N   . GLY A 1 50  ? 17.605  -7.995  -0.072  1.00 36.34 ? 52  GLY A N   1 
ATOM   409  C  CA  . GLY A 1 50  ? 16.272  -7.904  -0.649  1.00 33.80 ? 52  GLY A CA  1 
ATOM   410  C  C   . GLY A 1 50  ? 15.263  -7.349  0.339   1.00 30.92 ? 52  GLY A C   1 
ATOM   411  O  O   . GLY A 1 50  ? 14.071  -7.344  0.068   1.00 31.33 ? 52  GLY A O   1 
ATOM   412  N  N   . LYS A 1 51  ? 15.742  -6.896  1.493   1.00 28.81 ? 53  LYS A N   1 
ATOM   413  C  CA  . LYS A 1 51  ? 14.879  -6.200  2.431   1.00 26.88 ? 53  LYS A CA  1 
ATOM   414  C  C   . LYS A 1 51  ? 14.699  -4.771  1.927   1.00 25.17 ? 53  LYS A C   1 
ATOM   415  O  O   . LYS A 1 51  ? 15.575  -4.237  1.257   1.00 24.59 ? 53  LYS A O   1 
ATOM   416  C  CB  . LYS A 1 51  ? 15.435  -6.258  3.859   1.00 26.54 ? 53  LYS A CB  1 
ATOM   417  C  CG  . LYS A 1 51  ? 15.210  -7.641  4.528   1.00 27.45 ? 53  LYS A CG  1 
ATOM   418  C  CD  . LYS A 1 51  ? 15.778  -7.692  5.945   1.00 28.17 ? 53  LYS A CD  1 
ATOM   419  C  CE  . LYS A 1 51  ? 15.392  -9.000  6.630   1.00 32.48 ? 53  LYS A CE  1 
ATOM   420  N  NZ  . LYS A 1 51  ? 16.396  -9.406  7.653   1.00 33.61 ? 53  LYS A NZ  1 
ATOM   421  N  N   . ILE A 1 52  ? 13.537  -4.182  2.187   1.00 22.67 ? 54  ILE A N   1 
ATOM   422  C  CA  . ILE A 1 52  ? 13.236  -2.855  1.658   1.00 20.26 ? 54  ILE A CA  1 
ATOM   423  C  C   . ILE A 1 52  ? 12.943  -1.954  2.847   1.00 19.62 ? 54  ILE A C   1 
ATOM   424  O  O   . ILE A 1 52  ? 12.031  -2.233  3.643   1.00 17.87 ? 54  ILE A O   1 
ATOM   425  C  CB  . ILE A 1 52  ? 12.016  -2.865  0.707   1.00 20.45 ? 54  ILE A CB  1 
ATOM   426  C  CG1 . ILE A 1 52  ? 12.211  -3.816  -0.492  1.00 20.14 ? 54  ILE A CG1 1 
ATOM   427  C  CG2 . ILE A 1 52  ? 11.737  -1.461  0.234   1.00 17.18 ? 54  ILE A CG2 1 
ATOM   428  C  CD1 . ILE A 1 52  ? 10.958  -3.993  -1.340  1.00 21.77 ? 54  ILE A CD1 1 
ATOM   429  N  N   . LYS A 1 53  ? 13.716  -0.882  2.992   1.00 18.69 ? 55  LYS A N   1 
ATOM   430  C  CA  . LYS A 1 53  ? 13.458  0.046   4.090   1.00 19.03 ? 55  LYS A CA  1 
ATOM   431  C  C   . LYS A 1 53  ? 12.337  0.989   3.616   1.00 17.77 ? 55  LYS A C   1 
ATOM   432  O  O   . LYS A 1 53  ? 12.312  1.403   2.458   1.00 17.64 ? 55  LYS A O   1 
ATOM   433  C  CB  . LYS A 1 53  ? 14.729  0.829   4.403   1.00 19.84 ? 55  LYS A CB  1 
ATOM   434  C  CG  . LYS A 1 53  ? 14.586  1.971   5.362   1.00 21.66 ? 55  LYS A CG  1 
ATOM   435  C  CD  . LYS A 1 53  ? 15.881  2.829   5.403   1.00 23.37 ? 55  LYS A CD  1 
ATOM   436  C  CE  . LYS A 1 53  ? 16.993  2.151   6.148   1.00 28.70 ? 55  LYS A CE  1 
ATOM   437  N  NZ  . LYS A 1 53  ? 18.028  3.162   6.457   1.00 30.62 ? 55  LYS A NZ  1 
ATOM   438  N  N   . VAL A 1 54  ? 11.415  1.307   4.503   1.00 16.65 ? 56  VAL A N   1 
ATOM   439  C  CA  . VAL A 1 54  ? 10.287  2.173   4.143   1.00 16.07 ? 56  VAL A CA  1 
ATOM   440  C  C   . VAL A 1 54  ? 10.209  3.381   5.070   1.00 16.31 ? 56  VAL A C   1 
ATOM   441  O  O   . VAL A 1 54  ? 10.131  3.219   6.286   1.00 17.75 ? 56  VAL A O   1 
ATOM   442  C  CB  . VAL A 1 54  ? 8.956   1.411   4.234   1.00 16.25 ? 56  VAL A CB  1 
ATOM   443  C  CG1 . VAL A 1 54  ? 7.809   2.294   3.741   1.00 15.41 ? 56  VAL A CG1 1 
ATOM   444  C  CG2 . VAL A 1 54  ? 9.031   0.145   3.408   1.00 16.39 ? 56  VAL A CG2 1 
ATOM   445  N  N   . LEU A 1 55  ? 10.208  4.593   4.510   1.00 15.67 ? 57  LEU A N   1 
ATOM   446  C  CA  . LEU A 1 55  ? 9.989   5.786   5.338   1.00 15.27 ? 57  LEU A CA  1 
ATOM   447  C  C   . LEU A 1 55  ? 8.686   6.407   4.900   1.00 14.64 ? 57  LEU A C   1 
ATOM   448  O  O   . LEU A 1 55  ? 8.627   6.895   3.772   1.00 15.15 ? 57  LEU A O   1 
ATOM   449  C  CB  . LEU A 1 55  ? 11.132  6.815   5.187   1.00 16.15 ? 57  LEU A CB  1 
ATOM   450  C  CG  . LEU A 1 55  ? 10.980  8.213   5.821   1.00 16.46 ? 57  LEU A CG  1 
ATOM   451  C  CD1 . LEU A 1 55  ? 10.867  8.155   7.309   1.00 18.83 ? 57  LEU A CD1 1 
ATOM   452  C  CD2 . LEU A 1 55  ? 12.160  9.091   5.447   1.00 17.09 ? 57  LEU A CD2 1 
ATOM   453  N  N   . ASN A 1 56  ? 7.662   6.350   5.763   1.00 13.64 ? 58  ASN A N   1 
ATOM   454  C  CA  . ASN A 1 56  ? 6.343   6.971   5.467   1.00 14.41 ? 58  ASN A CA  1 
ATOM   455  C  C   . ASN A 1 56  ? 6.249   8.313   6.138   1.00 13.67 ? 58  ASN A C   1 
ATOM   456  O  O   . ASN A 1 56  ? 6.602   8.438   7.317   1.00 13.94 ? 58  ASN A O   1 
ATOM   457  C  CB  . ASN A 1 56  ? 5.151   6.110   5.935   1.00 14.88 ? 58  ASN A CB  1 
ATOM   458  C  CG  . ASN A 1 56  ? 3.808   6.651   5.430   1.00 16.97 ? 58  ASN A CG  1 
ATOM   459  O  OD1 . ASN A 1 56  ? 3.052   7.274   6.183   1.00 27.27 ? 58  ASN A OD1 1 
ATOM   460  N  ND2 . ASN A 1 56  ? 3.542   6.479   4.145   1.00 19.79 ? 58  ASN A ND2 1 
ATOM   461  N  N   . GLN A 1 57  ? 5.776   9.313   5.397   1.00 13.64 ? 59  GLN A N   1 
ATOM   462  C  CA  . GLN A 1 57  ? 5.667   10.666  5.936   1.00 13.50 ? 59  GLN A CA  1 
ATOM   463  C  C   . GLN A 1 57  ? 4.335   11.276  5.540   1.00 14.24 ? 59  GLN A C   1 
ATOM   464  O  O   . GLN A 1 57  ? 3.817   11.014  4.434   1.00 14.03 ? 59  GLN A O   1 
ATOM   465  C  CB  . GLN A 1 57  ? 6.798   11.541  5.399   1.00 13.44 ? 59  GLN A CB  1 
ATOM   466  C  CG  . GLN A 1 57  ? 8.165   11.125  5.932   1.00 15.05 ? 59  GLN A CG  1 
ATOM   467  C  CD  . GLN A 1 57  ? 9.272   12.007  5.410   1.00 19.75 ? 59  GLN A CD  1 
ATOM   468  O  OE1 . GLN A 1 57  ? 9.845   12.791  6.154   1.00 23.77 ? 59  GLN A OE1 1 
ATOM   469  N  NE2 . GLN A 1 57  ? 9.541   11.909  4.139   1.00 19.43 ? 59  GLN A NE2 1 
ATOM   470  N  N   . GLU A 1 58  ? 3.784   12.094  6.426   1.00 13.30 ? 60  GLU A N   1 
ATOM   471  C  CA  . GLU A 1 58  ? 2.558   12.821  6.084   1.00 15.22 ? 60  GLU A CA  1 
ATOM   472  C  C   . GLU A 1 58  ? 2.581   14.176  6.750   1.00 14.50 ? 60  GLU A C   1 
ATOM   473  O  O   . GLU A 1 58  ? 3.284   14.352  7.734   1.00 14.60 ? 60  GLU A O   1 
ATOM   474  C  CB  . GLU A 1 58  ? 1.319   12.045  6.531   1.00 14.99 ? 60  GLU A CB  1 
ATOM   475  C  CG  . GLU A 1 58  ? 1.258   11.746  8.012   1.00 17.72 ? 60  GLU A CG  1 
ATOM   476  C  CD  . GLU A 1 58  ? 0.151   10.755  8.373   1.00 19.71 ? 60  GLU A CD  1 
ATOM   477  O  OE1 . GLU A 1 58  ? -0.488  10.189  7.459   1.00 23.80 ? 60  GLU A OE1 1 
ATOM   478  O  OE2 . GLU A 1 58  ? -0.067  10.561  9.580   1.00 25.67 ? 60  GLU A OE2 1 
ATOM   479  N  N   . LEU A 1 59  ? 1.828   15.125  6.195   1.00 14.19 ? 61  LEU A N   1 
ATOM   480  C  CA  . LEU A 1 59  ? 1.614   16.410  6.818   1.00 15.41 ? 61  LEU A CA  1 
ATOM   481  C  C   . LEU A 1 59  ? 0.287   16.359  7.535   1.00 15.59 ? 61  LEU A C   1 
ATOM   482  O  O   . LEU A 1 59  ? -0.644  15.716  7.073   1.00 15.59 ? 61  LEU A O   1 
ATOM   483  C  CB  . LEU A 1 59  ? 1.588   17.530  5.774   1.00 15.06 ? 61  LEU A CB  1 
ATOM   484  C  CG  . LEU A 1 59  ? 2.910   18.156  5.355   1.00 17.72 ? 61  LEU A CG  1 
ATOM   485  C  CD1 . LEU A 1 59  ? 2.681   18.972  4.107   1.00 17.69 ? 61  LEU A CD1 1 
ATOM   486  C  CD2 . LEU A 1 59  ? 3.467   19.052  6.479   1.00 19.30 ? 61  LEU A CD2 1 
ATOM   487  N  N   . ARG A 1 60  ? 0.221   17.018  8.679   1.00 16.91 ? 62  ARG A N   1 
ATOM   488  C  CA  . ARG A 1 60  ? -1.036  17.188  9.403   1.00 19.10 ? 62  ARG A CA  1 
ATOM   489  C  C   . ARG A 1 60  ? -1.645  18.561  9.086   1.00 18.27 ? 62  ARG A C   1 
ATOM   490  O  O   . ARG A 1 60  ? -1.005  19.417  8.466   1.00 16.99 ? 62  ARG A O   1 
ATOM   491  C  CB  . ARG A 1 60  ? -0.802  17.000  10.901  1.00 19.49 ? 62  ARG A CB  1 
ATOM   492  C  CG  . ARG A 1 60  ? -0.126  15.668  11.267  1.00 21.36 ? 62  ARG A CG  1 
ATOM   493  C  CD  . ARG A 1 60  ? -0.329  15.259  12.727  1.00 23.66 ? 62  ARG A CD  1 
ATOM   494  N  NE  . ARG A 1 60  ? -1.761  15.196  13.054  1.00 31.38 ? 62  ARG A NE  1 
ATOM   495  C  CZ  . ARG A 1 60  ? -2.381  15.934  13.986  1.00 33.34 ? 62  ARG A CZ  1 
ATOM   496  N  NH1 . ARG A 1 60  ? -1.710  16.780  14.750  1.00 36.09 ? 62  ARG A NH1 1 
ATOM   497  N  NH2 . ARG A 1 60  ? -3.688  15.806  14.168  1.00 35.24 ? 62  ARG A NH2 1 
ATOM   498  N  N   . ALA A 1 61  ? -2.892  18.770  9.497   1.00 17.89 ? 63  ALA A N   1 
ATOM   499  C  CA  . ALA A 1 61  ? -3.578  20.024  9.223   1.00 18.64 ? 63  ALA A CA  1 
ATOM   500  C  C   . ALA A 1 61  ? -2.760  21.241  9.644   1.00 18.80 ? 63  ALA A C   1 
ATOM   501  O  O   . ALA A 1 61  ? -2.757  22.278  8.943   1.00 19.22 ? 63  ALA A O   1 
ATOM   502  C  CB  . ALA A 1 61  ? -4.919  20.034  9.932   1.00 19.48 ? 63  ALA A CB  1 
ATOM   503  N  N   . ASP A 1 62  ? -2.063  21.119  10.778  1.00 19.03 ? 64  ASP A N   1 
ATOM   504  C  CA  . ASP A 1 62  ? -1.277  22.233  11.325  1.00 19.87 ? 64  ASP A CA  1 
ATOM   505  C  C   . ASP A 1 62  ? 0.102   22.399  10.667  1.00 19.82 ? 64  ASP A C   1 
ATOM   506  O  O   . ASP A 1 62  ? 0.903   23.261  11.065  1.00 18.96 ? 64  ASP A O   1 
ATOM   507  C  CB  . ASP A 1 62  ? -1.146  22.125  12.850  1.00 20.55 ? 64  ASP A CB  1 
ATOM   508  C  CG  . ASP A 1 62  ? -0.365  20.892  13.306  1.00 23.13 ? 64  ASP A CG  1 
ATOM   509  O  OD1 . ASP A 1 62  ? 0.185   20.135  12.473  1.00 23.72 ? 64  ASP A OD1 1 
ATOM   510  O  OD2 . ASP A 1 62  ? -0.240  20.597  14.511  1.00 27.27 ? 64  ASP A OD2 1 
ATOM   511  N  N   . GLY A 1 63  ? 0.362   21.566  9.666   1.00 18.59 ? 65  GLY A N   1 
ATOM   512  C  CA  . GLY A 1 63  ? 1.587   21.648  8.884   1.00 18.70 ? 65  GLY A CA  1 
ATOM   513  C  C   . GLY A 1 63  ? 2.786   20.976  9.530   1.00 18.48 ? 65  GLY A C   1 
ATOM   514  O  O   . GLY A 1 63  ? 3.883   21.142  9.042   1.00 18.62 ? 65  GLY A O   1 
ATOM   515  N  N   . THR A 1 64  ? 2.580   20.238  10.623  1.00 17.46 ? 66  THR A N   1 
ATOM   516  C  CA  . THR A 1 64  ? 3.633   19.391  11.183  1.00 18.11 ? 66  THR A CA  1 
ATOM   517  C  C   . THR A 1 64  ? 3.718   18.053  10.424  1.00 17.66 ? 66  THR A C   1 
ATOM   518  O  O   . THR A 1 64  ? 2.777   17.659  9.746   1.00 16.43 ? 66  THR A O   1 
ATOM   519  C  CB  . THR A 1 64  ? 3.435   19.138  12.661  1.00 18.55 ? 66  THR A CB  1 
ATOM   520  O  OG1 . THR A 1 64  ? 2.222   18.402  12.864  1.00 18.38 ? 66  THR A OG1 1 
ATOM   521  C  CG2 . THR A 1 64  ? 3.264   20.477  13.451  1.00 19.97 ? 66  THR A CG2 1 
ATOM   522  N  N   . VAL A 1 65  ? 4.847   17.371  10.558  1.00 17.27 ? 67  VAL A N   1 
ATOM   523  C  CA  . VAL A 1 65  ? 5.079   16.149  9.792   1.00 18.38 ? 67  VAL A CA  1 
ATOM   524  C  C   . VAL A 1 65  ? 5.135   14.957  10.731  1.00 19.51 ? 67  VAL A C   1 
ATOM   525  O  O   . VAL A 1 65  ? 5.858   14.976  11.735  1.00 20.54 ? 67  VAL A O   1 
ATOM   526  C  CB  . VAL A 1 65  ? 6.394   16.239  8.924   1.00 18.22 ? 67  VAL A CB  1 
ATOM   527  C  CG1 . VAL A 1 65  ? 6.721   14.900  8.275   1.00 16.60 ? 67  VAL A CG1 1 
ATOM   528  C  CG2 . VAL A 1 65  ? 6.227   17.298  7.858   1.00 18.49 ? 67  VAL A CG2 1 
ATOM   529  N  N   . ASN A 1 66  ? 4.363   13.929  10.405  1.00 19.70 ? 68  ASN A N   1 
ATOM   530  C  CA  . ASN A 1 66  ? 4.402   12.664  11.123  1.00 20.70 ? 68  ASN A CA  1 
ATOM   531  C  C   . ASN A 1 66  ? 5.157   11.637  10.283  1.00 20.50 ? 68  ASN A C   1 
ATOM   532  O  O   . ASN A 1 66  ? 4.847   11.460  9.109   1.00 19.34 ? 68  ASN A O   1 
ATOM   533  C  CB  . ASN A 1 66  ? 2.964   12.178  11.399  1.00 21.17 ? 68  ASN A CB  1 
ATOM   534  C  CG  . ASN A 1 66  ? 2.933   10.844  12.105  1.00 24.11 ? 68  ASN A CG  1 
ATOM   535  O  OD1 . ASN A 1 66  ? 3.722   10.602  13.029  1.00 29.08 ? 68  ASN A OD1 1 
ATOM   536  N  ND2 . ASN A 1 66  ? 2.046   9.951   11.662  1.00 25.84 ? 68  ASN A ND2 1 
ATOM   537  N  N   . GLN A 1 67  ? 6.159   10.966  10.865  1.00 20.81 ? 69  GLN A N   1 
ATOM   538  C  CA  . GLN A 1 67  ? 6.878   9.939   10.119  1.00 21.37 ? 69  GLN A CA  1 
ATOM   539  C  C   . GLN A 1 67  ? 6.850   8.591   10.843  1.00 21.06 ? 69  GLN A C   1 
ATOM   540  O  O   . GLN A 1 67  ? 6.751   8.513   12.087  1.00 20.54 ? 69  GLN A O   1 
ATOM   541  C  CB  . GLN A 1 67  ? 8.323   10.343  9.781   1.00 21.70 ? 69  GLN A CB  1 
ATOM   542  C  CG  . GLN A 1 67  ? 9.309   10.277  10.955  1.00 24.29 ? 69  GLN A CG  1 
ATOM   543  C  CD  . GLN A 1 67  ? 10.793  10.228  10.522  1.00 24.64 ? 69  GLN A CD  1 
ATOM   544  O  OE1 . GLN A 1 67  ? 11.218  10.969  9.630   1.00 27.71 ? 69  GLN A OE1 1 
ATOM   545  N  NE2 . GLN A 1 67  ? 11.576  9.361   11.172  1.00 27.98 ? 69  GLN A NE2 1 
ATOM   546  N  N   . ILE A 1 68  ? 6.936   7.534   10.052  1.00 20.34 ? 70  ILE A N   1 
ATOM   547  C  CA  . ILE A 1 68  ? 7.177   6.192   10.591  1.00 20.96 ? 70  ILE A CA  1 
ATOM   548  C  C   . ILE A 1 68  ? 8.129   5.394   9.684   1.00 20.38 ? 70  ILE A C   1 
ATOM   549  O  O   . ILE A 1 68  ? 7.993   5.435   8.471   1.00 19.74 ? 70  ILE A O   1 
ATOM   550  C  CB  . ILE A 1 68  ? 5.842   5.468   10.828  1.00 21.03 ? 70  ILE A CB  1 
ATOM   551  C  CG1 . ILE A 1 68  ? 6.036   4.259   11.764  1.00 22.96 ? 70  ILE A CG1 1 
ATOM   552  C  CG2 . ILE A 1 68  ? 5.134   5.135   9.516   1.00 22.10 ? 70  ILE A CG2 1 
ATOM   553  C  CD1 . ILE A 1 68  ? 4.718   3.514   12.092  1.00 23.16 ? 70  ILE A CD1 1 
ATOM   554  N  N   . GLU A 1 69  ? 9.080   4.678   10.284  1.00 19.95 ? 71  GLU A N   1 
ATOM   555  C  CA  . GLU A 1 69  ? 10.046  3.879   9.542   1.00 20.73 ? 71  GLU A CA  1 
ATOM   556  C  C   . GLU A 1 69  ? 9.793   2.382   9.710   1.00 19.98 ? 71  GLU A C   1 
ATOM   557  O  O   . GLU A 1 69  ? 9.470   1.909   10.801  1.00 20.82 ? 71  GLU A O   1 
ATOM   558  C  CB  . GLU A 1 69  ? 11.481  4.194   9.970   1.00 22.89 ? 71  GLU A CB  1 
ATOM   559  C  CG  . GLU A 1 69  ? 12.024  5.497   9.412   1.00 28.22 ? 71  GLU A CG  1 
ATOM   560  C  CD  . GLU A 1 69  ? 13.419  5.347   8.801   1.00 37.84 ? 71  GLU A CD  1 
ATOM   561  O  OE1 . GLU A 1 69  ? 14.309  4.723   9.436   1.00 39.47 ? 71  GLU A OE1 1 
ATOM   562  O  OE2 . GLU A 1 69  ? 13.633  5.862   7.669   1.00 41.48 ? 71  GLU A OE2 1 
ATOM   563  N  N   . GLY A 1 70  ? 9.941   1.645   8.622   1.00 18.45 ? 72  GLY A N   1 
ATOM   564  C  CA  . GLY A 1 70  ? 9.623   0.223   8.649   1.00 18.09 ? 72  GLY A CA  1 
ATOM   565  C  C   . GLY A 1 70  ? 10.494  -0.551  7.697   1.00 17.79 ? 72  GLY A C   1 
ATOM   566  O  O   . GLY A 1 70  ? 11.384  0.001   7.046   1.00 17.00 ? 72  GLY A O   1 
ATOM   567  N  N   . GLU A 1 71  ? 10.243  -1.857  7.621   1.00 17.61 ? 73  GLU A N   1 
ATOM   568  C  CA  . GLU A 1 71  ? 10.997  -2.676  6.702   1.00 17.31 ? 73  GLU A CA  1 
ATOM   569  C  C   . GLU A 1 71  ? 10.069  -3.715  6.066   1.00 16.36 ? 73  GLU A C   1 
ATOM   570  O  O   . GLU A 1 71  ? 9.248   -4.290  6.754   1.00 15.81 ? 73  GLU A O   1 
ATOM   571  C  CB  . GLU A 1 71  ? 12.117  -3.366  7.467   1.00 18.29 ? 73  GLU A CB  1 
ATOM   572  C  CG  . GLU A 1 71  ? 12.924  -4.350  6.670   1.00 22.36 ? 73  GLU A CG  1 
ATOM   573  C  CD  . GLU A 1 71  ? 14.114  -4.841  7.463   1.00 27.13 ? 73  GLU A CD  1 
ATOM   574  O  OE1 . GLU A 1 71  ? 13.903  -5.651  8.392   1.00 32.01 ? 73  GLU A OE1 1 
ATOM   575  O  OE2 . GLU A 1 71  ? 15.244  -4.412  7.157   1.00 30.95 ? 73  GLU A OE2 1 
ATOM   576  N  N   . ALA A 1 72  ? 10.200  -3.912  4.761   1.00 16.02 ? 74  ALA A N   1 
ATOM   577  C  CA  . ALA A 1 72  ? 9.473   -4.974  4.072   1.00 16.95 ? 74  ALA A CA  1 
ATOM   578  C  C   . ALA A 1 72  ? 10.434  -6.106  3.695   1.00 18.07 ? 74  ALA A C   1 
ATOM   579  O  O   . ALA A 1 72  ? 11.554  -5.868  3.238   1.00 18.28 ? 74  ALA A O   1 
ATOM   580  C  CB  . ALA A 1 72  ? 8.721   -4.427  2.866   1.00 17.21 ? 74  ALA A CB  1 
ATOM   581  N  N   . THR A 1 73  ? 9.988   -7.339  3.919   1.00 19.44 ? 75  THR A N   1 
ATOM   582  C  CA  . THR A 1 73  ? 10.809  -8.547  3.770   1.00 21.46 ? 75  THR A CA  1 
ATOM   583  C  C   . THR A 1 73  ? 9.967   -9.464  2.839   1.00 22.22 ? 75  THR A C   1 
ATOM   584  O  O   . THR A 1 73  ? 8.762   -9.571  3.012   1.00 21.06 ? 75  THR A O   1 
ATOM   585  C  CB  . THR A 1 73  ? 10.975  -9.201  5.182   1.00 22.12 ? 75  THR A CB  1 
ATOM   586  O  OG1 . THR A 1 73  ? 11.752  -8.349  6.050   1.00 21.94 ? 75  THR A OG1 1 
ATOM   587  C  CG2 . THR A 1 73  ? 11.782  -10.525 5.150   1.00 22.84 ? 75  THR A CG2 1 
ATOM   588  N  N   . PRO A 1 74  ? 10.553  -10.135 1.865   1.00 24.14 ? 76  PRO A N   1 
ATOM   589  C  CA  . PRO A 1 74  ? 9.723   -11.042 1.055   1.00 25.44 ? 76  PRO A CA  1 
ATOM   590  C  C   . PRO A 1 74  ? 9.184   -12.169 1.971   1.00 25.74 ? 76  PRO A C   1 
ATOM   591  O  O   . PRO A 1 74  ? 9.910   -12.637 2.823   1.00 25.51 ? 76  PRO A O   1 
ATOM   592  C  CB  . PRO A 1 74  ? 10.699  -11.577 0.022   1.00 25.82 ? 76  PRO A CB  1 
ATOM   593  C  CG  . PRO A 1 74  ? 11.857  -10.653 0.067   1.00 25.41 ? 76  PRO A CG  1 
ATOM   594  C  CD  . PRO A 1 74  ? 11.969  -10.154 1.478   1.00 25.06 ? 76  PRO A CD  1 
ATOM   595  N  N   . VAL A 1 75  ? 7.914   -12.554 1.841   1.00 27.24 ? 77  VAL A N   1 
ATOM   596  C  CA  . VAL A 1 75  ? 7.370   -13.606 2.725   1.00 28.07 ? 77  VAL A CA  1 
ATOM   597  C  C   . VAL A 1 75  ? 7.937   -14.966 2.302   1.00 28.12 ? 77  VAL A C   1 
ATOM   598  O  O   . VAL A 1 75  ? 8.230   -15.826 3.148   1.00 29.25 ? 77  VAL A O   1 
ATOM   599  C  CB  . VAL A 1 75  ? 5.812   -13.627 2.752   1.00 28.46 ? 77  VAL A CB  1 
ATOM   600  C  CG1 . VAL A 1 75  ? 5.264   -14.964 3.305   1.00 30.37 ? 77  VAL A CG1 1 
ATOM   601  C  CG2 . VAL A 1 75  ? 5.285   -12.484 3.580   1.00 29.49 ? 77  VAL A CG2 1 
ATOM   602  N  N   . ASN A 1 76  ? 8.128   -15.143 0.999   1.00 26.68 ? 78  ASN A N   1 
ATOM   603  C  CA  . ASN A 1 76  ? 8.576   -16.428 0.489   1.00 26.13 ? 78  ASN A CA  1 
ATOM   604  C  C   . ASN A 1 76  ? 9.446   -16.318 -0.767  1.00 25.22 ? 78  ASN A C   1 
ATOM   605  O  O   . ASN A 1 76  ? 9.517   -15.263 -1.422  1.00 24.50 ? 78  ASN A O   1 
ATOM   606  C  CB  . ASN A 1 76  ? 7.393   -17.408 0.296   1.00 26.09 ? 78  ASN A CB  1 
ATOM   607  C  CG  . ASN A 1 76  ? 6.468   -17.024 -0.884  1.00 26.72 ? 78  ASN A CG  1 
ATOM   608  O  OD1 . ASN A 1 76  ? 6.900   -16.970 -2.011  1.00 25.18 ? 78  ASN A OD1 1 
ATOM   609  N  ND2 . ASN A 1 76  ? 5.184   -16.815 -0.605  1.00 29.07 ? 78  ASN A ND2 1 
ATOM   610  N  N   . LEU A 1 77  ? 10.086  -17.431 -1.092  1.00 23.42 ? 79  LEU A N   1 
ATOM   611  C  CA  . LEU A 1 77  ? 11.029  -17.507 -2.186  1.00 23.56 ? 79  LEU A CA  1 
ATOM   612  C  C   . LEU A 1 77  ? 10.360  -17.730 -3.540  1.00 22.85 ? 79  LEU A C   1 
ATOM   613  O  O   . LEU A 1 77  ? 11.008  -17.625 -4.565  1.00 23.51 ? 79  LEU A O   1 
ATOM   614  C  CB  . LEU A 1 77  ? 12.087  -18.591 -1.886  1.00 23.57 ? 79  LEU A CB  1 
ATOM   615  C  CG  . LEU A 1 77  ? 12.742  -18.412 -0.510  1.00 26.21 ? 79  LEU A CG  1 
ATOM   616  C  CD1 . LEU A 1 77  ? 13.683  -19.574 -0.199  1.00 27.50 ? 79  LEU A CD1 1 
ATOM   617  C  CD2 . LEU A 1 77  ? 13.513  -17.064 -0.430  1.00 28.18 ? 79  LEU A CD2 1 
ATOM   618  N  N   . THR A 1 78  ? 9.057   -17.982 -3.554  1.00 21.74 ? 80  THR A N   1 
ATOM   619  C  CA  . THR A 1 78  ? 8.353   -18.252 -4.812  1.00 21.33 ? 80  THR A CA  1 
ATOM   620  C  C   . THR A 1 78  ? 7.801   -16.987 -5.475  1.00 20.70 ? 80  THR A C   1 
ATOM   621  O  O   . THR A 1 78  ? 7.798   -16.883 -6.708  1.00 21.65 ? 80  THR A O   1 
ATOM   622  C  CB  . THR A 1 78  ? 7.185   -19.198 -4.540  1.00 21.10 ? 80  THR A CB  1 
ATOM   623  O  OG1 . THR A 1 78  ? 7.697   -20.425 -4.006  1.00 22.58 ? 80  THR A OG1 1 
ATOM   624  C  CG2 . THR A 1 78  ? 6.489   -19.597 -5.823  1.00 22.45 ? 80  THR A CG2 1 
ATOM   625  N  N   . GLU A 1 79  ? 7.303   -16.061 -4.661  1.00 19.54 ? 81  GLU A N   1 
ATOM   626  C  CA  . GLU A 1 79  ? 6.502   -14.934 -5.165  1.00 18.82 ? 81  GLU A CA  1 
ATOM   627  C  C   . GLU A 1 79  ? 7.042   -13.615 -4.640  1.00 17.04 ? 81  GLU A C   1 
ATOM   628  O  O   . GLU A 1 79  ? 6.698   -13.213 -3.533  1.00 16.75 ? 81  GLU A O   1 
ATOM   629  C  CB  . GLU A 1 79  ? 5.031   -15.072 -4.752  1.00 19.59 ? 81  GLU A CB  1 
ATOM   630  C  CG  . GLU A 1 79  ? 4.112   -14.011 -5.360  1.00 22.62 ? 81  GLU A CG  1 
ATOM   631  C  CD  . GLU A 1 79  ? 4.424   -13.700 -6.825  1.00 23.86 ? 81  GLU A CD  1 
ATOM   632  O  OE1 . GLU A 1 79  ? 5.155   -12.691 -7.082  1.00 20.41 ? 81  GLU A OE1 1 
ATOM   633  O  OE2 . GLU A 1 79  ? 3.924   -14.455 -7.721  1.00 22.96 ? 81  GLU A OE2 1 
ATOM   634  N  N   . PRO A 1 80  ? 7.905   -12.964 -5.419  1.00 17.32 ? 82  PRO A N   1 
ATOM   635  C  CA  . PRO A 1 80  ? 8.584   -11.741 -4.951  1.00 16.65 ? 82  PRO A CA  1 
ATOM   636  C  C   . PRO A 1 80  ? 7.663   -10.551 -4.682  1.00 16.00 ? 82  PRO A C   1 
ATOM   637  O  O   . PRO A 1 80  ? 8.090   -9.615  -3.999  1.00 15.54 ? 82  PRO A O   1 
ATOM   638  C  CB  . PRO A 1 80  ? 9.565   -11.391 -6.077  1.00 16.58 ? 82  PRO A CB  1 
ATOM   639  C  CG  . PRO A 1 80  ? 9.304   -12.320 -7.182  1.00 18.85 ? 82  PRO A CG  1 
ATOM   640  C  CD  . PRO A 1 80  ? 8.342   -13.378 -6.760  1.00 16.90 ? 82  PRO A CD  1 
ATOM   641  N  N   . ALA A 1 81  ? 6.451   -10.568 -5.243  1.00 15.37 ? 83  ALA A N   1 
ATOM   642  C  CA  . ALA A 1 81  ? 5.449   -9.504  -4.998  1.00 15.86 ? 83  ALA A CA  1 
ATOM   643  C  C   . ALA A 1 81  ? 4.642   -9.673  -3.679  1.00 15.82 ? 83  ALA A C   1 
ATOM   644  O  O   . ALA A 1 81  ? 3.833   -8.805  -3.309  1.00 16.00 ? 83  ALA A O   1 
ATOM   645  C  CB  . ALA A 1 81  ? 4.527   -9.381  -6.208  1.00 15.91 ? 83  ALA A CB  1 
ATOM   646  N  N   . LYS A 1 82  ? 4.875   -10.780 -2.972  1.00 15.61 ? 84  LYS A N   1 
ATOM   647  C  CA  . LYS A 1 82  ? 4.268   -11.004 -1.664  1.00 15.97 ? 84  LYS A CA  1 
ATOM   648  C  C   . LYS A 1 82  ? 5.338   -10.738 -0.590  1.00 17.24 ? 84  LYS A C   1 
ATOM   649  O  O   . LYS A 1 82  ? 6.259   -11.510 -0.410  1.00 18.00 ? 84  LYS A O   1 
ATOM   650  C  CB  . LYS A 1 82  ? 3.681   -12.423 -1.559  1.00 16.54 ? 84  LYS A CB  1 
ATOM   651  C  CG  . LYS A 1 82  ? 2.397   -12.605 -2.391  1.00 16.88 ? 84  LYS A CG  1 
ATOM   652  C  CD  . LYS A 1 82  ? 1.774   -13.992 -2.202  1.00 16.63 ? 84  LYS A CD  1 
ATOM   653  C  CE  . LYS A 1 82  ? 0.490   -14.063 -2.988  1.00 20.10 ? 84  LYS A CE  1 
ATOM   654  N  NZ  . LYS A 1 82  ? -0.025  -15.467 -3.023  1.00 22.96 ? 84  LYS A NZ  1 
ATOM   655  N  N   . LEU A 1 83  ? 5.228   -9.593  0.073   1.00 18.08 ? 85  LEU A N   1 
ATOM   656  C  CA  . LEU A 1 83  ? 6.146   -9.216  1.136   1.00 18.69 ? 85  LEU A CA  1 
ATOM   657  C  C   . LEU A 1 83  ? 5.362   -9.077  2.415   1.00 19.39 ? 85  LEU A C   1 
ATOM   658  O  O   . LEU A 1 83  ? 4.133   -9.148  2.392   1.00 19.63 ? 85  LEU A O   1 
ATOM   659  C  CB  . LEU A 1 83  ? 6.788   -7.867  0.792   1.00 19.16 ? 85  LEU A CB  1 
ATOM   660  C  CG  . LEU A 1 83  ? 7.632   -7.983  -0.481  1.00 19.71 ? 85  LEU A CG  1 
ATOM   661  C  CD1 . LEU A 1 83  ? 6.916   -7.278  -1.601  1.00 21.60 ? 85  LEU A CD1 1 
ATOM   662  C  CD2 . LEU A 1 83  ? 9.016   -7.391  -0.244  1.00 23.91 ? 85  LEU A CD2 1 
ATOM   663  N  N   . GLU A 1 84  ? 6.056   -8.873  3.536   1.00 19.51 ? 86  GLU A N   1 
ATOM   664  C  CA  . GLU A 1 84  ? 5.396   -8.486  4.772   1.00 20.36 ? 86  GLU A CA  1 
ATOM   665  C  C   . GLU A 1 84  ? 6.132   -7.267  5.289   1.00 19.09 ? 86  GLU A C   1 
ATOM   666  O  O   . GLU A 1 84  ? 7.320   -7.136  5.027   1.00 18.40 ? 86  GLU A O   1 
ATOM   667  C  CB  . GLU A 1 84  ? 5.421   -9.607  5.808   1.00 20.37 ? 86  GLU A CB  1 
ATOM   668  C  CG  . GLU A 1 84  ? 6.817   -10.081 6.170   1.00 22.64 ? 86  GLU A CG  1 
ATOM   669  C  CD  . GLU A 1 84  ? 6.804   -11.240 7.153   1.00 25.78 ? 86  GLU A CD  1 
ATOM   670  O  OE1 . GLU A 1 84  ? 5.694   -11.655 7.560   1.00 29.49 ? 86  GLU A OE1 1 
ATOM   671  O  OE2 . GLU A 1 84  ? 7.911   -11.708 7.534   1.00 31.77 ? 86  GLU A OE2 1 
ATOM   672  N  N   . VAL A 1 85  ? 5.419   -6.378  5.978   1.00 17.64 ? 87  VAL A N   1 
ATOM   673  C  CA  . VAL A 1 85  ? 6.007   -5.118  6.440   1.00 18.52 ? 87  VAL A CA  1 
ATOM   674  C  C   . VAL A 1 85  ? 5.884   -4.993  7.968   1.00 18.85 ? 87  VAL A C   1 
ATOM   675  O  O   . VAL A 1 85  ? 4.886   -5.395  8.562   1.00 19.65 ? 87  VAL A O   1 
ATOM   676  C  CB  . VAL A 1 85  ? 5.384   -3.898  5.670   1.00 18.52 ? 87  VAL A CB  1 
ATOM   677  C  CG1 . VAL A 1 85  ? 3.849   -3.807  5.900   1.00 17.73 ? 87  VAL A CG1 1 
ATOM   678  C  CG2 . VAL A 1 85  ? 6.091   -2.599  6.023   1.00 19.78 ? 87  VAL A CG2 1 
ATOM   679  N  N   . LYS A 1 86  ? 6.916   -4.461  8.602   1.00 18.66 ? 88  LYS A N   1 
ATOM   680  C  CA  . LYS A 1 86  ? 6.903   -4.253  10.037  1.00 19.85 ? 88  LYS A CA  1 
ATOM   681  C  C   . LYS A 1 86  ? 7.415   -2.840  10.293  1.00 19.91 ? 88  LYS A C   1 
ATOM   682  O  O   . LYS A 1 86  ? 8.474   -2.484  9.784   1.00 18.42 ? 88  LYS A O   1 
ATOM   683  C  CB  . LYS A 1 86  ? 7.787   -5.299  10.716  1.00 19.17 ? 88  LYS A CB  1 
ATOM   684  C  CG  . LYS A 1 86  ? 7.793   -5.296  12.263  1.00 21.16 ? 88  LYS A CG  1 
ATOM   685  C  CD  . LYS A 1 86  ? 8.657   -6.469  12.744  1.00 22.02 ? 88  LYS A CD  1 
ATOM   686  C  CE  . LYS A 1 86  ? 8.810   -6.483  14.245  1.00 26.46 ? 88  LYS A CE  1 
ATOM   687  N  NZ  . LYS A 1 86  ? 7.501   -6.749  14.905  1.00 27.35 ? 88  LYS A NZ  1 
ATOM   688  N  N   . PHE A 1 87  ? 6.646   -2.049  11.059  1.00 21.54 ? 89  PHE A N   1 
ATOM   689  C  CA  . PHE A 1 87  ? 6.985   -0.652  11.361  1.00 23.28 ? 89  PHE A CA  1 
ATOM   690  C  C   . PHE A 1 87  ? 7.416   -0.407  12.812  1.00 25.37 ? 89  PHE A C   1 
ATOM   691  O  O   . PHE A 1 87  ? 8.126   0.563   13.092  1.00 26.53 ? 89  PHE A O   1 
ATOM   692  C  CB  . PHE A 1 87  ? 5.828   0.280   10.990  1.00 23.15 ? 89  PHE A CB  1 
ATOM   693  C  CG  . PHE A 1 87  ? 5.694   0.514   9.518   1.00 22.71 ? 89  PHE A CG  1 
ATOM   694  C  CD1 . PHE A 1 87  ? 4.810   -0.241  8.764   1.00 22.50 ? 89  PHE A CD1 1 
ATOM   695  C  CD2 . PHE A 1 87  ? 6.465   1.479   8.884   1.00 19.54 ? 89  PHE A CD2 1 
ATOM   696  C  CE1 . PHE A 1 87  ? 4.702   -0.042  7.385   1.00 22.37 ? 89  PHE A CE1 1 
ATOM   697  C  CE2 . PHE A 1 87  ? 6.369   1.694   7.501   1.00 22.43 ? 89  PHE A CE2 1 
ATOM   698  C  CZ  . PHE A 1 87  ? 5.490   0.937   6.753   1.00 22.65 ? 89  PHE A CZ  1 
ATOM   699  N  N   . SER A 1 88  ? 6.983   -1.278  13.723  1.00 26.88 ? 90  SER A N   1 
ATOM   700  C  CA  . SER A 1 88  ? 7.297   -1.155  15.146  1.00 28.32 ? 90  SER A CA  1 
ATOM   701  C  C   . SER A 1 88  ? 7.695   -2.511  15.709  1.00 28.99 ? 90  SER A C   1 
ATOM   702  O  O   . SER A 1 88  ? 7.192   -3.547  15.248  1.00 29.08 ? 90  SER A O   1 
ATOM   703  C  CB  . SER A 1 88  ? 6.080   -0.644  15.916  1.00 28.40 ? 90  SER A CB  1 
ATOM   704  O  OG  . SER A 1 88  ? 5.653   0.626   15.443  1.00 31.17 ? 90  SER A OG  1 
ATOM   705  N  N   . TRP A 1 89  ? 8.565   -2.506  16.721  1.00 29.60 ? 91  TRP A N   1 
ATOM   706  C  CA  . TRP A 1 89  ? 9.025   -3.747  17.335  1.00 30.48 ? 91  TRP A CA  1 
ATOM   707  C  C   . TRP A 1 89  ? 7.884   -4.588  17.854  1.00 30.20 ? 91  TRP A C   1 
ATOM   708  O  O   . TRP A 1 89  ? 7.939   -5.815  17.761  1.00 30.75 ? 91  TRP A O   1 
ATOM   709  C  CB  . TRP A 1 89  ? 10.023  -3.488  18.469  1.00 31.66 ? 91  TRP A CB  1 
ATOM   710  C  CG  . TRP A 1 89  ? 9.463   -2.848  19.718  1.00 32.65 ? 91  TRP A CG  1 
ATOM   711  C  CD1 . TRP A 1 89  ? 9.496   -1.517  20.040  1.00 34.39 ? 91  TRP A CD1 1 
ATOM   712  C  CD2 . TRP A 1 89  ? 8.834   -3.509  20.833  1.00 34.06 ? 91  TRP A CD2 1 
ATOM   713  N  NE1 . TRP A 1 89  ? 8.910   -1.306  21.266  1.00 35.19 ? 91  TRP A NE1 1 
ATOM   714  C  CE2 . TRP A 1 89  ? 8.503   -2.510  21.782  1.00 34.25 ? 91  TRP A CE2 1 
ATOM   715  C  CE3 . TRP A 1 89  ? 8.507   -4.845  21.125  1.00 35.40 ? 91  TRP A CE3 1 
ATOM   716  C  CZ2 . TRP A 1 89  ? 7.859   -2.801  22.995  1.00 33.37 ? 91  TRP A CZ2 1 
ATOM   717  C  CZ3 . TRP A 1 89  ? 7.859   -5.137  22.334  1.00 35.31 ? 91  TRP A CZ3 1 
ATOM   718  C  CH2 . TRP A 1 89  ? 7.543   -4.110  23.253  1.00 33.62 ? 91  TRP A CH2 1 
ATOM   719  N  N   . PHE A 1 90  ? 6.862   -3.903  18.378  1.00 30.48 ? 92  PHE A N   1 
ATOM   720  C  CA  . PHE A 1 90  ? 5.732   -4.497  19.095  1.00 30.49 ? 92  PHE A CA  1 
ATOM   721  C  C   . PHE A 1 90  ? 4.570   -4.948  18.198  1.00 30.52 ? 92  PHE A C   1 
ATOM   722  O  O   . PHE A 1 90  ? 3.566   -5.487  18.697  1.00 30.83 ? 92  PHE A O   1 
ATOM   723  C  CB  . PHE A 1 90  ? 5.198   -3.506  20.154  1.00 30.53 ? 92  PHE A CB  1 
ATOM   724  C  CG  . PHE A 1 90  ? 4.789   -2.152  19.601  1.00 30.89 ? 92  PHE A CG  1 
ATOM   725  C  CD1 . PHE A 1 90  ? 3.577   -1.988  18.918  1.00 29.93 ? 92  PHE A CD1 1 
ATOM   726  C  CD2 . PHE A 1 90  ? 5.599   -1.023  19.803  1.00 31.57 ? 92  PHE A CD2 1 
ATOM   727  C  CE1 . PHE A 1 90  ? 3.201   -0.742  18.409  1.00 30.22 ? 92  PHE A CE1 1 
ATOM   728  C  CE2 . PHE A 1 90  ? 5.214   0.242   19.316  1.00 31.96 ? 92  PHE A CE2 1 
ATOM   729  C  CZ  . PHE A 1 90  ? 4.008   0.381   18.623  1.00 30.83 ? 92  PHE A CZ  1 
HETATM 730  N  N   . MSE A 1 91  ? 4.694   -4.695  16.899  1.00 29.48 ? 93  MSE A N   1 
HETATM 731  C  CA  . MSE A 1 91  ? 3.625   -4.966  15.944  1.00 29.15 ? 93  MSE A CA  1 
HETATM 732  C  C   . MSE A 1 91  ? 4.021   -6.164  15.070  1.00 28.84 ? 93  MSE A C   1 
HETATM 733  O  O   . MSE A 1 91  ? 5.086   -6.130  14.431  1.00 29.49 ? 93  MSE A O   1 
HETATM 734  C  CB  . MSE A 1 91  ? 3.376   -3.696  15.109  1.00 29.57 ? 93  MSE A CB  1 
HETATM 735  C  CG  . MSE A 1 91  ? 2.572   -3.863  13.829  1.00 30.08 ? 93  MSE A CG  1 
HETATM 736  SE SE  . MSE A 1 91  ? 3.692   -4.014  12.183  1.00 35.80 ? 93  MSE A SE  1 
HETATM 737  C  CE  . MSE A 1 91  ? 2.265   -3.705  10.842  1.00 30.51 ? 93  MSE A CE  1 
ATOM   738  N  N   . PRO A 1 92  ? 3.204   -7.226  15.037  1.00 27.55 ? 94  PRO A N   1 
ATOM   739  C  CA  . PRO A 1 92  ? 3.472   -8.349  14.148  1.00 26.54 ? 94  PRO A CA  1 
ATOM   740  C  C   . PRO A 1 92  ? 3.434   -7.833  12.713  1.00 25.04 ? 94  PRO A C   1 
ATOM   741  O  O   . PRO A 1 92  ? 2.712   -6.873  12.436  1.00 24.25 ? 94  PRO A O   1 
ATOM   742  C  CB  . PRO A 1 92  ? 2.287   -9.296  14.395  1.00 26.61 ? 94  PRO A CB  1 
ATOM   743  C  CG  . PRO A 1 92  ? 1.748   -8.909  15.700  1.00 27.34 ? 94  PRO A CG  1 
ATOM   744  C  CD  . PRO A 1 92  ? 1.950   -7.414  15.785  1.00 28.11 ? 94  PRO A CD  1 
ATOM   745  N  N   . SER A 1 93  ? 4.200   -8.456  11.822  1.00 24.34 ? 95  SER A N   1 
ATOM   746  C  CA  . SER A 1 93  ? 4.219   -8.052  10.415  1.00 23.81 ? 95  SER A CA  1 
ATOM   747  C  C   . SER A 1 93  ? 2.839   -8.198  9.759   1.00 23.04 ? 95  SER A C   1 
ATOM   748  O  O   . SER A 1 93  ? 2.019   -9.047  10.165  1.00 23.60 ? 95  SER A O   1 
ATOM   749  C  CB  . SER A 1 93  ? 5.260   -8.844  9.623   1.00 24.01 ? 95  SER A CB  1 
ATOM   750  O  OG  . SER A 1 93  ? 6.560   -8.590  10.146  1.00 26.94 ? 95  SER A OG  1 
ATOM   751  N  N   . ALA A 1 94  ? 2.586   -7.359  8.764   1.00 21.31 ? 96  ALA A N   1 
ATOM   752  C  CA  . ALA A 1 94  ? 1.329   -7.372  8.017   1.00 19.94 ? 96  ALA A CA  1 
ATOM   753  C  C   . ALA A 1 94  ? 1.678   -7.670  6.562   1.00 19.27 ? 96  ALA A C   1 
ATOM   754  O  O   . ALA A 1 94  ? 2.741   -7.227  6.076   1.00 19.20 ? 96  ALA A O   1 
ATOM   755  C  CB  . ALA A 1 94  ? 0.679   -6.020  8.115   1.00 20.14 ? 96  ALA A CB  1 
ATOM   756  N  N   . PRO A 1 95  ? 0.840   -8.430  5.856   1.00 17.74 ? 97  PRO A N   1 
ATOM   757  C  CA  . PRO A 1 95  ? 1.104   -8.670  4.434   1.00 17.40 ? 97  PRO A CA  1 
ATOM   758  C  C   . PRO A 1 95  ? 1.222   -7.366  3.650   1.00 15.18 ? 97  PRO A C   1 
ATOM   759  O  O   . PRO A 1 95  ? 0.538   -6.387  3.924   1.00 15.71 ? 97  PRO A O   1 
ATOM   760  C  CB  . PRO A 1 95  ? -0.108  -9.477  3.970   1.00 16.55 ? 97  PRO A CB  1 
ATOM   761  C  CG  . PRO A 1 95  ? -0.615  -10.124 5.232   1.00 16.85 ? 97  PRO A CG  1 
ATOM   762  C  CD  . PRO A 1 95  ? -0.352  -9.167  6.334   1.00 18.08 ? 97  PRO A CD  1 
ATOM   763  N  N   . TYR A 1 96  ? 2.110   -7.375  2.667   1.00 15.14 ? 98  TYR A N   1 
ATOM   764  C  CA  . TYR A 1 96  ? 2.216   -6.278  1.711   1.00 13.64 ? 98  TYR A CA  1 
ATOM   765  C  C   . TYR A 1 96  ? 2.285   -6.910  0.343   1.00 13.65 ? 98  TYR A C   1 
ATOM   766  O  O   . TYR A 1 96  ? 3.344   -7.361  -0.097  1.00 13.32 ? 98  TYR A O   1 
ATOM   767  C  CB  . TYR A 1 96  ? 3.483   -5.457  2.009   1.00 14.36 ? 98  TYR A CB  1 
ATOM   768  C  CG  . TYR A 1 96  ? 3.689   -4.220  1.164   1.00 11.62 ? 98  TYR A CG  1 
ATOM   769  C  CD1 . TYR A 1 96  ? 3.571   -2.944  1.725   1.00 13.15 ? 98  TYR A CD1 1 
ATOM   770  C  CD2 . TYR A 1 96  ? 4.117   -4.322  -0.170  1.00 13.66 ? 98  TYR A CD2 1 
ATOM   771  C  CE1 . TYR A 1 96  ? 3.812   -1.793  0.955   1.00 13.05 ? 98  TYR A CE1 1 
ATOM   772  C  CE2 . TYR A 1 96  ? 4.348   -3.196  -0.944  1.00 14.30 ? 98  TYR A CE2 1 
ATOM   773  C  CZ  . TYR A 1 96  ? 4.210   -1.920  -0.368  1.00 13.62 ? 98  TYR A CZ  1 
ATOM   774  O  OH  . TYR A 1 96  ? 4.447   -0.806  -1.163  1.00 12.58 ? 98  TYR A OH  1 
ATOM   775  N  N   . HIS A 1 97  ? 1.134   -7.014  -0.324  1.00 13.30 ? 99  HIS A N   1 
ATOM   776  C  CA  . HIS A 1 97  ? 1.085   -7.737  -1.591  1.00 13.54 ? 99  HIS A CA  1 
ATOM   777  C  C   . HIS A 1 97  ? 0.911   -6.748  -2.719  1.00 12.65 ? 99  HIS A C   1 
ATOM   778  O  O   . HIS A 1 97  ? -0.074  -6.014  -2.762  1.00 12.68 ? 99  HIS A O   1 
ATOM   779  C  CB  . HIS A 1 97  ? -0.106  -8.711  -1.600  1.00 14.46 ? 99  HIS A CB  1 
ATOM   780  C  CG  . HIS A 1 97  ? 0.097   -9.932  -0.768  1.00 16.95 ? 99  HIS A CG  1 
ATOM   781  N  ND1 . HIS A 1 97  ? -0.715  -11.047 -0.871  1.00 17.16 ? 99  HIS A ND1 1 
ATOM   782  C  CD2 . HIS A 1 97  ? 1.054   -10.241 0.139   1.00 17.47 ? 99  HIS A CD2 1 
ATOM   783  C  CE1 . HIS A 1 97  ? -0.293  -11.964 -0.024  1.00 20.57 ? 99  HIS A CE1 1 
ATOM   784  N  NE2 . HIS A 1 97  ? 0.780   -11.504 0.600   1.00 19.85 ? 99  HIS A NE2 1 
ATOM   785  N  N   . ILE A 1 98  ? 1.844   -6.755  -3.666  1.00 13.36 ? 100 ILE A N   1 
ATOM   786  C  CA  . ILE A 1 98  ? 1.735   -5.871  -4.796  1.00 12.63 ? 100 ILE A CA  1 
ATOM   787  C  C   . ILE A 1 98  ? 0.902   -6.527  -5.894  1.00 12.18 ? 100 ILE A C   1 
ATOM   788  O  O   . ILE A 1 98  ? 1.399   -7.375  -6.609  1.00 11.51 ? 100 ILE A O   1 
ATOM   789  C  CB  . ILE A 1 98  ? 3.152   -5.486  -5.270  1.00 13.32 ? 100 ILE A CB  1 
ATOM   790  C  CG1 . ILE A 1 98  ? 3.902   -4.879  -4.078  1.00 14.20 ? 100 ILE A CG1 1 
ATOM   791  C  CG2 . ILE A 1 98  ? 3.021   -4.505  -6.435  1.00 13.93 ? 100 ILE A CG2 1 
ATOM   792  C  CD1 . ILE A 1 98  ? 5.375   -4.884  -4.202  1.00 17.68 ? 100 ILE A CD1 1 
ATOM   793  N  N   . LEU A 1 99  ? -0.368  -6.108  -6.004  1.00 12.20 ? 101 LEU A N   1 
ATOM   794  C  CA  . LEU A 1 99  ? -1.299  -6.708  -6.942  1.00 12.53 ? 101 LEU A CA  1 
ATOM   795  C  C   . LEU A 1 99  ? -1.011  -6.289  -8.375  1.00 12.47 ? 101 LEU A C   1 
ATOM   796  O  O   . LEU A 1 99  ? -1.205  -7.084  -9.316  1.00 13.38 ? 101 LEU A O   1 
ATOM   797  C  CB  . LEU A 1 99  ? -2.756  -6.368  -6.566  1.00 10.89 ? 101 LEU A CB  1 
ATOM   798  C  CG  . LEU A 1 99  ? -3.219  -6.728  -5.158  1.00 12.14 ? 101 LEU A CG  1 
ATOM   799  C  CD1 . LEU A 1 99  ? -4.803  -6.606  -5.100  1.00 11.41 ? 101 LEU A CD1 1 
ATOM   800  C  CD2 . LEU A 1 99  ? -2.706  -8.121  -4.773  1.00 11.65 ? 101 LEU A CD2 1 
ATOM   801  N  N   . ALA A 1 100 ? -0.566  -5.039  -8.559  1.00 12.92 ? 102 ALA A N   1 
ATOM   802  C  CA  . ALA A 1 100 ? -0.318  -4.509  -9.907  1.00 12.89 ? 102 ALA A CA  1 
ATOM   803  C  C   . ALA A 1 100 ? 0.594   -3.312  -9.813  1.00 13.15 ? 102 ALA A C   1 
ATOM   804  O  O   . ALA A 1 100 ? 0.431   -2.473  -8.916  1.00 14.22 ? 102 ALA A O   1 
ATOM   805  C  CB  . ALA A 1 100 ? -1.642  -4.067  -10.579 1.00 13.45 ? 102 ALA A CB  1 
ATOM   806  N  N   . THR A 1 101 ? 1.544   -3.228  -10.736 1.00 13.72 ? 103 THR A N   1 
ATOM   807  C  CA  . THR A 1 101 ? 2.364   -2.017  -10.858 1.00 13.58 ? 103 THR A CA  1 
ATOM   808  C  C   . THR A 1 101 ? 3.018   -1.975  -12.216 1.00 14.98 ? 103 THR A C   1 
ATOM   809  O  O   . THR A 1 101 ? 3.374   -3.027  -12.796 1.00 14.02 ? 103 THR A O   1 
ATOM   810  C  CB  . THR A 1 101 ? 3.444   -1.913  -9.748  1.00 13.43 ? 103 THR A CB  1 
ATOM   811  O  OG1 . THR A 1 101 ? 4.177   -0.667  -9.892  1.00 15.85 ? 103 THR A OG1 1 
ATOM   812  C  CG2 . THR A 1 101 ? 4.501   -2.998  -9.873  1.00 13.08 ? 103 THR A CG2 1 
ATOM   813  N  N   . ASP A 1 102 ? 3.167   -0.762  -12.727 1.00 15.10 ? 104 ASP A N   1 
ATOM   814  C  CA  . ASP A 1 102 ? 3.976   -0.563  -13.933 1.00 16.21 ? 104 ASP A CA  1 
ATOM   815  C  C   . ASP A 1 102 ? 5.299   0.129   -13.614 1.00 17.60 ? 104 ASP A C   1 
ATOM   816  O  O   . ASP A 1 102 ? 5.997   0.612   -14.529 1.00 17.94 ? 104 ASP A O   1 
ATOM   817  C  CB  . ASP A 1 102 ? 3.169   0.194   -14.985 1.00 16.12 ? 104 ASP A CB  1 
ATOM   818  C  CG  . ASP A 1 102 ? 3.027   1.679   -14.702 1.00 17.83 ? 104 ASP A CG  1 
ATOM   819  O  OD1 . ASP A 1 102 ? 3.264   2.142   -13.553 1.00 17.24 ? 104 ASP A OD1 1 
ATOM   820  O  OD2 . ASP A 1 102 ? 2.651   2.475   -15.604 1.00 18.31 ? 104 ASP A OD2 1 
ATOM   821  N  N   . TYR A 1 103 ? 5.633   0.158   -12.324 1.00 17.48 ? 105 TYR A N   1 
ATOM   822  C  CA  . TYR A 1 103 ? 6.902   0.718   -11.773 1.00 18.98 ? 105 TYR A CA  1 
ATOM   823  C  C   . TYR A 1 103 ? 7.118   2.209   -11.981 1.00 19.52 ? 105 TYR A C   1 
ATOM   824  O  O   . TYR A 1 103 ? 7.814   2.827   -11.180 1.00 22.16 ? 105 TYR A O   1 
ATOM   825  C  CB  . TYR A 1 103 ? 8.184   -0.058  -12.225 1.00 18.54 ? 105 TYR A CB  1 
ATOM   826  C  CG  . TYR A 1 103 ? 8.028   -1.554  -12.148 1.00 18.05 ? 105 TYR A CG  1 
ATOM   827  C  CD1 . TYR A 1 103 ? 7.672   -2.287  -13.276 1.00 17.59 ? 105 TYR A CD1 1 
ATOM   828  C  CD2 . TYR A 1 103 ? 8.158   -2.220  -10.935 1.00 14.19 ? 105 TYR A CD2 1 
ATOM   829  C  CE1 . TYR A 1 103 ? 7.489   -3.667  -13.207 1.00 20.86 ? 105 TYR A CE1 1 
ATOM   830  C  CE2 . TYR A 1 103 ? 7.980   -3.585  -10.852 1.00 16.96 ? 105 TYR A CE2 1 
ATOM   831  C  CZ  . TYR A 1 103 ? 7.636   -4.299  -11.978 1.00 19.26 ? 105 TYR A CZ  1 
ATOM   832  O  OH  . TYR A 1 103 ? 7.465   -5.641  -11.893 1.00 19.14 ? 105 TYR A OH  1 
ATOM   833  N  N   . GLU A 1 104 ? 6.509   2.797   -13.011 1.00 19.82 ? 106 GLU A N   1 
ATOM   834  C  CA  . GLU A 1 104 ? 6.777   4.212   -13.361 1.00 20.04 ? 106 GLU A CA  1 
ATOM   835  C  C   . GLU A 1 104 ? 5.620   5.169   -13.104 1.00 17.83 ? 106 GLU A C   1 
ATOM   836  O  O   . GLU A 1 104 ? 5.791   6.418   -13.125 1.00 16.13 ? 106 GLU A O   1 
ATOM   837  C  CB  . GLU A 1 104 ? 7.203   4.325   -14.831 1.00 20.27 ? 106 GLU A CB  1 
ATOM   838  C  CG  . GLU A 1 104 ? 8.587   3.769   -15.137 1.00 23.76 ? 106 GLU A CG  1 
ATOM   839  C  CD  . GLU A 1 104 ? 8.907   3.805   -16.633 1.00 26.22 ? 106 GLU A CD  1 
ATOM   840  O  OE1 . GLU A 1 104 ? 8.240   4.559   -17.398 1.00 33.62 ? 106 GLU A OE1 1 
ATOM   841  O  OE2 . GLU A 1 104 ? 9.818   3.059   -17.052 1.00 34.59 ? 106 GLU A OE2 1 
ATOM   842  N  N   . ASN A 1 105 ? 4.437   4.600   -12.865 1.00 15.99 ? 107 ASN A N   1 
ATOM   843  C  CA  . ASN A 1 105 ? 3.240   5.393   -12.711 1.00 14.96 ? 107 ASN A CA  1 
ATOM   844  C  C   . ASN A 1 105 ? 2.385   4.992   -11.516 1.00 14.27 ? 107 ASN A C   1 
ATOM   845  O  O   . ASN A 1 105 ? 2.065   5.840   -10.709 1.00 13.98 ? 107 ASN A O   1 
ATOM   846  C  CB  . ASN A 1 105 ? 2.396   5.341   -13.988 1.00 16.21 ? 107 ASN A CB  1 
ATOM   847  C  CG  . ASN A 1 105 ? 3.079   6.021   -15.135 1.00 16.99 ? 107 ASN A CG  1 
ATOM   848  O  OD1 . ASN A 1 105 ? 3.123   7.244   -15.187 1.00 20.74 ? 107 ASN A OD1 1 
ATOM   849  N  ND2 . ASN A 1 105 ? 3.654   5.237   -16.033 1.00 16.50 ? 107 ASN A ND2 1 
ATOM   850  N  N   . TYR A 1 106 ? 2.036   3.704   -11.394 1.00 13.20 ? 108 TYR A N   1 
ATOM   851  C  CA  . TYR A 1 106 ? 1.085   3.292   -10.344 1.00 12.73 ? 108 TYR A CA  1 
ATOM   852  C  C   . TYR A 1 106 ? 1.512   1.984   -9.668  1.00 11.80 ? 108 TYR A C   1 
ATOM   853  O  O   . TYR A 1 106 ? 2.329   1.212   -10.198 1.00 11.90 ? 108 TYR A O   1 
ATOM   854  C  CB  . TYR A 1 106 ? -0.331  3.097   -10.926 1.00 14.59 ? 108 TYR A CB  1 
ATOM   855  C  CG  . TYR A 1 106 ? -0.353  1.958   -11.956 1.00 14.25 ? 108 TYR A CG  1 
ATOM   856  C  CD1 . TYR A 1 106 ? -0.513  0.613   -11.557 1.00 14.66 ? 108 TYR A CD1 1 
ATOM   857  C  CD2 . TYR A 1 106 ? -0.214  2.234   -13.321 1.00 16.00 ? 108 TYR A CD2 1 
ATOM   858  C  CE1 . TYR A 1 106 ? -0.497  -0.427  -12.504 1.00 18.09 ? 108 TYR A CE1 1 
ATOM   859  C  CE2 . TYR A 1 106 ? -0.206  1.202   -14.266 1.00 15.94 ? 108 TYR A CE2 1 
ATOM   860  C  CZ  . TYR A 1 106 ? -0.358  -0.111  -13.852 1.00 17.42 ? 108 TYR A CZ  1 
ATOM   861  O  OH  . TYR A 1 106 ? -0.334  -1.116  -14.797 1.00 19.48 ? 108 TYR A OH  1 
ATOM   862  N  N   . ALA A 1 107 ? 0.925   1.742   -8.491  1.00 12.35 ? 109 ALA A N   1 
ATOM   863  C  CA  . ALA A 1 107 ? 1.043   0.460   -7.798  1.00 11.40 ? 109 ALA A CA  1 
ATOM   864  C  C   . ALA A 1 107 ? -0.226  0.286   -6.973  1.00 11.82 ? 109 ALA A C   1 
ATOM   865  O  O   . ALA A 1 107 ? -0.779  1.259   -6.423  1.00 12.98 ? 109 ALA A O   1 
ATOM   866  C  CB  . ALA A 1 107 ? 2.275   0.415   -6.895  1.00 12.20 ? 109 ALA A CB  1 
ATOM   867  N  N   . LEU A 1 108 ? -0.711  -0.950  -6.941  1.00 10.76 ? 110 LEU A N   1 
ATOM   868  C  CA  . LEU A 1 108 ? -1.822  -1.318  -6.088  1.00 11.13 ? 110 LEU A CA  1 
ATOM   869  C  C   . LEU A 1 108 ? -1.304  -2.306  -5.055  1.00 11.28 ? 110 LEU A C   1 
ATOM   870  O  O   . LEU A 1 108 ? -0.768  -3.341  -5.417  1.00 12.37 ? 110 LEU A O   1 
ATOM   871  C  CB  . LEU A 1 108 ? -2.941  -1.931  -6.954  1.00 10.25 ? 110 LEU A CB  1 
ATOM   872  C  CG  . LEU A 1 108 ? -4.113  -2.527  -6.174  1.00 9.86  ? 110 LEU A CG  1 
ATOM   873  C  CD1 . LEU A 1 108 ? -4.835  -1.480  -5.352  1.00 10.24 ? 110 LEU A CD1 1 
ATOM   874  C  CD2 . LEU A 1 108 ? -5.061  -3.207  -7.180  1.00 10.46 ? 110 LEU A CD2 1 
ATOM   875  N  N   . VAL A 1 109 ? -1.454  -1.976  -3.773  1.00 12.00 ? 111 VAL A N   1 
ATOM   876  C  CA  . VAL A 1 109 ? -0.928  -2.791  -2.688  1.00 10.89 ? 111 VAL A CA  1 
ATOM   877  C  C   . VAL A 1 109 ? -2.129  -3.245  -1.857  1.00 10.37 ? 111 VAL A C   1 
ATOM   878  O  O   . VAL A 1 109 ? -3.033  -2.460  -1.593  1.00 11.47 ? 111 VAL A O   1 
ATOM   879  C  CB  . VAL A 1 109 ? 0.071   -2.011  -1.804  1.00 10.83 ? 111 VAL A CB  1 
ATOM   880  C  CG1 . VAL A 1 109 ? 0.503   -2.844  -0.615  1.00 10.99 ? 111 VAL A CG1 1 
ATOM   881  C  CG2 . VAL A 1 109 ? 1.331   -1.564  -2.667  1.00 12.74 ? 111 VAL A CG2 1 
ATOM   882  N  N   . TYR A 1 110 ? -2.116  -4.514  -1.469  1.00 10.08 ? 112 TYR A N   1 
ATOM   883  C  CA  . TYR A 1 110 ? -3.195  -5.118  -0.678  1.00 10.97 ? 112 TYR A CA  1 
ATOM   884  C  C   . TYR A 1 110 ? -2.652  -5.793  0.598   1.00 10.98 ? 112 TYR A C   1 
ATOM   885  O  O   . TYR A 1 110 ? -1.534  -6.377  0.617   1.00 11.46 ? 112 TYR A O   1 
ATOM   886  C  CB  . TYR A 1 110 ? -3.947  -6.140  -1.565  1.00 11.68 ? 112 TYR A CB  1 
ATOM   887  C  CG  . TYR A 1 110 ? -5.069  -6.880  -0.855  1.00 9.67  ? 112 TYR A CG  1 
ATOM   888  C  CD1 . TYR A 1 110 ? -6.207  -6.216  -0.424  1.00 13.35 ? 112 TYR A CD1 1 
ATOM   889  C  CD2 . TYR A 1 110 ? -4.969  -8.264  -0.631  1.00 14.19 ? 112 TYR A CD2 1 
ATOM   890  C  CE1 . TYR A 1 110 ? -7.236  -6.905  0.220   1.00 11.20 ? 112 TYR A CE1 1 
ATOM   891  C  CE2 . TYR A 1 110 ? -5.993  -8.974  0.036   1.00 12.86 ? 112 TYR A CE2 1 
ATOM   892  C  CZ  . TYR A 1 110 ? -7.118  -8.275  0.443   1.00 13.51 ? 112 TYR A CZ  1 
ATOM   893  O  OH  . TYR A 1 110 ? -8.134  -8.951  1.113   1.00 13.32 ? 112 TYR A OH  1 
ATOM   894  N  N   . SER A 1 111 ? -3.436  -5.730  1.672   1.00 11.32 ? 113 SER A N   1 
ATOM   895  C  CA  . SER A 1 111 ? -3.069  -6.409  2.920   1.00 11.56 ? 113 SER A CA  1 
ATOM   896  C  C   . SER A 1 111 ? -4.320  -6.949  3.586   1.00 11.67 ? 113 SER A C   1 
ATOM   897  O  O   . SER A 1 111 ? -5.311  -6.213  3.693   1.00 11.68 ? 113 SER A O   1 
ATOM   898  C  CB  . SER A 1 111 ? -2.407  -5.434  3.904   1.00 12.11 ? 113 SER A CB  1 
ATOM   899  O  OG  . SER A 1 111 ? -1.830  -6.160  4.991   1.00 12.72 ? 113 SER A OG  1 
ATOM   900  N  N   . CYS A 1 112 ? -4.260  -8.200  4.048   1.00 12.91 ? 114 CYS A N   1 
ATOM   901  C  CA  . CYS A 1 112 ? -5.407  -8.811  4.741   1.00 12.93 ? 114 CYS A CA  1 
ATOM   902  C  C   . CYS A 1 112 ? -4.927  -9.609  5.939   1.00 13.47 ? 114 CYS A C   1 
ATOM   903  O  O   . CYS A 1 112 ? -3.924  -10.339 5.858   1.00 12.44 ? 114 CYS A O   1 
ATOM   904  C  CB  . CYS A 1 112 ? -6.207  -9.694  3.780   1.00 13.17 ? 114 CYS A CB  1 
ATOM   905  S  SG  . CYS A 1 112 ? -7.706  -10.397 4.515   1.00 15.21 ? 114 CYS A SG  1 
ATOM   906  N  N   . THR A 1 113 ? -5.653  -9.454  7.054   1.00 13.63 ? 115 THR A N   1 
ATOM   907  C  CA  . THR A 1 113 ? -5.348  -10.118 8.306   1.00 14.72 ? 115 THR A CA  1 
ATOM   908  C  C   . THR A 1 113 ? -6.596  -10.837 8.831   1.00 15.34 ? 115 THR A C   1 
ATOM   909  O  O   . THR A 1 113 ? -7.672  -10.243 8.866   1.00 14.42 ? 115 THR A O   1 
ATOM   910  C  CB  . THR A 1 113 ? -4.932  -9.075  9.332   1.00 14.79 ? 115 THR A CB  1 
ATOM   911  O  OG1 . THR A 1 113 ? -3.667  -8.559  8.945   1.00 14.96 ? 115 THR A OG1 1 
ATOM   912  C  CG2 . THR A 1 113 ? -4.658  -9.739  10.668  1.00 16.10 ? 115 THR A CG2 1 
ATOM   913  N  N   . SER A 1 114 ? -6.430  -12.096 9.219   1.00 15.80 ? 116 SER A N   1 
ATOM   914  C  CA  . SER A 1 114 ? -7.543  -12.877 9.770   1.00 17.76 ? 116 SER A CA  1 
ATOM   915  C  C   . SER A 1 114 ? -7.917  -12.444 11.188  1.00 18.04 ? 116 SER A C   1 
ATOM   916  O  O   . SER A 1 114 ? -7.095  -11.873 11.948  1.00 18.03 ? 116 SER A O   1 
ATOM   917  C  CB  . SER A 1 114 ? -7.218  -14.368 9.744   1.00 18.93 ? 116 SER A CB  1 
ATOM   918  O  OG  . SER A 1 114 ? -6.050  -14.631 10.509  1.00 19.94 ? 116 SER A OG  1 
ATOM   919  N  N   . ILE A 1 115 ? -9.178  -12.683 11.523  1.00 17.84 ? 117 ILE A N   1 
ATOM   920  C  CA  . ILE A 1 115 ? -9.681  -12.608 12.899  1.00 18.40 ? 117 ILE A CA  1 
ATOM   921  C  C   . ILE A 1 115 ? -10.384 -13.962 13.072  1.00 18.87 ? 117 ILE A C   1 
ATOM   922  O  O   . ILE A 1 115 ? -11.610 -14.052 12.937  1.00 19.57 ? 117 ILE A O   1 
ATOM   923  C  CB  . ILE A 1 115 ? -10.671 -11.427 13.068  1.00 18.09 ? 117 ILE A CB  1 
ATOM   924  C  CG1 . ILE A 1 115 ? -10.008 -10.094 12.737  1.00 17.29 ? 117 ILE A CG1 1 
ATOM   925  C  CG2 . ILE A 1 115 ? -11.236 -11.378 14.524  1.00 18.79 ? 117 ILE A CG2 1 
ATOM   926  C  CD1 . ILE A 1 115 ? -11.009 -8.989  12.418  1.00 20.39 ? 117 ILE A CD1 1 
ATOM   927  N  N   . SER A 1 116 ? -9.594  -14.996 13.381  1.00 19.40 ? 118 SER A N   1 
ATOM   928  C  CA  . SER A 1 116 ? -9.975  -16.411 13.240  1.00 20.53 ? 118 SER A CA  1 
ATOM   929  C  C   . SER A 1 116 ? -10.194 -16.718 11.760  1.00 20.78 ? 118 SER A C   1 
ATOM   930  O  O   . SER A 1 116 ? -10.146 -15.807 10.926  1.00 20.24 ? 118 SER A O   1 
ATOM   931  C  CB  . SER A 1 116 ? -11.230 -16.739 14.049  1.00 20.63 ? 118 SER A CB  1 
ATOM   932  O  OG  . SER A 1 116 ? -12.397 -16.387 13.306  1.00 20.89 ? 118 SER A OG  1 
ATOM   933  N  N   . GLN A 1 117 ? -10.434 -17.981 11.408  1.00 22.18 ? 119 GLN A N   1 
ATOM   934  C  CA  . GLN A 1 117 ? -10.678 -18.290 9.993   1.00 22.90 ? 119 GLN A CA  1 
ATOM   935  C  C   . GLN A 1 117 ? -12.085 -17.865 9.526   1.00 21.90 ? 119 GLN A C   1 
ATOM   936  O  O   . GLN A 1 117 ? -12.432 -17.979 8.340   1.00 23.04 ? 119 GLN A O   1 
ATOM   937  C  CB  . GLN A 1 117 ? -10.390 -19.769 9.674   1.00 24.72 ? 119 GLN A CB  1 
ATOM   938  C  CG  . GLN A 1 117 ? -8.887  -20.168 9.798   1.00 29.40 ? 119 GLN A CG  1 
ATOM   939  C  CD  . GLN A 1 117 ? -7.963  -19.561 8.729   1.00 35.88 ? 119 GLN A CD  1 
ATOM   940  O  OE1 . GLN A 1 117 ? -8.395  -18.796 7.853   1.00 40.23 ? 119 GLN A OE1 1 
ATOM   941  N  NE2 . GLN A 1 117 ? -6.679  -19.911 8.804   1.00 40.02 ? 119 GLN A NE2 1 
ATOM   942  N  N   . SER A 1 118 ? -12.884 -17.335 10.442  1.00 20.10 ? 120 SER A N   1 
ATOM   943  C  CA  . SER A 1 118 ? -14.246 -16.963 10.078  1.00 18.23 ? 120 SER A CA  1 
ATOM   944  C  C   . SER A 1 118 ? -14.441 -15.509 9.661   1.00 16.97 ? 120 SER A C   1 
ATOM   945  O  O   . SER A 1 118 ? -15.508 -15.155 9.157   1.00 16.25 ? 120 SER A O   1 
ATOM   946  C  CB  . SER A 1 118 ? -15.186 -17.328 11.217  1.00 18.89 ? 120 SER A CB  1 
ATOM   947  O  OG  . SER A 1 118 ? -15.216 -18.742 11.318  1.00 20.70 ? 120 SER A OG  1 
ATOM   948  N  N   . PHE A 1 119 ? -13.448 -14.654 9.935   1.00 15.45 ? 121 PHE A N   1 
ATOM   949  C  CA  . PHE A 1 119 ? -13.571 -13.216 9.654   1.00 15.69 ? 121 PHE A CA  1 
ATOM   950  C  C   . PHE A 1 119 ? -12.212 -12.655 9.284   1.00 15.16 ? 121 PHE A C   1 
ATOM   951  O  O   . PHE A 1 119 ? -11.173 -13.248 9.620   1.00 14.56 ? 121 PHE A O   1 
ATOM   952  C  CB  . PHE A 1 119 ? -14.063 -12.432 10.865  1.00 15.96 ? 121 PHE A CB  1 
ATOM   953  C  CG  . PHE A 1 119 ? -15.380 -12.920 11.404  1.00 18.44 ? 121 PHE A CG  1 
ATOM   954  C  CD1 . PHE A 1 119 ? -15.412 -13.783 12.500  1.00 21.57 ? 121 PHE A CD1 1 
ATOM   955  C  CD2 . PHE A 1 119 ? -16.572 -12.522 10.800  1.00 20.21 ? 121 PHE A CD2 1 
ATOM   956  C  CE1 . PHE A 1 119 ? -16.629 -14.257 12.998  1.00 22.55 ? 121 PHE A CE1 1 
ATOM   957  C  CE2 . PHE A 1 119 ? -17.803 -12.990 11.284  1.00 21.71 ? 121 PHE A CE2 1 
ATOM   958  C  CZ  . PHE A 1 119 ? -17.821 -13.853 12.391  1.00 21.24 ? 121 PHE A CZ  1 
ATOM   959  N  N   . HIS A 1 120 ? -12.238 -11.503 8.625   1.00 15.43 ? 122 HIS A N   1 
ATOM   960  C  CA  . HIS A 1 120 ? -10.982 -10.832 8.274   1.00 14.32 ? 122 HIS A CA  1 
ATOM   961  C  C   . HIS A 1 120 ? -11.186 -9.336  8.158   1.00 15.04 ? 122 HIS A C   1 
ATOM   962  O  O   . HIS A 1 120 ? -12.318 -8.855  8.074   1.00 15.06 ? 122 HIS A O   1 
ATOM   963  C  CB  . HIS A 1 120 ? -10.426 -11.432 6.969   1.00 14.78 ? 122 HIS A CB  1 
ATOM   964  C  CG  . HIS A 1 120 ? -11.251 -11.129 5.756   1.00 14.52 ? 122 HIS A CG  1 
ATOM   965  N  ND1 . HIS A 1 120 ? -12.262 -11.957 5.321   1.00 16.67 ? 122 HIS A ND1 1 
ATOM   966  C  CD2 . HIS A 1 120 ? -11.213 -10.092 4.883   1.00 15.68 ? 122 HIS A CD2 1 
ATOM   967  C  CE1 . HIS A 1 120 ? -12.826 -11.434 4.239   1.00 16.67 ? 122 HIS A CE1 1 
ATOM   968  N  NE2 . HIS A 1 120 ? -12.204 -10.302 3.952   1.00 16.51 ? 122 HIS A NE2 1 
ATOM   969  N  N   . VAL A 1 121 ? -10.070 -8.594  8.155   1.00 14.46 ? 123 VAL A N   1 
ATOM   970  C  CA  . VAL A 1 121 ? -10.097 -7.164  7.855   1.00 14.76 ? 123 VAL A CA  1 
ATOM   971  C  C   . VAL A 1 121 ? -9.077  -6.984  6.764   1.00 13.57 ? 123 VAL A C   1 
ATOM   972  O  O   . VAL A 1 121 ? -8.027  -7.653  6.765   1.00 14.37 ? 123 VAL A O   1 
ATOM   973  C  CB  . VAL A 1 121 ? -9.735  -6.256  9.099   1.00 14.83 ? 123 VAL A CB  1 
ATOM   974  C  CG1 . VAL A 1 121 ? -10.796 -6.341  10.169  1.00 17.59 ? 123 VAL A CG1 1 
ATOM   975  C  CG2 . VAL A 1 121 ? -8.427  -6.661  9.675   1.00 17.90 ? 123 VAL A CG2 1 
ATOM   976  N  N   . ASP A 1 122 ? -9.395  -6.144  5.785   1.00 13.10 ? 124 ASP A N   1 
ATOM   977  C  CA  . ASP A 1 122 ? -8.425  -5.899  4.725   1.00 13.38 ? 124 ASP A CA  1 
ATOM   978  C  C   . ASP A 1 122 ? -8.283  -4.425  4.374   1.00 13.64 ? 124 ASP A C   1 
ATOM   979  O  O   . ASP A 1 122 ? -9.092  -3.574  4.826   1.00 12.89 ? 124 ASP A O   1 
ATOM   980  C  CB  . ASP A 1 122 ? -8.670  -6.767  3.496   1.00 12.94 ? 124 ASP A CB  1 
ATOM   981  C  CG  . ASP A 1 122 ? -9.985  -6.453  2.781   1.00 13.65 ? 124 ASP A CG  1 
ATOM   982  O  OD1 . ASP A 1 122 ? -10.769 -5.575  3.204   1.00 14.97 ? 124 ASP A OD1 1 
ATOM   983  O  OD2 . ASP A 1 122 ? -10.291 -7.110  1.781   1.00 16.09 ? 124 ASP A OD2 1 
ATOM   984  N  N   . PHE A 1 123 ? -7.211  -4.148  3.629   1.00 13.12 ? 125 PHE A N   1 
ATOM   985  C  CA  . PHE A 1 123 ? -6.752  -2.789  3.363   1.00 13.60 ? 125 PHE A CA  1 
ATOM   986  C  C   . PHE A 1 123 ? -6.126  -2.781  2.001   1.00 11.84 ? 125 PHE A C   1 
ATOM   987  O  O   . PHE A 1 123 ? -5.694  -3.820  1.495   1.00 11.72 ? 125 PHE A O   1 
ATOM   988  C  CB  . PHE A 1 123 ? -5.704  -2.375  4.423   1.00 14.10 ? 125 PHE A CB  1 
ATOM   989  C  CG  . PHE A 1 123 ? -6.246  -2.421  5.831   1.00 17.54 ? 125 PHE A CG  1 
ATOM   990  C  CD1 . PHE A 1 123 ? -6.017  -3.535  6.623   1.00 20.04 ? 125 PHE A CD1 1 
ATOM   991  C  CD2 . PHE A 1 123 ? -7.065  -1.407  6.301   1.00 21.35 ? 125 PHE A CD2 1 
ATOM   992  C  CE1 . PHE A 1 123 ? -6.572  -3.616  7.916   1.00 19.38 ? 125 PHE A CE1 1 
ATOM   993  C  CE2 . PHE A 1 123 ? -7.618  -1.483  7.567   1.00 23.52 ? 125 PHE A CE2 1 
ATOM   994  C  CZ  . PHE A 1 123 ? -7.348  -2.598  8.372   1.00 19.65 ? 125 PHE A CZ  1 
ATOM   995  N  N   . ALA A 1 124 ? -6.134  -1.609  1.378   1.00 11.66 ? 126 ALA A N   1 
ATOM   996  C  CA  . ALA A 1 124 ? -5.551  -1.454  0.038   1.00 11.37 ? 126 ALA A CA  1 
ATOM   997  C  C   . ALA A 1 124 ? -5.152  -0.009  -0.148  1.00 10.81 ? 126 ALA A C   1 
ATOM   998  O  O   . ALA A 1 124 ? -5.829  0.876   0.344   1.00 10.93 ? 126 ALA A O   1 
ATOM   999  C  CB  . ALA A 1 124 ? -6.539  -1.841  -1.058  1.00 10.92 ? 126 ALA A CB  1 
ATOM   1000 N  N   . TRP A 1 125 ? -4.070  0.176   -0.892  1.00 10.13 ? 127 TRP A N   1 
ATOM   1001 C  CA  . TRP A 1 125 ? -3.528  1.479   -1.218  1.00 11.86 ? 127 TRP A CA  1 
ATOM   1002 C  C   . TRP A 1 125 ? -3.250  1.508   -2.717  1.00 11.06 ? 127 TRP A C   1 
ATOM   1003 O  O   . TRP A 1 125 ? -2.654  0.581   -3.258  1.00 11.33 ? 127 TRP A O   1 
ATOM   1004 C  CB  . TRP A 1 125 ? -2.188  1.715   -0.453  1.00 10.94 ? 127 TRP A CB  1 
ATOM   1005 C  CG  . TRP A 1 125 ? -2.320  1.652   1.064   1.00 13.42 ? 127 TRP A CG  1 
ATOM   1006 C  CD1 . TRP A 1 125 ? -2.467  2.708   1.937   1.00 14.14 ? 127 TRP A CD1 1 
ATOM   1007 C  CD2 . TRP A 1 125 ? -2.277  0.469   1.881   1.00 13.80 ? 127 TRP A CD2 1 
ATOM   1008 N  NE1 . TRP A 1 125 ? -2.548  2.235   3.231   1.00 11.61 ? 127 TRP A NE1 1 
ATOM   1009 C  CE2 . TRP A 1 125 ? -2.428  0.870   3.219   1.00 13.10 ? 127 TRP A CE2 1 
ATOM   1010 C  CE3 . TRP A 1 125 ? -2.149  -0.911  1.605   1.00 16.70 ? 127 TRP A CE3 1 
ATOM   1011 C  CZ2 . TRP A 1 125 ? -2.469  -0.052  4.287   1.00 12.74 ? 127 TRP A CZ2 1 
ATOM   1012 C  CZ3 . TRP A 1 125 ? -2.148  -1.827  2.674   1.00 13.21 ? 127 TRP A CZ3 1 
ATOM   1013 C  CH2 . TRP A 1 125 ? -2.308  -1.387  3.993   1.00 14.22 ? 127 TRP A CH2 1 
ATOM   1014 N  N   . ILE A 1 126 ? -3.698  2.569   -3.358  1.00 11.30 ? 128 ILE A N   1 
ATOM   1015 C  CA  . ILE A 1 126 ? -3.314  2.926   -4.721  1.00 11.79 ? 128 ILE A CA  1 
ATOM   1016 C  C   . ILE A 1 126 ? -2.256  4.008   -4.602  1.00 10.92 ? 128 ILE A C   1 
ATOM   1017 O  O   . ILE A 1 126 ? -2.511  5.078   -4.023  1.00 10.84 ? 128 ILE A O   1 
ATOM   1018 C  CB  . ILE A 1 126 ? -4.558  3.453   -5.479  1.00 12.06 ? 128 ILE A CB  1 
ATOM   1019 C  CG1 . ILE A 1 126 ? -5.523  2.258   -5.671  1.00 12.64 ? 128 ILE A CG1 1 
ATOM   1020 C  CG2 . ILE A 1 126 ? -4.122  4.137   -6.807  1.00 11.06 ? 128 ILE A CG2 1 
ATOM   1021 C  CD1 . ILE A 1 126 ? -6.867  2.585   -6.359  1.00 13.79 ? 128 ILE A CD1 1 
ATOM   1022 N  N   . LEU A 1 127 ? -1.078  3.703   -5.142  1.00 11.93 ? 129 LEU A N   1 
ATOM   1023 C  CA  . LEU A 1 127 ? 0.081   4.596   -5.064  1.00 11.94 ? 129 LEU A CA  1 
ATOM   1024 C  C   . LEU A 1 127 ? 0.451   5.080   -6.442  1.00 12.16 ? 129 LEU A C   1 
ATOM   1025 O  O   . LEU A 1 127 ? 0.140   4.432   -7.475  1.00 11.66 ? 129 LEU A O   1 
ATOM   1026 C  CB  . LEU A 1 127 ? 1.297   3.852   -4.459  1.00 12.55 ? 129 LEU A CB  1 
ATOM   1027 C  CG  . LEU A 1 127 ? 1.087   3.054   -3.165  1.00 11.20 ? 129 LEU A CG  1 
ATOM   1028 C  CD1 . LEU A 1 127 ? 2.338   2.229   -2.779  1.00 10.60 ? 129 LEU A CD1 1 
ATOM   1029 C  CD2 . LEU A 1 127 ? 0.575   3.929   -2.020  1.00 10.53 ? 129 LEU A CD2 1 
ATOM   1030 N  N   . ALA A 1 128 ? 1.131   6.222   -6.478  1.00 12.15 ? 130 ALA A N   1 
ATOM   1031 C  CA  . ALA A 1 128 ? 1.611   6.740   -7.765  1.00 12.64 ? 130 ALA A CA  1 
ATOM   1032 C  C   . ALA A 1 128 ? 2.966   7.420   -7.621  1.00 12.48 ? 130 ALA A C   1 
ATOM   1033 O  O   . ALA A 1 128 ? 3.360   7.817   -6.510  1.00 12.42 ? 130 ALA A O   1 
ATOM   1034 C  CB  . ALA A 1 128 ? 0.584   7.720   -8.370  1.00 12.66 ? 130 ALA A CB  1 
ATOM   1035 N  N   . ARG A 1 129 ? 3.684   7.511   -8.740  1.00 13.41 ? 131 ARG A N   1 
ATOM   1036 C  CA  . ARG A 1 129 ? 4.960   8.239   -8.787  1.00 15.32 ? 131 ARG A CA  1 
ATOM   1037 C  C   . ARG A 1 129 ? 4.730   9.743   -8.824  1.00 16.35 ? 131 ARG A C   1 
ATOM   1038 O  O   . ARG A 1 129 ? 5.547   10.517  -8.328  1.00 16.68 ? 131 ARG A O   1 
ATOM   1039 C  CB  . ARG A 1 129 ? 5.766   7.780   -9.995  1.00 15.08 ? 131 ARG A CB  1 
ATOM   1040 C  CG  . ARG A 1 129 ? 6.191   6.309   -9.906  1.00 16.05 ? 131 ARG A CG  1 
ATOM   1041 C  CD  . ARG A 1 129 ? 7.124   6.032   -8.739  1.00 15.81 ? 131 ARG A CD  1 
ATOM   1042 N  NE  . ARG A 1 129 ? 7.818   4.774   -8.910  1.00 15.32 ? 131 ARG A NE  1 
ATOM   1043 C  CZ  . ARG A 1 129 ? 8.709   4.271   -8.075  1.00 15.22 ? 131 ARG A CZ  1 
ATOM   1044 N  NH1 . ARG A 1 129 ? 9.069   4.906   -6.947  1.00 14.07 ? 131 ARG A NH1 1 
ATOM   1045 N  NH2 . ARG A 1 129 ? 9.256   3.121   -8.375  1.00 17.14 ? 131 ARG A NH2 1 
ATOM   1046 N  N   . ASN A 1 130 ? 3.613   10.145  -9.421  1.00 17.07 ? 132 ASN A N   1 
ATOM   1047 C  CA  . ASN A 1 130 ? 3.147   11.533  -9.410  1.00 19.03 ? 132 ASN A CA  1 
ATOM   1048 C  C   . ASN A 1 130 ? 2.037   11.709  -8.369  1.00 18.81 ? 132 ASN A C   1 
ATOM   1049 O  O   . ASN A 1 130 ? 1.541   10.730  -7.814  1.00 17.99 ? 132 ASN A O   1 
ATOM   1050 C  CB  . ASN A 1 130 ? 2.654   11.951  -10.791 1.00 20.69 ? 132 ASN A CB  1 
ATOM   1051 C  CG  . ASN A 1 130 ? 3.759   11.894  -11.844 1.00 25.80 ? 132 ASN A CG  1 
ATOM   1052 O  OD1 . ASN A 1 130 ? 4.831   12.500  -11.689 1.00 31.93 ? 132 ASN A OD1 1 
ATOM   1053 N  ND2 . ASN A 1 130 ? 3.505   11.157  -12.922 1.00 32.92 ? 132 ASN A ND2 1 
ATOM   1054 N  N   . VAL A 1 131 ? 1.632   12.947  -8.113  1.00 18.22 ? 133 VAL A N   1 
ATOM   1055 C  CA  . VAL A 1 131 ? 0.624   13.209  -7.061  1.00 18.78 ? 133 VAL A CA  1 
ATOM   1056 C  C   . VAL A 1 131 ? -0.820  12.938  -7.469  1.00 18.95 ? 133 VAL A C   1 
ATOM   1057 O  O   . VAL A 1 131 ? -1.745  13.159  -6.685  1.00 19.30 ? 133 VAL A O   1 
ATOM   1058 C  CB  . VAL A 1 131 ? 0.760   14.624  -6.441  1.00 19.39 ? 133 VAL A CB  1 
ATOM   1059 C  CG1 . VAL A 1 131 ? 2.134   14.759  -5.798  1.00 19.01 ? 133 VAL A CG1 1 
ATOM   1060 C  CG2 . VAL A 1 131 ? 0.507   15.707  -7.489  1.00 21.32 ? 133 VAL A CG2 1 
ATOM   1061 N  N   . ALA A 1 132 ? -1.004  12.447  -8.688  1.00 18.24 ? 134 ALA A N   1 
ATOM   1062 C  CA  . ALA A 1 132 ? -2.334  12.108  -9.205  1.00 18.31 ? 134 ALA A CA  1 
ATOM   1063 C  C   . ALA A 1 132 ? -2.202  11.056  -10.300 1.00 17.78 ? 134 ALA A C   1 
ATOM   1064 O  O   . ALA A 1 132 ? -1.125  10.891  -10.891 1.00 17.14 ? 134 ALA A O   1 
ATOM   1065 C  CB  . ALA A 1 132 ? -3.053  13.365  -9.768  1.00 18.27 ? 134 ALA A CB  1 
ATOM   1066 N  N   . LEU A 1 133 ? -3.318  10.380  -10.584 1.00 17.07 ? 135 LEU A N   1 
ATOM   1067 C  CA  . LEU A 1 133 ? -3.388  9.375   -11.623 1.00 16.93 ? 135 LEU A CA  1 
ATOM   1068 C  C   . LEU A 1 133 ? -4.584  9.663   -12.497 1.00 18.30 ? 135 LEU A C   1 
ATOM   1069 O  O   . LEU A 1 133 ? -5.541  10.278  -12.030 1.00 18.09 ? 135 LEU A O   1 
ATOM   1070 C  CB  . LEU A 1 133 ? -3.582  7.973   -11.019 1.00 17.11 ? 135 LEU A CB  1 
ATOM   1071 C  CG  . LEU A 1 133 ? -2.342  7.307   -10.434 1.00 14.88 ? 135 LEU A CG  1 
ATOM   1072 C  CD1 . LEU A 1 133 ? -2.737  6.071   -9.607  1.00 16.49 ? 135 LEU A CD1 1 
ATOM   1073 C  CD2 . LEU A 1 133 ? -1.254  6.958   -11.502 1.00 14.82 ? 135 LEU A CD2 1 
ATOM   1074 N  N   . PRO A 1 134 ? -4.559  9.200   -13.747 1.00 18.58 ? 136 PRO A N   1 
ATOM   1075 C  CA  . PRO A 1 134 ? -5.756  9.278   -14.593 1.00 19.96 ? 136 PRO A CA  1 
ATOM   1076 C  C   . PRO A 1 134 ? -6.897  8.493   -13.955 1.00 20.47 ? 136 PRO A C   1 
ATOM   1077 O  O   . PRO A 1 134 ? -6.660  7.406   -13.410 1.00 19.81 ? 136 PRO A O   1 
ATOM   1078 C  CB  . PRO A 1 134 ? -5.304  8.603   -15.890 1.00 19.61 ? 136 PRO A CB  1 
ATOM   1079 C  CG  . PRO A 1 134 ? -3.836  8.826   -15.889 1.00 19.81 ? 136 PRO A CG  1 
ATOM   1080 C  CD  . PRO A 1 134 ? -3.424  8.596   -14.461 1.00 18.74 ? 136 PRO A CD  1 
ATOM   1081 N  N   . PRO A 1 135 ? -8.110  9.053   -13.978 1.00 21.84 ? 137 PRO A N   1 
ATOM   1082 C  CA  . PRO A 1 135 ? -9.289  8.389   -13.395 1.00 22.30 ? 137 PRO A CA  1 
ATOM   1083 C  C   . PRO A 1 135 ? -9.451  6.968   -13.918 1.00 22.29 ? 137 PRO A C   1 
ATOM   1084 O  O   . PRO A 1 135 ? -9.892  6.083   -13.182 1.00 22.95 ? 137 PRO A O   1 
ATOM   1085 C  CB  . PRO A 1 135 ? -10.450 9.258   -13.882 1.00 22.71 ? 137 PRO A CB  1 
ATOM   1086 C  CG  . PRO A 1 135 ? -9.844  10.600  -14.042 1.00 23.39 ? 137 PRO A CG  1 
ATOM   1087 C  CD  . PRO A 1 135 ? -8.446  10.374  -14.545 1.00 21.95 ? 137 PRO A CD  1 
ATOM   1088 N  N   . GLU A 1 136 ? -9.101  6.739   -15.180 1.00 22.45 ? 138 GLU A N   1 
ATOM   1089 C  CA  . GLU A 1 136 ? -9.244  5.404   -15.744 1.00 22.38 ? 138 GLU A CA  1 
ATOM   1090 C  C   . GLU A 1 136 ? -8.248  4.373   -15.157 1.00 21.90 ? 138 GLU A C   1 
ATOM   1091 O  O   . GLU A 1 136 ? -8.585  3.178   -15.046 1.00 21.29 ? 138 GLU A O   1 
ATOM   1092 C  CB  . GLU A 1 136 ? -9.242  5.437   -17.267 1.00 23.50 ? 138 GLU A CB  1 
ATOM   1093 C  CG  . GLU A 1 136 ? -7.961  5.908   -17.910 1.00 25.33 ? 138 GLU A CG  1 
ATOM   1094 C  CD  . GLU A 1 136 ? -7.886  7.423   -18.114 1.00 27.20 ? 138 GLU A CD  1 
ATOM   1095 O  OE1 . GLU A 1 136 ? -8.631  8.195   -17.458 1.00 27.13 ? 138 GLU A OE1 1 
ATOM   1096 O  OE2 . GLU A 1 136 ? -7.044  7.846   -18.939 1.00 28.10 ? 138 GLU A OE2 1 
ATOM   1097 N  N   . THR A 1 137 ? -7.042  4.827   -14.780 1.00 20.37 ? 139 THR A N   1 
ATOM   1098 C  CA  . THR A 1 137 ? -6.107  3.987   -14.034 1.00 19.35 ? 139 THR A CA  1 
ATOM   1099 C  C   . THR A 1 137 ? -6.649  3.621   -12.650 1.00 18.69 ? 139 THR A C   1 
ATOM   1100 O  O   . THR A 1 137 ? -6.613  2.449   -12.248 1.00 19.34 ? 139 THR A O   1 
ATOM   1101 C  CB  . THR A 1 137 ? -4.743  4.695   -13.856 1.00 19.80 ? 139 THR A CB  1 
ATOM   1102 O  OG1 . THR A 1 137 ? -4.158  4.927   -15.144 1.00 20.10 ? 139 THR A OG1 1 
ATOM   1103 C  CG2 . THR A 1 137 ? -3.744  3.774   -13.164 1.00 17.87 ? 139 THR A CG2 1 
ATOM   1104 N  N   . VAL A 1 138 ? -7.108  4.629   -11.910 1.00 18.48 ? 140 VAL A N   1 
ATOM   1105 C  CA  . VAL A 1 138 ? -7.720  4.410   -10.590 1.00 17.92 ? 140 VAL A CA  1 
ATOM   1106 C  C   . VAL A 1 138 ? -8.861  3.388   -10.726 1.00 18.82 ? 140 VAL A C   1 
ATOM   1107 O  O   . VAL A 1 138 ? -8.942  2.426   -9.941  1.00 17.85 ? 140 VAL A O   1 
ATOM   1108 C  CB  . VAL A 1 138 ? -8.175  5.749   -9.948  1.00 18.76 ? 140 VAL A CB  1 
ATOM   1109 C  CG1 . VAL A 1 138 ? -8.996  5.522   -8.647  1.00 17.89 ? 140 VAL A CG1 1 
ATOM   1110 C  CG2 . VAL A 1 138 ? -6.941  6.663   -9.667  1.00 17.74 ? 140 VAL A CG2 1 
ATOM   1111 N  N   . ASP A 1 139 ? -9.706  3.557   -11.754 1.00 19.10 ? 141 ASP A N   1 
ATOM   1112 C  CA  . ASP A 1 139 ? -10.857 2.660   -11.971 1.00 19.90 ? 141 ASP A CA  1 
ATOM   1113 C  C   . ASP A 1 139 ? -10.403 1.250   -12.245 1.00 18.82 ? 141 ASP A C   1 
ATOM   1114 O  O   . ASP A 1 139 ? -10.947 0.308   -11.658 1.00 18.46 ? 141 ASP A O   1 
ATOM   1115 C  CB  . ASP A 1 139 ? -11.725 3.134   -13.147 1.00 21.16 ? 141 ASP A CB  1 
ATOM   1116 C  CG  . ASP A 1 139 ? -12.488 4.408   -12.846 1.00 26.15 ? 141 ASP A CG  1 
ATOM   1117 O  OD1 . ASP A 1 139 ? -12.484 4.872   -11.681 1.00 32.53 ? 141 ASP A OD1 1 
ATOM   1118 O  OD2 . ASP A 1 139 ? -13.113 5.041   -13.742 1.00 34.20 ? 141 ASP A OD2 1 
ATOM   1119 N  N   . SER A 1 140 ? -9.401  1.100   -13.116 1.00 17.52 ? 142 SER A N   1 
ATOM   1120 C  CA  . SER A 1 140 ? -8.851  -0.219  -13.450 1.00 18.07 ? 142 SER A CA  1 
ATOM   1121 C  C   . SER A 1 140 ? -8.298  -0.915  -12.219 1.00 16.85 ? 142 SER A C   1 
ATOM   1122 O  O   . SER A 1 140 ? -8.467  -2.134  -12.045 1.00 15.77 ? 142 SER A O   1 
ATOM   1123 C  CB  . SER A 1 140 ? -7.771  -0.137  -14.540 1.00 18.86 ? 142 SER A CB  1 
ATOM   1124 O  OG  . SER A 1 140 ? -8.359  0.226   -15.789 1.00 21.95 ? 142 SER A OG  1 
ATOM   1125 N  N   . LEU A 1 141 ? -7.668  -0.140  -11.333 1.00 14.19 ? 143 LEU A N   1 
ATOM   1126 C  CA  . LEU A 1 141 ? -7.091  -0.758  -10.132 1.00 13.56 ? 143 LEU A CA  1 
ATOM   1127 C  C   . LEU A 1 141 ? -8.182  -1.169  -9.147  1.00 12.53 ? 143 LEU A C   1 
ATOM   1128 O  O   . LEU A 1 141 ? -8.114  -2.237  -8.542  1.00 12.26 ? 143 LEU A O   1 
ATOM   1129 C  CB  . LEU A 1 141 ? -6.064  0.193   -9.465  1.00 12.51 ? 143 LEU A CB  1 
ATOM   1130 C  CG  . LEU A 1 141 ? -4.775  0.355   -10.297 1.00 13.72 ? 143 LEU A CG  1 
ATOM   1131 C  CD1 . LEU A 1 141 ? -3.882  1.458   -9.672  1.00 16.01 ? 143 LEU A CD1 1 
ATOM   1132 C  CD2 . LEU A 1 141 ? -3.977  -0.950  -10.485 1.00 13.29 ? 143 LEU A CD2 1 
ATOM   1133 N  N   . LYS A 1 142 ? -9.205  -0.336  -9.010  1.00 13.66 ? 144 LYS A N   1 
ATOM   1134 C  CA  . LYS A 1 142 ? -10.302 -0.668  -8.124  1.00 14.31 ? 144 LYS A CA  1 
ATOM   1135 C  C   . LYS A 1 142 ? -11.036 -1.893  -8.674  1.00 14.70 ? 144 LYS A C   1 
ATOM   1136 O  O   . LYS A 1 142 ? -11.523 -2.693  -7.899  1.00 15.06 ? 144 LYS A O   1 
ATOM   1137 C  CB  . LYS A 1 142 ? -11.253 0.503   -7.958  1.00 15.27 ? 144 LYS A CB  1 
ATOM   1138 C  CG  . LYS A 1 142 ? -10.715 1.628   -7.082  1.00 15.20 ? 144 LYS A CG  1 
ATOM   1139 C  CD  . LYS A 1 142 ? -11.710 2.767   -7.012  1.00 17.45 ? 144 LYS A CD  1 
ATOM   1140 C  CE  . LYS A 1 142 ? -11.140 3.882   -6.115  1.00 19.78 ? 144 LYS A CE  1 
ATOM   1141 N  NZ  . LYS A 1 142 ? -12.154 4.929   -5.709  1.00 21.32 ? 144 LYS A NZ  1 
ATOM   1142 N  N   . ASN A 1 143 ? -11.096 -2.033  -10.001 1.00 15.38 ? 145 ASN A N   1 
ATOM   1143 C  CA  . ASN A 1 143 ? -11.732 -3.212  -10.620 1.00 16.86 ? 145 ASN A CA  1 
ATOM   1144 C  C   . ASN A 1 143 ? -11.011 -4.494  -10.236 1.00 16.38 ? 145 ASN A C   1 
ATOM   1145 O  O   . ASN A 1 143 ? -11.651 -5.542  -10.084 1.00 15.44 ? 145 ASN A O   1 
ATOM   1146 C  CB  . ASN A 1 143 ? -11.771 -3.098  -12.148 1.00 18.14 ? 145 ASN A CB  1 
ATOM   1147 C  CG  . ASN A 1 143 ? -12.725 -2.022  -12.640 1.00 23.02 ? 145 ASN A CG  1 
ATOM   1148 O  OD1 . ASN A 1 143 ? -13.452 -1.381  -11.852 1.00 29.12 ? 145 ASN A OD1 1 
ATOM   1149 N  ND2 . ASN A 1 143 ? -12.715 -1.792  -13.958 1.00 28.36 ? 145 ASN A ND2 1 
ATOM   1150 N  N   . ILE A 1 144 ? -9.678  -4.430  -10.078 1.00 14.66 ? 146 ILE A N   1 
ATOM   1151 C  CA  . ILE A 1 144 ? -8.946  -5.592  -9.606  1.00 14.59 ? 146 ILE A CA  1 
ATOM   1152 C  C   . ILE A 1 144 ? -9.455  -6.007  -8.221  1.00 13.56 ? 146 ILE A C   1 
ATOM   1153 O  O   . ILE A 1 144 ? -9.664  -7.210  -7.963  1.00 14.08 ? 146 ILE A O   1 
ATOM   1154 C  CB  . ILE A 1 144 ? -7.408  -5.354  -9.567  1.00 14.63 ? 146 ILE A CB  1 
ATOM   1155 C  CG1 . ILE A 1 144 ? -6.864  -5.144  -10.999 1.00 15.47 ? 146 ILE A CG1 1 
ATOM   1156 C  CG2 . ILE A 1 144 ? -6.738  -6.518  -8.847  1.00 15.76 ? 146 ILE A CG2 1 
ATOM   1157 C  CD1 . ILE A 1 144 ? -5.389  -4.723  -11.081 1.00 14.42 ? 146 ILE A CD1 1 
ATOM   1158 N  N   . LEU A 1 145 ? -9.569  -5.037  -7.330  1.00 13.46 ? 147 LEU A N   1 
ATOM   1159 C  CA  . LEU A 1 145 ? -10.086 -5.289  -5.968  1.00 13.79 ? 147 LEU A CA  1 
ATOM   1160 C  C   . LEU A 1 145 ? -11.483 -5.918  -6.054  1.00 14.68 ? 147 LEU A C   1 
ATOM   1161 O  O   . LEU A 1 145 ? -11.701 -7.038  -5.571  1.00 14.97 ? 147 LEU A O   1 
ATOM   1162 C  CB  . LEU A 1 145 ? -10.085 -4.017  -5.108  1.00 13.74 ? 147 LEU A CB  1 
ATOM   1163 C  CG  . LEU A 1 145 ? -8.660  -3.432  -4.926  1.00 13.95 ? 147 LEU A CG  1 
ATOM   1164 C  CD1 . LEU A 1 145 ? -8.731  -2.074  -4.182  1.00 14.75 ? 147 LEU A CD1 1 
ATOM   1165 C  CD2 . LEU A 1 145 ? -7.779  -4.428  -4.206  1.00 12.09 ? 147 LEU A CD2 1 
ATOM   1166 N  N   . THR A 1 146 ? -12.379 -5.224  -6.729  1.00 16.27 ? 148 THR A N   1 
ATOM   1167 C  CA  . THR A 1 146 ? -13.784 -5.645  -6.837  1.00 18.42 ? 148 THR A CA  1 
ATOM   1168 C  C   . THR A 1 146 ? -13.926 -7.052  -7.378  1.00 18.00 ? 148 THR A C   1 
ATOM   1169 O  O   . THR A 1 146 ? -14.708 -7.874  -6.845  1.00 18.31 ? 148 THR A O   1 
ATOM   1170 C  CB  . THR A 1 146 ? -14.544 -4.596  -7.691  1.00 17.69 ? 148 THR A CB  1 
ATOM   1171 O  OG1 . THR A 1 146 ? -14.607 -3.387  -6.910  1.00 21.46 ? 148 THR A OG1 1 
ATOM   1172 C  CG2 . THR A 1 146 ? -16.007 -4.991  -7.889  1.00 22.18 ? 148 THR A CG2 1 
ATOM   1173 N  N   . SER A 1 147 ? -13.157 -7.346  -8.420  1.00 18.53 ? 149 SER A N   1 
ATOM   1174 C  CA  . SER A 1 147 ? -13.228 -8.655  -9.055  1.00 19.20 ? 149 SER A CA  1 
ATOM   1175 C  C   . SER A 1 147 ? -12.680 -9.785  -8.162  1.00 19.27 ? 149 SER A C   1 
ATOM   1176 O  O   . SER A 1 147 ? -12.883 -10.948 -8.459  1.00 18.50 ? 149 SER A O   1 
ATOM   1177 C  CB  . SER A 1 147 ? -12.522 -8.613  -10.408 1.00 19.21 ? 149 SER A CB  1 
ATOM   1178 O  OG  . SER A 1 147 ? -11.167 -8.869  -10.197 1.00 23.35 ? 149 SER A OG  1 
ATOM   1179 N  N   . ASN A 1 148 ? -11.992 -9.425  -7.074  1.00 18.82 ? 150 ASN A N   1 
ATOM   1180 C  CA  . ASN A 1 148 ? -11.510 -10.379 -6.084  1.00 18.36 ? 150 ASN A CA  1 
ATOM   1181 C  C   . ASN A 1 148 ? -12.261 -10.289 -4.755  1.00 18.61 ? 150 ASN A C   1 
ATOM   1182 O  O   . ASN A 1 148 ? -11.752 -10.713 -3.718  1.00 19.25 ? 150 ASN A O   1 
ATOM   1183 C  CB  . ASN A 1 148 ? -10.001 -10.230 -5.877  1.00 18.45 ? 150 ASN A CB  1 
ATOM   1184 C  CG  . ASN A 1 148 ? -9.226  -10.751 -7.050  1.00 17.91 ? 150 ASN A CG  1 
ATOM   1185 O  OD1 . ASN A 1 148 ? -9.018  -11.947 -7.160  1.00 20.22 ? 150 ASN A OD1 1 
ATOM   1186 N  ND2 . ASN A 1 148 ? -8.856  -9.869  -7.973  1.00 17.58 ? 150 ASN A ND2 1 
ATOM   1187 N  N   . ASN A 1 149 ? -13.478 -9.759  -4.813  1.00 18.90 ? 151 ASN A N   1 
ATOM   1188 C  CA  . ASN A 1 149 ? -14.369 -9.680  -3.645  1.00 18.57 ? 151 ASN A CA  1 
ATOM   1189 C  C   . ASN A 1 149 ? -13.828 -8.809  -2.522  1.00 19.07 ? 151 ASN A C   1 
ATOM   1190 O  O   . ASN A 1 149 ? -14.159 -9.010  -1.352  1.00 20.13 ? 151 ASN A O   1 
ATOM   1191 C  CB  . ASN A 1 149 ? -14.656 -11.076 -3.110  1.00 20.08 ? 151 ASN A CB  1 
ATOM   1192 C  CG  . ASN A 1 149 ? -15.275 -11.952 -4.152  1.00 19.87 ? 151 ASN A CG  1 
ATOM   1193 O  OD1 . ASN A 1 149 ? -16.364 -11.645 -4.655  1.00 22.13 ? 151 ASN A OD1 1 
ATOM   1194 N  ND2 . ASN A 1 149 ? -14.574 -13.038 -4.517  1.00 20.81 ? 151 ASN A ND2 1 
ATOM   1195 N  N   . ILE A 1 150 ? -13.032 -7.815  -2.893  1.00 17.15 ? 152 ILE A N   1 
ATOM   1196 C  CA  . ILE A 1 150 ? -12.562 -6.829  -1.943  1.00 16.99 ? 152 ILE A CA  1 
ATOM   1197 C  C   . ILE A 1 150 ? -13.388 -5.531  -2.150  1.00 17.38 ? 152 ILE A C   1 
ATOM   1198 O  O   . ILE A 1 150 ? -13.440 -4.966  -3.269  1.00 17.25 ? 152 ILE A O   1 
ATOM   1199 C  CB  . ILE A 1 150 ? -11.040 -6.588  -2.158  1.00 16.06 ? 152 ILE A CB  1 
ATOM   1200 C  CG1 . ILE A 1 150 ? -10.218 -7.851  -1.885  1.00 16.75 ? 152 ILE A CG1 1 
ATOM   1201 C  CG2 . ILE A 1 150 ? -10.562 -5.407  -1.318  1.00 16.57 ? 152 ILE A CG2 1 
ATOM   1202 C  CD1 . ILE A 1 150 ? -8.899  -7.943  -2.708  1.00 16.23 ? 152 ILE A CD1 1 
ATOM   1203 N  N   . ASP A 1 151 ? -14.017 -5.055  -1.080  1.00 17.89 ? 153 ASP A N   1 
ATOM   1204 C  CA  . ASP A 1 151 ? -14.892 -3.893  -1.150  1.00 18.55 ? 153 ASP A CA  1 
ATOM   1205 C  C   . ASP A 1 151 ? -14.064 -2.609  -1.294  1.00 18.65 ? 153 ASP A C   1 
ATOM   1206 O  O   . ASP A 1 151 ? -13.114 -2.395  -0.523  1.00 19.32 ? 153 ASP A O   1 
ATOM   1207 C  CB  . ASP A 1 151 ? -15.784 -3.828  0.097   1.00 18.88 ? 153 ASP A CB  1 
ATOM   1208 C  CG  . ASP A 1 151 ? -16.772 -2.663  0.069   1.00 18.67 ? 153 ASP A CG  1 
ATOM   1209 O  OD1 . ASP A 1 151 ? -17.091 -2.106  -1.012  1.00 21.22 ? 153 ASP A OD1 1 
ATOM   1210 O  OD2 . ASP A 1 151 ? -17.314 -2.245  1.111   1.00 27.35 ? 153 ASP A OD2 1 
ATOM   1211 N  N   . VAL A 1 152 ? -14.429 -1.788  -2.283  1.00 18.12 ? 154 VAL A N   1 
ATOM   1212 C  CA  . VAL A 1 152 ? -13.737 -0.499  -2.550  1.00 18.92 ? 154 VAL A CA  1 
ATOM   1213 C  C   . VAL A 1 152 ? -14.551 0.715   -2.086  1.00 18.90 ? 154 VAL A C   1 
ATOM   1214 O  O   . VAL A 1 152 ? -14.095 1.851   -2.143  1.00 18.29 ? 154 VAL A O   1 
ATOM   1215 C  CB  . VAL A 1 152 ? -13.324 -0.332  -4.046  1.00 18.87 ? 154 VAL A CB  1 
ATOM   1216 C  CG1 . VAL A 1 152 ? -12.350 -1.424  -4.465  1.00 17.77 ? 154 VAL A CG1 1 
ATOM   1217 C  CG2 . VAL A 1 152 ? -14.534 -0.307  -4.994  1.00 20.39 ? 154 VAL A CG2 1 
ATOM   1218 N  N   . LYS A 1 153 ? -15.762 0.481   -1.599  1.00 19.73 ? 155 LYS A N   1 
ATOM   1219 C  CA  . LYS A 1 153 ? -16.654 1.594   -1.295  1.00 21.34 ? 155 LYS A CA  1 
ATOM   1220 C  C   . LYS A 1 153 ? -16.221 2.486   -0.122  1.00 21.11 ? 155 LYS A C   1 
ATOM   1221 O  O   . LYS A 1 153 ? -16.678 3.621   -0.017  1.00 22.52 ? 155 LYS A O   1 
ATOM   1222 C  CB  . LYS A 1 153 ? -18.088 1.077   -1.092  1.00 21.97 ? 155 LYS A CB  1 
ATOM   1223 C  CG  . LYS A 1 153 ? -18.700 0.587   -2.394  1.00 24.46 ? 155 LYS A CG  1 
ATOM   1224 C  CD  . LYS A 1 153 ? -20.201 0.363   -2.272  1.00 28.79 ? 155 LYS A CD  1 
ATOM   1225 C  CE  . LYS A 1 153 ? -20.549 -1.106  -2.335  1.00 31.43 ? 155 LYS A CE  1 
ATOM   1226 N  NZ  . LYS A 1 153 ? -19.869 -1.934  -1.280  1.00 33.36 ? 155 LYS A NZ  1 
ATOM   1227 N  N   . LYS A 1 154 ? -15.379 1.969   0.770   1.00 20.87 ? 156 LYS A N   1 
ATOM   1228 C  CA  . LYS A 1 154 ? -14.922 2.734   1.931   1.00 20.57 ? 156 LYS A CA  1 
ATOM   1229 C  C   . LYS A 1 154 ? -13.639 3.504   1.619   1.00 20.46 ? 156 LYS A C   1 
ATOM   1230 O  O   . LYS A 1 154 ? -13.133 4.224   2.485   1.00 20.71 ? 156 LYS A O   1 
ATOM   1231 C  CB  . LYS A 1 154 ? -14.662 1.807   3.114   1.00 21.32 ? 156 LYS A CB  1 
ATOM   1232 C  CG  . LYS A 1 154 ? -15.849 0.868   3.455   1.00 24.73 ? 156 LYS A CG  1 
ATOM   1233 C  CD  . LYS A 1 154 ? -16.510 1.246   4.756   1.00 28.23 ? 156 LYS A CD  1 
ATOM   1234 C  CE  . LYS A 1 154 ? -17.687 0.338   5.065   1.00 32.34 ? 156 LYS A CE  1 
ATOM   1235 N  NZ  . LYS A 1 154 ? -18.030 0.423   6.515   1.00 36.36 ? 156 LYS A NZ  1 
HETATM 1236 N  N   . MSE A 1 155 ? -13.123 3.355   0.399   1.00 19.39 ? 157 MSE A N   1 
HETATM 1237 C  CA  . MSE A 1 155 ? -11.864 4.017   0.017   1.00 19.84 ? 157 MSE A CA  1 
HETATM 1238 C  C   . MSE A 1 155 ? -12.016 5.520   0.004   1.00 19.23 ? 157 MSE A C   1 
HETATM 1239 O  O   . MSE A 1 155 ? -13.066 6.038   -0.388  1.00 19.53 ? 157 MSE A O   1 
HETATM 1240 C  CB  . MSE A 1 155 ? -11.351 3.515   -1.328  1.00 18.69 ? 157 MSE A CB  1 
HETATM 1241 C  CG  . MSE A 1 155 ? -10.875 2.062   -1.245  1.00 19.52 ? 157 MSE A CG  1 
HETATM 1242 SE SE  . MSE A 1 155 ? -10.007 1.348   -2.833  1.00 21.58 ? 157 MSE A SE  1 
HETATM 1243 C  CE  . MSE A 1 155 ? -8.078  1.987   -2.437  1.00 13.23 ? 157 MSE A CE  1 
ATOM   1244 N  N   . THR A 1 156 ? -10.970 6.210   0.456   1.00 18.45 ? 158 THR A N   1 
ATOM   1245 C  CA  . THR A 1 156 ? -10.947 7.674   0.497   1.00 17.09 ? 158 THR A CA  1 
ATOM   1246 C  C   . THR A 1 156 ? -9.811  8.202   -0.365  1.00 17.04 ? 158 THR A C   1 
ATOM   1247 O  O   . THR A 1 156 ? -8.790  7.537   -0.528  1.00 15.14 ? 158 THR A O   1 
ATOM   1248 C  CB  . THR A 1 156 ? -10.798 8.201   1.938   1.00 17.40 ? 158 THR A CB  1 
ATOM   1249 O  OG1 . THR A 1 156 ? -9.613  7.654   2.543   1.00 15.13 ? 158 THR A OG1 1 
ATOM   1250 C  CG2 . THR A 1 156 ? -11.927 7.705   2.813   1.00 18.37 ? 158 THR A CG2 1 
ATOM   1251 N  N   . VAL A 1 157 ? -10.032 9.388   -0.929  1.00 16.23 ? 159 VAL A N   1 
ATOM   1252 C  CA  . VAL A 1 157 ? -9.038  10.070  -1.743  1.00 16.42 ? 159 VAL A CA  1 
ATOM   1253 C  C   . VAL A 1 157 ? -8.108  10.858  -0.804  1.00 15.98 ? 159 VAL A C   1 
ATOM   1254 O  O   . VAL A 1 157 ? -8.557  11.705  -0.031  1.00 16.22 ? 159 VAL A O   1 
ATOM   1255 C  CB  . VAL A 1 157 ? -9.708  10.996  -2.775  1.00 17.00 ? 159 VAL A CB  1 
ATOM   1256 C  CG1 . VAL A 1 157 ? -8.649  11.729  -3.633  1.00 17.73 ? 159 VAL A CG1 1 
ATOM   1257 C  CG2 . VAL A 1 157 ? -10.643 10.193  -3.677  1.00 17.24 ? 159 VAL A CG2 1 
ATOM   1258 N  N   . THR A 1 158 ? -6.816  10.558  -0.870  1.00 14.47 ? 160 THR A N   1 
ATOM   1259 C  CA  . THR A 1 158 ? -5.829  11.260  -0.067  1.00 14.46 ? 160 THR A CA  1 
ATOM   1260 C  C   . THR A 1 158 ? -5.599  12.660  -0.615  1.00 14.44 ? 160 THR A C   1 
ATOM   1261 O  O   . THR A 1 158 ? -5.519  12.848  -1.815  1.00 15.37 ? 160 THR A O   1 
ATOM   1262 C  CB  . THR A 1 158 ? -4.541  10.444  -0.071  1.00 14.97 ? 160 THR A CB  1 
ATOM   1263 O  OG1 . THR A 1 158 ? -4.839  9.136   0.446   1.00 16.34 ? 160 THR A OG1 1 
ATOM   1264 C  CG2 . THR A 1 158 ? -3.537  11.019  0.881   1.00 12.37 ? 160 THR A CG2 1 
ATOM   1265 N  N   . ASP A 1 159 ? -5.497  13.649  0.274   1.00 14.36 ? 161 ASP A N   1 
ATOM   1266 C  CA  . ASP A 1 159 ? -5.268  15.019  -0.153  1.00 14.46 ? 161 ASP A CA  1 
ATOM   1267 C  C   . ASP A 1 159 ? -3.810  15.196  -0.643  1.00 14.07 ? 161 ASP A C   1 
ATOM   1268 O  O   . ASP A 1 159 ? -2.905  15.181  0.162   1.00 15.32 ? 161 ASP A O   1 
ATOM   1269 C  CB  . ASP A 1 159 ? -5.584  15.949  1.017   1.00 14.35 ? 161 ASP A CB  1 
ATOM   1270 C  CG  . ASP A 1 159 ? -5.342  17.428  0.711   1.00 16.69 ? 161 ASP A CG  1 
ATOM   1271 O  OD1 . ASP A 1 159 ? -5.018  17.810  -0.436  1.00 17.81 ? 161 ASP A OD1 1 
ATOM   1272 O  OD2 . ASP A 1 159 ? -5.457  18.267  1.624   1.00 18.68 ? 161 ASP A OD2 1 
ATOM   1273 N  N   . GLN A 1 160 ? -3.619  15.290  -1.953  1.00 14.82 ? 162 GLN A N   1 
ATOM   1274 C  CA  . GLN A 1 160 ? -2.315  15.559  -2.532  1.00 15.87 ? 162 GLN A CA  1 
ATOM   1275 C  C   . GLN A 1 160 ? -2.349  16.969  -3.109  1.00 17.45 ? 162 GLN A C   1 
ATOM   1276 O  O   . GLN A 1 160 ? -1.397  17.373  -3.751  1.00 18.25 ? 162 GLN A O   1 
ATOM   1277 C  CB  . GLN A 1 160 ? -1.950  14.536  -3.635  1.00 15.20 ? 162 GLN A CB  1 
ATOM   1278 C  CG  . GLN A 1 160 ? -1.712  13.095  -3.137  1.00 15.97 ? 162 GLN A CG  1 
ATOM   1279 C  CD  . GLN A 1 160 ? -0.543  13.012  -2.145  1.00 14.92 ? 162 GLN A CD  1 
ATOM   1280 O  OE1 . GLN A 1 160 ? 0.222   13.968  -2.009  1.00 13.64 ? 162 GLN A OE1 1 
ATOM   1281 N  NE2 . GLN A 1 160 ? -0.421  11.886  -1.451  1.00 13.21 ? 162 GLN A NE2 1 
ATOM   1282 N  N   . VAL A 1 161 ? -3.464  17.682  -2.905  1.00 18.04 ? 163 VAL A N   1 
ATOM   1283 C  CA  . VAL A 1 161 ? -3.650  19.048  -3.446  1.00 19.04 ? 163 VAL A CA  1 
ATOM   1284 C  C   . VAL A 1 161 ? -3.081  20.137  -2.523  1.00 19.58 ? 163 VAL A C   1 
ATOM   1285 O  O   . VAL A 1 161 ? -2.373  21.043  -2.990  1.00 20.70 ? 163 VAL A O   1 
ATOM   1286 C  CB  . VAL A 1 161 ? -5.155  19.323  -3.722  1.00 19.27 ? 163 VAL A CB  1 
ATOM   1287 C  CG1 . VAL A 1 161 ? -5.381  20.793  -4.149  1.00 18.97 ? 163 VAL A CG1 1 
ATOM   1288 C  CG2 . VAL A 1 161 ? -5.660  18.380  -4.795  1.00 20.65 ? 163 VAL A CG2 1 
ATOM   1289 N  N   . ASN A 1 162 ? -3.376  20.041  -1.225  1.00 19.83 ? 164 ASN A N   1 
ATOM   1290 C  CA  . ASN A 1 162 ? -2.943  21.040  -0.236  1.00 20.54 ? 164 ASN A CA  1 
ATOM   1291 C  C   . ASN A 1 162 ? -1.561  20.740  0.311   1.00 20.38 ? 164 ASN A C   1 
ATOM   1292 O  O   . ASN A 1 162 ? -1.353  20.558  1.523   1.00 20.74 ? 164 ASN A O   1 
ATOM   1293 C  CB  . ASN A 1 162 ? -3.948  21.135  0.904   1.00 20.37 ? 164 ASN A CB  1 
ATOM   1294 C  CG  . ASN A 1 162 ? -5.319  21.573  0.435   1.00 23.30 ? 164 ASN A CG  1 
ATOM   1295 O  OD1 . ASN A 1 162 ? -5.459  22.594  -0.224  1.00 23.92 ? 164 ASN A OD1 1 
ATOM   1296 N  ND2 . ASN A 1 162 ? -6.335  20.797  0.773   1.00 24.39 ? 164 ASN A ND2 1 
ATOM   1297 N  N   . CYS A 1 163 ? -0.611  20.708  -0.606  1.00 20.83 ? 165 CYS A N   1 
ATOM   1298 C  CA  . CYS A 1 163 ? 0.667   20.060  -0.393  1.00 21.22 ? 165 CYS A CA  1 
ATOM   1299 C  C   . CYS A 1 163 ? 1.781   20.859  -1.040  1.00 22.27 ? 165 CYS A C   1 
ATOM   1300 O  O   . CYS A 1 163 ? 1.530   21.594  -1.994  1.00 21.04 ? 165 CYS A O   1 
ATOM   1301 C  CB  . CYS A 1 163 ? 0.613   18.673  -1.061  1.00 20.47 ? 165 CYS A CB  1 
ATOM   1302 S  SG  . CYS A 1 163 ? -0.490  17.573  -0.173  1.00 19.80 ? 165 CYS A SG  1 
ATOM   1303 N  N   . PRO A 1 164 ? 3.008   20.692  -0.552  1.00 24.07 ? 166 PRO A N   1 
ATOM   1304 C  CA  . PRO A 1 164 ? 4.155   21.312  -1.200  1.00 26.57 ? 166 PRO A CA  1 
ATOM   1305 C  C   . PRO A 1 164 ? 4.453   20.687  -2.553  1.00 28.61 ? 166 PRO A C   1 
ATOM   1306 O  O   . PRO A 1 164 ? 4.089   19.537  -2.823  1.00 28.22 ? 166 PRO A O   1 
ATOM   1307 C  CB  . PRO A 1 164 ? 5.312   21.058  -0.221  1.00 26.02 ? 166 PRO A CB  1 
ATOM   1308 C  CG  . PRO A 1 164 ? 4.889   19.866  0.589   1.00 26.65 ? 166 PRO A CG  1 
ATOM   1309 C  CD  . PRO A 1 164 ? 3.392   19.934  0.655   1.00 24.50 ? 166 PRO A CD  1 
ATOM   1310 N  N   . LYS A 1 165 ? 5.095   21.468  -3.407  1.00 31.97 ? 167 LYS A N   1 
ATOM   1311 C  CA  . LYS A 1 165 ? 5.669   20.953  -4.633  1.00 34.94 ? 167 LYS A CA  1 
ATOM   1312 C  C   . LYS A 1 165 ? 7.030   20.350  -4.291  1.00 36.02 ? 167 LYS A C   1 
ATOM   1313 O  O   . LYS A 1 165 ? 7.945   21.056  -3.816  1.00 36.33 ? 167 LYS A O   1 
ATOM   1314 C  CB  . LYS A 1 165 ? 5.813   22.079  -5.665  1.00 35.77 ? 167 LYS A CB  1 
ATOM   1315 C  CG  . LYS A 1 165 ? 6.208   21.601  -7.074  1.00 38.24 ? 167 LYS A CG  1 
ATOM   1316 C  CD  . LYS A 1 165 ? 6.600   22.796  -7.933  1.00 41.95 ? 167 LYS A CD  1 
ATOM   1317 C  CE  . LYS A 1 165 ? 6.008   22.692  -9.337  1.00 44.24 ? 167 LYS A CE  1 
ATOM   1318 N  NZ  . LYS A 1 165 ? 5.566   24.050  -9.824  1.00 44.27 ? 167 LYS A NZ  1 
ATOM   1319 N  N   . LEU A 1 166 ? 7.148   19.040  -4.498  1.00 36.90 ? 168 LEU A N   1 
ATOM   1320 C  CA  . LEU A 1 166 ? 8.399   18.331  -4.248  1.00 37.98 ? 168 LEU A CA  1 
ATOM   1321 C  C   . LEU A 1 166 ? 8.834   17.607  -5.523  1.00 38.69 ? 168 LEU A C   1 
ATOM   1322 O  O   . LEU A 1 166 ? 8.144   17.689  -6.556  1.00 39.32 ? 168 LEU A O   1 
ATOM   1323 C  CB  . LEU A 1 166 ? 8.252   17.356  -3.065  1.00 38.06 ? 168 LEU A CB  1 
ATOM   1324 C  CG  . LEU A 1 166 ? 7.588   17.879  -1.773  1.00 37.94 ? 168 LEU A CG  1 
ATOM   1325 C  CD1 . LEU A 1 166 ? 7.101   16.731  -0.882  1.00 37.96 ? 168 LEU A CD1 1 
ATOM   1326 C  CD2 . LEU A 1 166 ? 8.477   18.849  -0.986  1.00 36.21 ? 168 LEU A CD2 1 
HETATM 1327 C  C1  . STR B 2 .   ? -0.140  3.022   8.364   1.00 32.32 ? 300 STR A C1  1 
HETATM 1328 C  C2  . STR B 2 .   ? -0.644  2.617   9.755   1.00 33.61 ? 300 STR A C2  1 
HETATM 1329 C  C3  . STR B 2 .   ? -1.047  1.153   9.750   1.00 35.25 ? 300 STR A C3  1 
HETATM 1330 O  O3  . STR B 2 .   ? -1.673  0.638   10.676  1.00 38.54 ? 300 STR A O3  1 
HETATM 1331 C  C4  . STR B 2 .   ? -0.690  0.305   8.611   1.00 33.89 ? 300 STR A C4  1 
HETATM 1332 C  C5  . STR B 2 .   ? 0.366   0.599   7.851   1.00 31.66 ? 300 STR A C5  1 
HETATM 1333 C  C6  . STR B 2 .   ? 1.052   -0.542  7.135   1.00 30.96 ? 300 STR A C6  1 
HETATM 1334 C  C7  . STR B 2 .   ? 1.026   -0.314  5.631   1.00 29.08 ? 300 STR A C7  1 
HETATM 1335 C  C8  . STR B 2 .   ? 1.526   1.107   5.310   1.00 28.25 ? 300 STR A C8  1 
HETATM 1336 C  C9  . STR B 2 .   ? 0.827   2.225   6.140   1.00 27.58 ? 300 STR A C9  1 
HETATM 1337 C  C10 . STR B 2 .   ? 0.823   2.029   7.678   1.00 30.56 ? 300 STR A C10 1 
HETATM 1338 C  C11 . STR B 2 .   ? 1.257   3.651   5.730   1.00 26.20 ? 300 STR A C11 1 
HETATM 1339 C  C12 . STR B 2 .   ? 1.205   3.889   4.216   1.00 24.68 ? 300 STR A C12 1 
HETATM 1340 C  C13 . STR B 2 .   ? 1.901   2.786   3.419   1.00 24.52 ? 300 STR A C13 1 
HETATM 1341 C  C14 . STR B 2 .   ? 1.288   1.453   3.829   1.00 25.43 ? 300 STR A C14 1 
HETATM 1342 C  C15 . STR B 2 .   ? 1.705   0.479   2.720   1.00 24.92 ? 300 STR A C15 1 
HETATM 1343 C  C16 . STR B 2 .   ? 1.637   1.344   1.461   1.00 24.43 ? 300 STR A C16 1 
HETATM 1344 C  C17 . STR B 2 .   ? 1.573   2.814   1.936   1.00 23.55 ? 300 STR A C17 1 
HETATM 1345 C  C18 . STR B 2 .   ? 3.442   2.800   3.557   1.00 25.76 ? 300 STR A C18 1 
HETATM 1346 C  C19 . STR B 2 .   ? 2.206   2.246   8.332   1.00 28.86 ? 300 STR A C19 1 
HETATM 1347 C  C20 . STR B 2 .   ? 2.431   3.787   1.149   1.00 25.97 ? 300 STR A C20 1 
HETATM 1348 O  O20 . STR B 2 .   ? 3.367   3.371   0.479   1.00 25.04 ? 300 STR A O20 1 
HETATM 1349 C  C21 . STR B 2 .   ? 2.085   5.253   1.199   1.00 25.52 ? 300 STR A C21 1 
HETATM 1350 O  O   . HOH C 3 .   ? -1.098  -9.234  9.910   1.00 36.53 ? 301 HOH A O   1 
HETATM 1351 O  O   . HOH C 3 .   ? -5.790  13.053  3.196   1.00 15.67 ? 302 HOH A O   1 
HETATM 1352 O  O   . HOH C 3 .   ? -3.675  -6.595  7.082   1.00 19.15 ? 303 HOH A O   1 
HETATM 1353 O  O   . HOH C 3 .   ? -7.112  8.700   2.097   1.00 18.38 ? 304 HOH A O   1 
HETATM 1354 O  O   . HOH C 3 .   ? 5.717   -11.928 -9.592  1.00 19.36 ? 305 HOH A O   1 
HETATM 1355 O  O   . HOH C 3 .   ? -5.220  11.542  -4.266  1.00 18.73 ? 306 HOH A O   1 
HETATM 1356 O  O   . HOH C 3 .   ? -1.844  6.200   5.034   1.00 19.10 ? 307 HOH A O   1 
HETATM 1357 O  O   . HOH C 3 .   ? 16.964  1.834   -3.261  1.00 20.61 ? 308 HOH A O   1 
HETATM 1358 O  O   . HOH C 3 .   ? -12.460 -8.667  1.804   1.00 20.24 ? 309 HOH A O   1 
HETATM 1359 O  O   . HOH C 3 .   ? -4.277  12.660  -6.419  1.00 19.77 ? 310 HOH A O   1 
HETATM 1360 O  O   . HOH C 3 .   ? 15.338  4.280   -2.991  1.00 20.75 ? 311 HOH A O   1 
HETATM 1361 O  O   . HOH C 3 .   ? -6.745  -15.145 13.112  1.00 19.76 ? 312 HOH A O   1 
HETATM 1362 O  O   . HOH C 3 .   ? -16.942 -7.259  -5.609  1.00 20.70 ? 313 HOH A O   1 
HETATM 1363 O  O   . HOH C 3 .   ? -7.955  -15.933 6.399   1.00 20.43 ? 314 HOH A O   1 
HETATM 1364 O  O   . HOH C 3 .   ? -13.828 -14.483 1.939   1.00 20.99 ? 315 HOH A O   1 
HETATM 1365 O  O   . HOH C 3 .   ? 11.943  -9.281  -8.081  1.00 21.54 ? 316 HOH A O   1 
HETATM 1366 O  O   . HOH C 3 .   ? -5.635  11.250  -8.868  1.00 21.26 ? 317 HOH A O   1 
HETATM 1367 O  O   . HOH C 3 .   ? -17.628 -12.268 -6.739  1.00 21.64 ? 318 HOH A O   1 
HETATM 1368 O  O   . HOH C 3 .   ? 2.164   8.554   -11.456 1.00 20.73 ? 319 HOH A O   1 
HETATM 1369 O  O   . HOH C 3 .   ? -13.552 -0.116  0.999   1.00 21.60 ? 320 HOH A O   1 
HETATM 1370 O  O   . HOH C 3 .   ? -0.507  -14.562 -8.126  1.00 21.34 ? 321 HOH A O   1 
HETATM 1371 O  O   . HOH C 3 .   ? -5.773  14.922  -3.853  1.00 21.85 ? 322 HOH A O   1 
HETATM 1372 O  O   . HOH C 3 .   ? -2.971  -11.955 -2.538  1.00 22.53 ? 323 HOH A O   1 
HETATM 1373 O  O   . HOH C 3 .   ? 10.076  13.538  9.265   1.00 22.79 ? 324 HOH A O   1 
HETATM 1374 O  O   . HOH C 3 .   ? -12.555 -3.891  1.868   1.00 23.03 ? 325 HOH A O   1 
HETATM 1375 O  O   . HOH C 3 .   ? -2.521  3.849   5.591   1.00 22.66 ? 326 HOH A O   1 
HETATM 1376 O  O   . HOH C 3 .   ? -3.726  -13.286 8.940   1.00 22.96 ? 327 HOH A O   1 
HETATM 1377 O  O   . HOH C 3 .   ? -2.843  -10.056 2.113   1.00 22.97 ? 328 HOH A O   1 
HETATM 1378 O  O   . HOH C 3 .   ? 7.828   9.679   -6.882  1.00 23.73 ? 329 HOH A O   1 
HETATM 1379 O  O   . HOH C 3 .   ? -14.218 3.783   -4.195  1.00 22.96 ? 330 HOH A O   1 
HETATM 1380 O  O   . HOH C 3 .   ? 6.871   18.329  12.309  1.00 23.72 ? 331 HOH A O   1 
HETATM 1381 O  O   . HOH C 3 .   ? -1.455  5.600   -15.074 1.00 24.70 ? 332 HOH A O   1 
HETATM 1382 O  O   . HOH C 3 .   ? -0.082  7.921   -15.094 1.00 24.68 ? 333 HOH A O   1 
HETATM 1383 O  O   . HOH C 3 .   ? 11.556  8.070   -6.705  1.00 25.46 ? 334 HOH A O   1 
HETATM 1384 O  O   . HOH C 3 .   ? 0.023   -9.374  -13.122 1.00 25.65 ? 335 HOH A O   1 
HETATM 1385 O  O   . HOH C 3 .   ? -10.201 -15.314 7.909   1.00 25.84 ? 336 HOH A O   1 
HETATM 1386 O  O   . HOH C 3 .   ? -5.590  0.604   3.293   1.00 25.46 ? 337 HOH A O   1 
HETATM 1387 O  O   . HOH C 3 .   ? -2.197  -14.822 -4.859  1.00 25.63 ? 338 HOH A O   1 
HETATM 1388 O  O   . HOH C 3 .   ? -15.687 -3.453  -4.586  1.00 25.94 ? 339 HOH A O   1 
HETATM 1389 O  O   . HOH C 3 .   ? 9.796   -6.991  7.615   1.00 25.53 ? 340 HOH A O   1 
HETATM 1390 O  O   . HOH C 3 .   ? -7.313  -10.295 -10.518 1.00 26.10 ? 341 HOH A O   1 
HETATM 1391 O  O   . HOH C 3 .   ? 6.719   11.663  13.585  1.00 26.65 ? 342 HOH A O   1 
HETATM 1392 O  O   . HOH C 3 .   ? 8.992   9.607   2.800   1.00 26.63 ? 343 HOH A O   1 
HETATM 1393 O  O   . HOH C 3 .   ? -8.439  9.210   -7.333  1.00 27.16 ? 344 HOH A O   1 
HETATM 1394 O  O   . HOH C 3 .   ? 0.202   9.956   -13.139 1.00 28.84 ? 345 HOH A O   1 
HETATM 1395 O  O   . HOH C 3 .   ? 4.486   14.625  0.143   1.00 26.89 ? 346 HOH A O   1 
HETATM 1396 O  O   . HOH C 3 .   ? -16.089 -2.467  3.589   1.00 27.47 ? 347 HOH A O   1 
HETATM 1397 O  O   . HOH C 3 .   ? -4.430  16.609  10.416  1.00 27.22 ? 348 HOH A O   1 
HETATM 1398 O  O   . HOH C 3 .   ? 6.591   -6.914  -13.971 1.00 28.57 ? 349 HOH A O   1 
HETATM 1399 O  O   . HOH C 3 .   ? -7.174  11.321  -6.611  1.00 28.71 ? 350 HOH A O   1 
HETATM 1400 O  O   . HOH C 3 .   ? -5.155  -15.015 6.215   1.00 27.77 ? 351 HOH A O   1 
HETATM 1401 O  O   . HOH C 3 .   ? -4.229  23.443  6.793   1.00 27.65 ? 352 HOH A O   1 
HETATM 1402 O  O   . HOH C 3 .   ? -8.696  -4.021  -13.822 1.00 27.47 ? 353 HOH A O   1 
HETATM 1403 O  O   . HOH C 3 .   ? 10.112  -11.754 -10.696 1.00 28.37 ? 354 HOH A O   1 
HETATM 1404 O  O   . HOH C 3 .   ? 5.116   -14.115 -12.455 1.00 26.76 ? 355 HOH A O   1 
HETATM 1405 O  O   . HOH C 3 .   ? -12.961 -19.997 6.819   1.00 28.30 ? 356 HOH A O   1 
HETATM 1406 O  O   . HOH C 3 .   ? 10.673  -13.899 -3.300  1.00 27.52 ? 357 HOH A O   1 
HETATM 1407 O  O   . HOH C 3 .   ? -16.609 -11.639 2.741   1.00 27.95 ? 358 HOH A O   1 
HETATM 1408 O  O   . HOH C 3 .   ? -3.157  19.269  12.980  1.00 29.12 ? 359 HOH A O   1 
HETATM 1409 O  O   . HOH C 3 .   ? 6.854   -0.177  -17.036 1.00 29.65 ? 360 HOH A O   1 
HETATM 1410 O  O   . HOH C 3 .   ? -10.032 -16.383 -0.228  1.00 29.29 ? 361 HOH A O   1 
HETATM 1411 O  O   . HOH C 3 .   ? -13.550 -1.671  3.382   1.00 30.42 ? 362 HOH A O   1 
HETATM 1412 O  O   . HOH C 3 .   ? 8.779   -12.537 -1.362  1.00 29.69 ? 363 HOH A O   1 
HETATM 1413 O  O   . HOH C 3 .   ? -8.335  15.619  -2.713  1.00 28.27 ? 364 HOH A O   1 
HETATM 1414 O  O   . HOH C 3 .   ? 11.503  2.211   -11.596 1.00 29.80 ? 365 HOH A O   1 
HETATM 1415 O  O   . HOH C 3 .   ? -12.566 7.463   -3.224  1.00 30.25 ? 366 HOH A O   1 
HETATM 1416 O  O   . HOH C 3 .   ? 3.714   -19.396 -2.477  1.00 30.34 ? 367 HOH A O   1 
HETATM 1417 O  O   . HOH C 3 .   ? 8.659   14.583  11.428  1.00 29.92 ? 368 HOH A O   1 
HETATM 1418 O  O   . HOH C 3 .   ? 19.025  2.177   -1.405  1.00 29.93 ? 369 HOH A O   1 
HETATM 1419 O  O   . HOH C 3 .   ? -4.222  -12.118 0.899   1.00 30.33 ? 370 HOH A O   1 
HETATM 1420 O  O   . HOH C 3 .   ? -0.178  -3.747  -13.899 1.00 31.61 ? 371 HOH A O   1 
HETATM 1421 O  O   . HOH C 3 .   ? -8.036  11.365  2.902   1.00 31.11 ? 372 HOH A O   1 
HETATM 1422 O  O   . HOH C 3 .   ? -7.917  23.341  -1.432  1.00 29.89 ? 373 HOH A O   1 
HETATM 1423 O  O   . HOH C 3 .   ? -10.795 1.940   -16.373 1.00 30.52 ? 374 HOH A O   1 
HETATM 1424 O  O   . HOH C 3 .   ? -3.721  -8.599  -9.628  1.00 31.16 ? 375 HOH A O   1 
HETATM 1425 O  O   . HOH C 3 .   ? -6.791  1.787   -17.393 1.00 31.54 ? 376 HOH A O   1 
HETATM 1426 O  O   . HOH C 3 .   ? -9.960  -19.121 16.137  1.00 31.26 ? 377 HOH A O   1 
HETATM 1427 O  O   . HOH C 3 .   ? 13.007  -10.855 -6.403  1.00 30.32 ? 378 HOH A O   1 
HETATM 1428 O  O   . HOH C 3 .   ? 13.524  10.982  8.422   1.00 32.95 ? 379 HOH A O   1 
HETATM 1429 O  O   . HOH C 3 .   ? -13.858 -6.264  1.519   1.00 31.90 ? 380 HOH A O   1 
HETATM 1430 O  O   . HOH C 3 .   ? -18.626 -9.383  4.296   1.00 36.31 ? 381 HOH A O   1 
HETATM 1431 O  O   . HOH C 3 .   ? -15.555 6.192   0.425   1.00 32.85 ? 382 HOH A O   1 
HETATM 1432 O  O   . HOH C 3 .   ? -5.392  4.061   -17.313 1.00 33.85 ? 383 HOH A O   1 
HETATM 1433 O  O   . HOH C 3 .   ? -6.735  17.657  3.947   1.00 33.11 ? 384 HOH A O   1 
HETATM 1434 O  O   . HOH C 3 .   ? -5.199  -9.039  -11.648 1.00 33.45 ? 385 HOH A O   1 
HETATM 1435 O  O   . HOH C 3 .   ? 6.727   13.105  -8.686  1.00 32.46 ? 386 HOH A O   1 
HETATM 1436 O  O   . HOH C 3 .   ? -9.467  9.012   -9.707  1.00 33.23 ? 387 HOH A O   1 
HETATM 1437 O  O   . HOH C 3 .   ? 1.678   15.981  -2.812  1.00 33.94 ? 388 HOH A O   1 
HETATM 1438 O  O   . HOH C 3 .   ? 10.927  -3.109  11.241  1.00 32.83 ? 389 HOH A O   1 
HETATM 1439 O  O   . HOH C 3 .   ? -12.076 8.453   -6.910  1.00 33.03 ? 390 HOH A O   1 
HETATM 1440 O  O   . HOH C 3 .   ? 13.196  13.841  -3.848  1.00 33.96 ? 391 HOH A O   1 
HETATM 1441 O  O   . HOH C 3 .   ? -7.496  15.212  4.035   1.00 33.42 ? 392 HOH A O   1 
HETATM 1442 O  O   . HOH C 3 .   ? -12.967 -0.593  5.828   1.00 33.04 ? 393 HOH A O   1 
HETATM 1443 O  O   . HOH C 3 .   ? -9.425  8.654   5.057   1.00 33.77 ? 394 HOH A O   1 
HETATM 1444 O  O   . HOH C 3 .   ? 8.615   -8.808  8.749   1.00 33.33 ? 395 HOH A O   1 
HETATM 1445 O  O   . HOH C 3 .   ? -7.047  -16.573 2.369   1.00 34.92 ? 396 HOH A O   1 
HETATM 1446 O  O   . HOH C 3 .   ? -11.761 -4.286  6.415   1.00 33.87 ? 397 HOH A O   1 
HETATM 1447 O  O   . HOH C 3 .   ? 2.225   -16.929 -4.345  1.00 32.86 ? 398 HOH A O   1 
HETATM 1448 O  O   . HOH C 3 .   ? -10.295 -20.105 13.350  1.00 33.59 ? 399 HOH A O   1 
HETATM 1449 O  O   . HOH C 3 .   ? 0.523   -13.494 -10.347 1.00 33.42 ? 400 HOH A O   1 
HETATM 1450 O  O   . HOH C 3 .   ? 17.023  -0.717  -7.703  1.00 34.10 ? 401 HOH A O   1 
HETATM 1451 O  O   . HOH C 3 .   ? 8.163   7.915   -13.219 1.00 35.41 ? 402 HOH A O   1 
HETATM 1452 O  O   . HOH C 3 .   ? -6.851  -18.155 12.320  1.00 33.99 ? 403 HOH A O   1 
HETATM 1453 O  O   . HOH C 3 .   ? -9.102  -13.274 -9.644  1.00 34.65 ? 404 HOH A O   1 
HETATM 1454 O  O   . HOH C 3 .   ? 1.718   -15.888 -6.977  1.00 32.87 ? 405 HOH A O   1 
HETATM 1455 O  O   . HOH C 3 .   ? 15.492  5.256   -5.757  1.00 34.38 ? 406 HOH A O   1 
HETATM 1456 O  O   . HOH C 3 .   ? 2.604   -10.543 7.904   1.00 35.45 ? 407 HOH A O   1 
HETATM 1457 O  O   . HOH C 3 .   ? 5.777   -16.619 -8.709  1.00 34.11 ? 408 HOH A O   1 
HETATM 1458 O  O   . HOH C 3 .   ? 4.033   8.968   -13.215 1.00 35.28 ? 409 HOH A O   1 
HETATM 1459 O  O   . HOH C 3 .   ? 3.530   -15.122 0.918   1.00 33.51 ? 410 HOH A O   1 
HETATM 1460 O  O   . HOH C 3 .   ? -12.213 -13.476 -2.429  1.00 34.59 ? 411 HOH A O   1 
HETATM 1461 O  O   . HOH C 3 .   ? 3.532   8.702   8.609   1.00 36.85 ? 412 HOH A O   1 
HETATM 1462 O  O   . HOH C 3 .   ? -9.464  -14.888 -3.245  1.00 35.44 ? 413 HOH A O   1 
HETATM 1463 O  O   . HOH C 3 .   ? 11.824  -6.155  9.959   1.00 34.48 ? 414 HOH A O   1 
HETATM 1464 O  O   . HOH C 3 .   ? 10.261  -9.901  -2.759  1.00 35.52 ? 415 HOH A O   1 
HETATM 1465 O  O   . HOH C 3 .   ? -6.962  10.428  -18.665 1.00 36.12 ? 416 HOH A O   1 
HETATM 1466 O  O   . HOH C 3 .   ? 3.411   14.854  -9.444  1.00 36.22 ? 417 HOH A O   1 
HETATM 1467 O  O   . HOH C 3 .   ? -9.439  15.541  1.586   1.00 36.55 ? 418 HOH A O   1 
HETATM 1468 O  O   . HOH C 3 .   ? -1.076  -7.043  -12.861 1.00 37.19 ? 419 HOH A O   1 
HETATM 1469 O  O   . HOH C 3 .   ? 3.186   -3.880  -15.543 1.00 37.63 ? 420 HOH A O   1 
HETATM 1470 O  O   . HOH C 3 .   ? -0.069  7.631   6.510   1.00 38.17 ? 421 HOH A O   1 
HETATM 1471 O  O   . HOH C 3 .   ? -0.591  -15.850 -0.303  1.00 37.22 ? 422 HOH A O   1 
HETATM 1472 O  O   . HOH C 3 .   ? -9.673  -14.115 -6.034  1.00 35.31 ? 423 HOH A O   1 
HETATM 1473 O  O   . HOH C 3 .   ? 12.675  11.151  -2.991  1.00 38.34 ? 424 HOH A O   1 
HETATM 1474 O  O   . HOH C 3 .   ? 16.820  -8.229  -3.836  1.00 38.28 ? 425 HOH A O   1 
HETATM 1475 O  O   . HOH C 3 .   ? 11.071  1.370   13.120  1.00 38.91 ? 426 HOH A O   1 
HETATM 1476 O  O   . HOH C 3 .   ? -16.909 -5.554  -3.512  1.00 37.75 ? 427 HOH A O   1 
HETATM 1477 O  O   . HOH C 3 .   ? 3.223   -19.043 -5.108  1.00 36.18 ? 428 HOH A O   1 
HETATM 1478 O  O   . HOH C 3 .   ? 11.418  -15.200 -5.983  1.00 39.18 ? 429 HOH A O   1 
HETATM 1479 O  O   . HOH C 3 .   ? 10.022  8.931   -8.974  1.00 38.15 ? 430 HOH A O   1 
HETATM 1480 O  O   . HOH C 3 .   ? 3.335   -0.444  13.649  1.00 37.58 ? 431 HOH A O   1 
HETATM 1481 O  O   . HOH C 3 .   ? -8.641  22.947  1.818   1.00 54.68 ? 432 HOH A O   1 
HETATM 1482 O  O   . HOH C 3 .   ? 14.216  -8.598  -2.655  1.00 36.16 ? 433 HOH A O   1 
HETATM 1483 O  O   . HOH C 3 .   ? 18.608  -2.871  -7.433  1.00 37.36 ? 434 HOH A O   1 
HETATM 1484 O  O   . HOH C 3 .   ? -15.974 -7.964  1.001   1.00 36.67 ? 435 HOH A O   1 
HETATM 1485 O  O   . HOH C 3 .   ? -9.212  14.319  -0.713  1.00 36.94 ? 436 HOH A O   1 
HETATM 1486 O  O   . HOH C 3 .   ? -1.744  -10.959 -11.966 1.00 38.96 ? 437 HOH A O   1 
HETATM 1487 O  O   . HOH C 3 .   ? -4.165  -16.678 8.613   1.00 38.24 ? 438 HOH A O   1 
HETATM 1488 O  O   . HOH C 3 .   ? 5.045   -2.434  -16.900 1.00 41.13 ? 439 HOH A O   1 
HETATM 1489 O  O   . HOH C 3 .   ? 3.081   -14.196 -10.457 1.00 38.49 ? 440 HOH A O   1 
HETATM 1490 O  O   . HOH C 3 .   ? 2.759   -12.050 2.460   1.00 38.61 ? 441 HOH A O   1 
HETATM 1491 O  O   . HOH C 3 .   ? 10.157  -0.135  16.882  1.00 38.16 ? 442 HOH A O   1 
HETATM 1492 O  O   . HOH C 3 .   ? -10.275 -1.730  10.660  1.00 40.88 ? 443 HOH A O   1 
HETATM 1493 O  O   . HOH C 3 .   ? -6.636  12.391  -16.964 1.00 37.60 ? 444 HOH A O   1 
HETATM 1494 O  O   . HOH C 3 .   ? -13.998 -12.392 0.183   1.00 37.88 ? 445 HOH A O   1 
HETATM 1495 O  O   . HOH C 3 .   ? -10.556 4.856   13.585  1.00 39.98 ? 446 HOH A O   1 
HETATM 1496 O  O   . HOH C 3 .   ? -0.403  8.475   -17.703 1.00 42.64 ? 447 HOH A O   1 
HETATM 1497 O  O   . HOH C 3 .   ? -9.484  21.161  0.317   1.00 38.32 ? 448 HOH A O   1 
HETATM 1498 O  O   . HOH C 3 .   ? 13.694  8.593   -3.503  1.00 39.06 ? 449 HOH A O   1 
HETATM 1499 O  O   . HOH C 3 .   ? 2.660   16.025  13.895  1.00 39.84 ? 450 HOH A O   1 
HETATM 1500 O  O   . HOH C 3 .   ? -5.214  18.430  5.994   1.00 38.08 ? 451 HOH A O   1 
HETATM 1501 O  O   . HOH C 3 .   ? -14.990 0.872   -8.643  1.00 37.73 ? 452 HOH A O   1 
HETATM 1502 O  O   . HOH C 3 .   ? -5.113  15.254  -6.399  1.00 39.35 ? 453 HOH A O   1 
HETATM 1503 O  O   . HOH C 3 .   ? 10.703  1.002   -14.766 1.00 42.08 ? 454 HOH A O   1 
HETATM 1504 O  O   . HOH C 3 .   ? 9.207   -0.712  -16.346 1.00 40.06 ? 455 HOH A O   1 
HETATM 1505 O  O   . HOH C 3 .   ? -19.489 -0.350  1.335   1.00 40.56 ? 456 HOH A O   1 
HETATM 1506 O  O   . HOH C 3 .   ? -15.827 2.668   -6.277  1.00 41.18 ? 457 HOH A O   1 
HETATM 1507 O  O   . HOH C 3 .   ? -12.744 5.456   8.423   1.00 41.06 ? 458 HOH A O   1 
HETATM 1508 O  O   . HOH C 3 .   ? -3.427  -6.987  -13.578 1.00 42.46 ? 459 HOH A O   1 
HETATM 1509 O  O   . HOH C 3 .   ? 9.955   6.669   -10.610 1.00 40.92 ? 460 HOH A O   1 
HETATM 1510 O  O   . HOH C 3 .   ? 5.560   4.341   4.247   1.00 41.38 ? 461 HOH A O   1 
HETATM 1511 O  O   . HOH C 3 .   ? -12.987 5.940   -8.123  1.00 39.64 ? 462 HOH A O   1 
HETATM 1512 O  O   . HOH C 3 .   ? 1.063   -18.198 -9.114  1.00 40.90 ? 463 HOH A O   1 
HETATM 1513 O  O   . HOH C 3 .   ? 14.043  7.017   -7.375  1.00 41.78 ? 464 HOH A O   1 
HETATM 1514 O  O   . HOH C 3 .   ? -16.896 -7.272  -1.381  1.00 39.36 ? 465 HOH A O   1 
HETATM 1515 O  O   . HOH C 3 .   ? 2.728   -11.659 11.549  1.00 41.23 ? 466 HOH A O   1 
HETATM 1516 O  O   . HOH C 3 .   ? 10.452  -3.132  14.091  1.00 40.91 ? 467 HOH A O   1 
HETATM 1517 O  O   . HOH C 3 .   ? -8.898  18.257  1.436   1.00 43.77 ? 468 HOH A O   1 
HETATM 1518 O  O   . HOH C 3 .   ? 0.468   11.891  14.086  1.00 41.36 ? 469 HOH A O   1 
HETATM 1519 O  O   . HOH C 3 .   ? 6.991   -12.553 10.181  1.00 43.26 ? 470 HOH A O   1 
HETATM 1520 O  O   . HOH C 3 .   ? 2.604   1.617   15.357  1.00 41.54 ? 471 HOH A O   1 
HETATM 1521 O  O   . HOH C 3 .   ? 4.677   9.799   16.211  1.00 43.50 ? 472 HOH A O   1 
HETATM 1522 O  O   . HOH C 3 .   ? 6.434   10.259  -12.565 1.00 40.20 ? 473 HOH A O   1 
HETATM 1523 O  O   . HOH C 3 .   ? -14.338 9.486   -3.274  1.00 42.60 ? 474 HOH A O   1 
HETATM 1524 O  O   . HOH C 3 .   ? 10.506  7.270   12.728  1.00 41.60 ? 475 HOH A O   1 
HETATM 1525 O  O   . HOH C 3 .   ? -3.206  16.746  -6.930  1.00 42.29 ? 476 HOH A O   1 
HETATM 1526 O  O   . HOH C 3 .   ? 16.438  -1.376  -13.125 1.00 43.34 ? 477 HOH A O   1 
HETATM 1527 O  O   . HOH C 3 .   ? -2.331  7.584   -19.267 1.00 42.26 ? 478 HOH A O   1 
HETATM 1528 O  O   . HOH C 3 .   ? -6.060  -7.719  -13.833 1.00 42.97 ? 479 HOH A O   1 
HETATM 1529 O  O   . HOH C 3 .   ? -4.819  20.818  5.583   1.00 41.55 ? 480 HOH A O   1 
HETATM 1530 O  O   . HOH C 3 .   ? -13.288 -3.021  9.774   1.00 43.33 ? 481 HOH A O   1 
HETATM 1531 O  O   . HOH C 3 .   ? -7.794  17.794  9.052   1.00 40.85 ? 482 HOH A O   1 
HETATM 1532 O  O   . HOH C 3 .   ? -5.898  17.390  12.393  1.00 44.29 ? 483 HOH A O   1 
HETATM 1533 O  O   . HOH C 3 .   ? 13.171  -13.388 -2.417  1.00 45.23 ? 484 HOH A O   1 
HETATM 1534 O  O   . HOH C 3 .   ? 7.660   -13.416 -10.560 1.00 44.00 ? 485 HOH A O   1 
HETATM 1535 O  O   . HOH C 3 .   ? -4.673  4.568   7.370   1.00 42.06 ? 486 HOH A O   1 
HETATM 1536 O  O   . HOH C 3 .   ? 9.455   -5.871  -15.493 1.00 42.87 ? 487 HOH A O   1 
HETATM 1537 O  O   . HOH C 3 .   ? 17.669  1.674   -5.676  1.00 43.23 ? 488 HOH A O   1 
HETATM 1538 O  O   . HOH C 3 .   ? 3.778   16.974  -1.431  1.00 43.07 ? 489 HOH A O   1 
HETATM 1539 O  O   . HOH C 3 .   ? 4.583   8.449   14.224  1.00 45.03 ? 490 HOH A O   1 
HETATM 1540 O  O   . HOH C 3 .   ? 12.612  -10.395 -3.913  1.00 45.55 ? 491 HOH A O   1 
HETATM 1541 O  O   . HOH C 3 .   ? 14.155  1.766   -11.732 1.00 46.91 ? 492 HOH A O   1 
HETATM 1542 O  O   . HOH C 3 .   ? -17.485 -0.837  -8.190  1.00 41.97 ? 493 HOH A O   1 
HETATM 1543 O  O   . HOH C 3 .   ? -11.525 7.113   -10.654 1.00 45.43 ? 494 HOH A O   1 
HETATM 1544 O  O   . HOH C 3 .   ? 9.389   12.891  13.659  1.00 46.81 ? 495 HOH A O   1 
HETATM 1545 O  O   . HOH C 3 .   ? -11.336 0.803   7.357   1.00 41.44 ? 496 HOH A O   1 
HETATM 1546 O  O   . HOH C 3 .   ? -10.828 -3.173  -15.448 1.00 44.71 ? 497 HOH A O   1 
HETATM 1547 O  O   . HOH C 3 .   ? -9.367  -1.952  -17.061 1.00 47.48 ? 498 HOH A O   1 
HETATM 1548 O  O   . HOH C 3 .   ? 13.560  1.074   8.390   1.00 48.72 ? 499 HOH A O   1 
HETATM 1549 O  O   . HOH C 3 .   ? -5.628  24.170  9.639   1.00 46.35 ? 500 HOH A O   1 
HETATM 1550 O  O   . HOH C 3 .   ? 6.577   -10.367 13.160  1.00 44.74 ? 501 HOH A O   1 
HETATM 1551 O  O   . HOH C 3 .   ? 11.060  10.792  -0.567  1.00 48.31 ? 502 HOH A O   1 
HETATM 1552 O  O   . HOH C 3 .   ? 4.917   -5.575  -15.635 1.00 46.79 ? 503 HOH A O   1 
HETATM 1553 O  O   . HOH C 3 .   ? 9.524   4.845   13.313  1.00 45.80 ? 504 HOH A O   1 
HETATM 1554 O  O   . HOH C 3 .   ? -6.758  -18.848 -1.818  1.00 46.68 ? 505 HOH A O   1 
HETATM 1555 O  O   . HOH C 3 .   ? -1.846  -12.923 3.383   1.00 44.92 ? 506 HOH A O   1 
HETATM 1556 O  O   . HOH C 3 .   ? 12.988  10.171  1.202   1.00 45.48 ? 507 HOH A O   1 
HETATM 1557 O  O   . HOH C 3 .   ? -9.498  23.402  -3.355  1.00 47.02 ? 508 HOH A O   1 
HETATM 1558 O  O   . HOH C 3 .   ? 16.092  -10.298 -6.164  1.00 46.53 ? 509 HOH A O   1 
HETATM 1559 O  O   . HOH C 3 .   ? 5.025   14.800  14.425  1.00 47.92 ? 510 HOH A O   1 
HETATM 1560 O  O   . HOH C 3 .   ? -12.123 -14.791 -6.753  1.00 48.15 ? 511 HOH A O   1 
HETATM 1561 O  O   . HOH C 3 .   ? -13.176 10.823  11.470  1.00 48.04 ? 512 HOH A O   1 
HETATM 1562 O  O   . HOH C 3 .   ? 13.409  -14.176 1.364   1.00 50.99 ? 513 HOH A O   1 
HETATM 1563 O  O   . HOH C 3 .   ? 22.281  -0.432  0.839   1.00 47.82 ? 514 HOH A O   1 
HETATM 1564 O  O   . HOH C 3 .   ? -2.337  -16.427 -9.370  1.00 44.47 ? 515 HOH A O   1 
HETATM 1565 O  O   . HOH C 3 .   ? 8.515   7.836   14.466  1.00 47.35 ? 516 HOH A O   1 
HETATM 1566 O  O   . HOH C 3 .   ? 8.846   10.425  14.829  1.00 47.51 ? 517 HOH A O   1 
HETATM 1567 O  O   . HOH C 3 .   ? 12.994  -13.446 -7.090  1.00 48.88 ? 518 HOH A O   1 
HETATM 1568 O  O   . HOH C 3 .   ? -13.418 -20.689 11.237  1.00 47.98 ? 519 HOH A O   1 
HETATM 1569 O  O   . HOH C 3 .   ? 3.235   -13.335 9.643   1.00 50.80 ? 520 HOH A O   1 
HETATM 1570 O  O   . HOH C 3 .   ? 9.140   10.815  17.257  1.00 48.07 ? 521 HOH A O   1 
HETATM 1571 O  O   . HOH C 3 .   ? -6.633  6.269   7.678   1.00 48.37 ? 522 HOH A O   1 
HETATM 1572 O  O   . HOH C 3 .   ? 20.155  -7.516  -7.330  1.00 50.01 ? 523 HOH A O   1 
HETATM 1573 O  O   . HOH C 3 .   ? -7.074  -15.768 -6.574  1.00 49.16 ? 524 HOH A O   1 
HETATM 1574 O  O   . HOH C 3 .   ? 2.424   22.819  15.708  1.00 49.79 ? 525 HOH A O   1 
HETATM 1575 O  O   . HOH C 3 .   ? -0.571  -14.538 -12.722 1.00 50.84 ? 526 HOH A O   1 
HETATM 1576 O  O   . HOH C 3 .   ? -2.152  8.878   11.205  1.00 50.03 ? 527 HOH A O   1 
HETATM 1577 O  O   . HOH C 3 .   ? -4.437  -16.340 -6.119  1.00 51.37 ? 528 HOH A O   1 
HETATM 1578 O  O   . HOH C 3 .   ? 9.179   16.021  -8.387  1.00 56.77 ? 529 HOH A O   1 
HETATM 1579 O  O   . HOH C 3 .   ? 14.287  8.553   9.368   1.00 51.36 ? 530 HOH A O   1 
HETATM 1580 O  O   . HOH C 3 .   ? 17.375  -7.167  -6.186  1.00 50.53 ? 531 HOH A O   1 
HETATM 1581 O  O   . HOH C 3 .   ? 4.230   -15.275 -15.134 1.00 52.92 ? 532 HOH A O   1 
HETATM 1582 O  O   . HOH C 3 .   ? 11.161  -4.559  23.817  1.00 57.74 ? 533 HOH A O   1 
HETATM 1583 O  O   . HOH C 3 .   ? 10.921  13.746  -9.452  1.00 59.17 ? 534 HOH A O   1 
# 
